data_2VVD
# 
_entry.id   2VVD 
# 
_audit_conform.dict_name       mmcif_pdbx.dic 
_audit_conform.dict_version    5.397 
_audit_conform.dict_location   http://mmcif.pdb.org/dictionaries/ascii/mmcif_pdbx.dic 
# 
loop_
_database_2.database_id 
_database_2.database_code 
_database_2.pdbx_database_accession 
_database_2.pdbx_DOI 
PDB   2VVD         pdb_00002vvd 10.2210/pdb2vvd/pdb 
PDBE  EBI-36412    ?            ?                   
WWPDB D_1290036412 ?            ?                   
# 
loop_
_pdbx_audit_revision_history.ordinal 
_pdbx_audit_revision_history.data_content_type 
_pdbx_audit_revision_history.major_revision 
_pdbx_audit_revision_history.minor_revision 
_pdbx_audit_revision_history.revision_date 
1 'Structure model' 1 0 2008-09-16 
2 'Structure model' 1 1 2011-05-08 
3 'Structure model' 1 2 2011-07-13 
4 'Structure model' 1 3 2024-10-23 
# 
_pdbx_audit_revision_details.ordinal             1 
_pdbx_audit_revision_details.revision_ordinal    1 
_pdbx_audit_revision_details.data_content_type   'Structure model' 
_pdbx_audit_revision_details.provider            repository 
_pdbx_audit_revision_details.type                'Initial release' 
_pdbx_audit_revision_details.description         ? 
_pdbx_audit_revision_details.details             ? 
# 
loop_
_pdbx_audit_revision_group.ordinal 
_pdbx_audit_revision_group.revision_ordinal 
_pdbx_audit_revision_group.data_content_type 
_pdbx_audit_revision_group.group 
1 2 'Structure model' 'Version format compliance' 
2 3 'Structure model' 'Version format compliance' 
3 4 'Structure model' 'Data collection'           
4 4 'Structure model' 'Database references'       
5 4 'Structure model' 'Derived calculations'      
6 4 'Structure model' Other                       
7 4 'Structure model' 'Structure summary'         
# 
loop_
_pdbx_audit_revision_category.ordinal 
_pdbx_audit_revision_category.revision_ordinal 
_pdbx_audit_revision_category.data_content_type 
_pdbx_audit_revision_category.category 
1 4 'Structure model' chem_comp_atom            
2 4 'Structure model' chem_comp_bond            
3 4 'Structure model' database_2                
4 4 'Structure model' pdbx_database_status      
5 4 'Structure model' pdbx_entry_details        
6 4 'Structure model' pdbx_modification_feature 
7 4 'Structure model' pdbx_struct_conn_angle    
8 4 'Structure model' struct_conn               
# 
loop_
_pdbx_audit_revision_item.ordinal 
_pdbx_audit_revision_item.revision_ordinal 
_pdbx_audit_revision_item.data_content_type 
_pdbx_audit_revision_item.item 
1  4 'Structure model' '_database_2.pdbx_DOI'                         
2  4 'Structure model' '_database_2.pdbx_database_accession'          
3  4 'Structure model' '_pdbx_database_status.status_code_sf'         
4  4 'Structure model' '_pdbx_entry_details.has_protein_modification' 
5  4 'Structure model' '_pdbx_struct_conn_angle.ptnr1_auth_comp_id'   
6  4 'Structure model' '_pdbx_struct_conn_angle.ptnr1_auth_seq_id'    
7  4 'Structure model' '_pdbx_struct_conn_angle.ptnr1_label_asym_id'  
8  4 'Structure model' '_pdbx_struct_conn_angle.ptnr1_label_atom_id'  
9  4 'Structure model' '_pdbx_struct_conn_angle.ptnr1_label_comp_id'  
10 4 'Structure model' '_pdbx_struct_conn_angle.ptnr1_label_seq_id'   
11 4 'Structure model' '_pdbx_struct_conn_angle.ptnr1_symmetry'       
12 4 'Structure model' '_pdbx_struct_conn_angle.ptnr2_auth_seq_id'    
13 4 'Structure model' '_pdbx_struct_conn_angle.ptnr2_label_asym_id'  
14 4 'Structure model' '_pdbx_struct_conn_angle.ptnr3_auth_comp_id'   
15 4 'Structure model' '_pdbx_struct_conn_angle.ptnr3_auth_seq_id'    
16 4 'Structure model' '_pdbx_struct_conn_angle.ptnr3_label_asym_id'  
17 4 'Structure model' '_pdbx_struct_conn_angle.ptnr3_label_atom_id'  
18 4 'Structure model' '_pdbx_struct_conn_angle.ptnr3_label_comp_id'  
19 4 'Structure model' '_pdbx_struct_conn_angle.ptnr3_label_seq_id'   
20 4 'Structure model' '_pdbx_struct_conn_angle.ptnr3_symmetry'       
21 4 'Structure model' '_pdbx_struct_conn_angle.value'                
22 4 'Structure model' '_struct_conn.pdbx_dist_value'                 
23 4 'Structure model' '_struct_conn.pdbx_leaving_atom_flag'          
24 4 'Structure model' '_struct_conn.ptnr1_auth_comp_id'              
25 4 'Structure model' '_struct_conn.ptnr1_auth_seq_id'               
26 4 'Structure model' '_struct_conn.ptnr1_label_asym_id'             
27 4 'Structure model' '_struct_conn.ptnr1_label_atom_id'             
28 4 'Structure model' '_struct_conn.ptnr1_label_comp_id'             
29 4 'Structure model' '_struct_conn.ptnr1_label_seq_id'              
30 4 'Structure model' '_struct_conn.ptnr1_symmetry'                  
31 4 'Structure model' '_struct_conn.ptnr2_auth_comp_id'              
32 4 'Structure model' '_struct_conn.ptnr2_auth_seq_id'               
33 4 'Structure model' '_struct_conn.ptnr2_label_asym_id'             
34 4 'Structure model' '_struct_conn.ptnr2_label_atom_id'             
35 4 'Structure model' '_struct_conn.ptnr2_label_comp_id'             
36 4 'Structure model' '_struct_conn.ptnr2_label_seq_id'              
37 4 'Structure model' '_struct_conn.ptnr2_symmetry'                  
# 
_pdbx_database_status.status_code                     REL 
_pdbx_database_status.entry_id                        2VVD 
_pdbx_database_status.deposit_site                    PDBE 
_pdbx_database_status.process_site                    PDBE 
_pdbx_database_status.SG_entry                        . 
_pdbx_database_status.recvd_initial_deposition_date   2008-06-06 
_pdbx_database_status.pdb_format_compatible           Y 
_pdbx_database_status.status_code_sf                  REL 
_pdbx_database_status.status_code_mr                  ? 
_pdbx_database_status.status_code_cs                  ? 
_pdbx_database_status.methods_development_category    ? 
_pdbx_database_status.status_code_nmr_data            ? 
# 
loop_
_pdbx_database_related.db_name 
_pdbx_database_related.db_id 
_pdbx_database_related.content_type 
_pdbx_database_related.details 
PDB 2VVE unspecified 'CRYSTAL STRUCTURE OF THE STEM AND RECEPTOR BINDING DOMAIN OF THE SPIKE PROTEIN P1 FROM BACTERIOPHAGE PM2' 
PDB 2W0C unspecified 'X-RAY STRUCTURE OF THE ENTIRE LIPID- CONTAINING BACTERIOPHAGE PM2'                                        
# 
loop_
_audit_author.name 
_audit_author.pdbx_ordinal 
'Abrescia, N.G.A.' 1 
'Grimes, J.M.'     2 
'Kivela, H.K.'     3 
'Assenberg, R.'    4 
'Sutton, G.C.'     5 
'Butcher, S.J.'    6 
'Bamford, J.K.H.'  7 
'Bamford, D.H.'    8 
'Stuart, D.I.'     9 
# 
_citation.id                        primary 
_citation.title                     
'Insights Into Virus Evolution and Membrane Biogenesis from the Structure of the Marine Lipid-Containing Bacteriophage Pm2.' 
_citation.journal_abbrev            Mol.Cell 
_citation.journal_volume            31 
_citation.page_first                749 
_citation.page_last                 ? 
_citation.year                      2008 
_citation.journal_id_ASTM           MOCEFL 
_citation.country                   US 
_citation.journal_id_ISSN           1097-2765 
_citation.journal_id_CSD            2168 
_citation.book_publisher            ? 
_citation.pdbx_database_id_PubMed   18775333 
_citation.pdbx_database_id_DOI      10.1016/J.MOLCEL.2008.06.026 
# 
loop_
_citation_author.citation_id 
_citation_author.name 
_citation_author.ordinal 
_citation_author.identifier_ORCID 
primary 'Abrescia, N.G.A.' 1 ? 
primary 'Grimes, J.M.'     2 ? 
primary 'Kivela, H.K.'     3 ? 
primary 'Assenberg, R.'    4 ? 
primary 'Sutton, G.C.'     5 ? 
primary 'Butcher, S.J.'    6 ? 
primary 'Bamford, J.K.H.'  7 ? 
primary 'Bamford, D.H.'    8 ? 
primary 'Stuart, D.I.'     9 ? 
# 
loop_
_entity.id 
_entity.type 
_entity.src_method 
_entity.pdbx_description 
_entity.formula_weight 
_entity.pdbx_number_of_molecules 
_entity.pdbx_ec 
_entity.pdbx_mutation 
_entity.pdbx_fragment 
_entity.details 
1 polymer     man 'SPIKE PROTEIN P1' 20165.787 1   ? ? 'RECEPTOR BINDING DOMAIN, RESIDUES 159-335' ? 
2 non-polymer syn 'CALCIUM ION'      40.078    2   ? ? ?                                           ? 
3 water       nat water              18.015    169 ? ? ?                                           ? 
# 
_entity_name_com.entity_id   1 
_entity_name_com.name        'P1-RECEPTOR BINDING PROTEIN' 
# 
_entity_poly.entity_id                      1 
_entity_poly.type                           'polypeptide(L)' 
_entity_poly.nstd_linkage                   no 
_entity_poly.nstd_monomer                   yes 
_entity_poly.pdbx_seq_one_letter_code       
;VNYWVSDEEIRVFKEYSARAKYAQNEGRTALEANNVPFFDIDVPPELDGVPFSLKARVRHKSKGVDGLGDYTSISVKPAF
YITEGDETTDTLIKYTSYGSTGSHSGYDFDDNTLDV(MSE)VTLSAGVHRVFPVETELDYDAVQEVQHDWYDESFTTFIE
VYSDDPLLTVKGYAQIL(MSE)ERT
;
_entity_poly.pdbx_seq_one_letter_code_can   
;VNYWVSDEEIRVFKEYSARAKYAQNEGRTALEANNVPFFDIDVPPELDGVPFSLKARVRHKSKGVDGLGDYTSISVKPAF
YITEGDETTDTLIKYTSYGSTGSHSGYDFDDNTLDVMVTLSAGVHRVFPVETELDYDAVQEVQHDWYDESFTTFIEVYSD
DPLLTVKGYAQILMERT
;
_entity_poly.pdbx_strand_id                 A 
_entity_poly.pdbx_target_identifier         ? 
# 
loop_
_pdbx_entity_nonpoly.entity_id 
_pdbx_entity_nonpoly.name 
_pdbx_entity_nonpoly.comp_id 
2 'CALCIUM ION' CA  
3 water         HOH 
# 
loop_
_entity_poly_seq.entity_id 
_entity_poly_seq.num 
_entity_poly_seq.mon_id 
_entity_poly_seq.hetero 
1 1   VAL n 
1 2   ASN n 
1 3   TYR n 
1 4   TRP n 
1 5   VAL n 
1 6   SER n 
1 7   ASP n 
1 8   GLU n 
1 9   GLU n 
1 10  ILE n 
1 11  ARG n 
1 12  VAL n 
1 13  PHE n 
1 14  LYS n 
1 15  GLU n 
1 16  TYR n 
1 17  SER n 
1 18  ALA n 
1 19  ARG n 
1 20  ALA n 
1 21  LYS n 
1 22  TYR n 
1 23  ALA n 
1 24  GLN n 
1 25  ASN n 
1 26  GLU n 
1 27  GLY n 
1 28  ARG n 
1 29  THR n 
1 30  ALA n 
1 31  LEU n 
1 32  GLU n 
1 33  ALA n 
1 34  ASN n 
1 35  ASN n 
1 36  VAL n 
1 37  PRO n 
1 38  PHE n 
1 39  PHE n 
1 40  ASP n 
1 41  ILE n 
1 42  ASP n 
1 43  VAL n 
1 44  PRO n 
1 45  PRO n 
1 46  GLU n 
1 47  LEU n 
1 48  ASP n 
1 49  GLY n 
1 50  VAL n 
1 51  PRO n 
1 52  PHE n 
1 53  SER n 
1 54  LEU n 
1 55  LYS n 
1 56  ALA n 
1 57  ARG n 
1 58  VAL n 
1 59  ARG n 
1 60  HIS n 
1 61  LYS n 
1 62  SER n 
1 63  LYS n 
1 64  GLY n 
1 65  VAL n 
1 66  ASP n 
1 67  GLY n 
1 68  LEU n 
1 69  GLY n 
1 70  ASP n 
1 71  TYR n 
1 72  THR n 
1 73  SER n 
1 74  ILE n 
1 75  SER n 
1 76  VAL n 
1 77  LYS n 
1 78  PRO n 
1 79  ALA n 
1 80  PHE n 
1 81  TYR n 
1 82  ILE n 
1 83  THR n 
1 84  GLU n 
1 85  GLY n 
1 86  ASP n 
1 87  GLU n 
1 88  THR n 
1 89  THR n 
1 90  ASP n 
1 91  THR n 
1 92  LEU n 
1 93  ILE n 
1 94  LYS n 
1 95  TYR n 
1 96  THR n 
1 97  SER n 
1 98  TYR n 
1 99  GLY n 
1 100 SER n 
1 101 THR n 
1 102 GLY n 
1 103 SER n 
1 104 HIS n 
1 105 SER n 
1 106 GLY n 
1 107 TYR n 
1 108 ASP n 
1 109 PHE n 
1 110 ASP n 
1 111 ASP n 
1 112 ASN n 
1 113 THR n 
1 114 LEU n 
1 115 ASP n 
1 116 VAL n 
1 117 MSE n 
1 118 VAL n 
1 119 THR n 
1 120 LEU n 
1 121 SER n 
1 122 ALA n 
1 123 GLY n 
1 124 VAL n 
1 125 HIS n 
1 126 ARG n 
1 127 VAL n 
1 128 PHE n 
1 129 PRO n 
1 130 VAL n 
1 131 GLU n 
1 132 THR n 
1 133 GLU n 
1 134 LEU n 
1 135 ASP n 
1 136 TYR n 
1 137 ASP n 
1 138 ALA n 
1 139 VAL n 
1 140 GLN n 
1 141 GLU n 
1 142 VAL n 
1 143 GLN n 
1 144 HIS n 
1 145 ASP n 
1 146 TRP n 
1 147 TYR n 
1 148 ASP n 
1 149 GLU n 
1 150 SER n 
1 151 PHE n 
1 152 THR n 
1 153 THR n 
1 154 PHE n 
1 155 ILE n 
1 156 GLU n 
1 157 VAL n 
1 158 TYR n 
1 159 SER n 
1 160 ASP n 
1 161 ASP n 
1 162 PRO n 
1 163 LEU n 
1 164 LEU n 
1 165 THR n 
1 166 VAL n 
1 167 LYS n 
1 168 GLY n 
1 169 TYR n 
1 170 ALA n 
1 171 GLN n 
1 172 ILE n 
1 173 LEU n 
1 174 MSE n 
1 175 GLU n 
1 176 ARG n 
1 177 THR n 
# 
_entity_src_gen.entity_id                          1 
_entity_src_gen.pdbx_src_id                        1 
_entity_src_gen.pdbx_alt_source_flag               sample 
_entity_src_gen.pdbx_seq_type                      ? 
_entity_src_gen.pdbx_beg_seq_num                   ? 
_entity_src_gen.pdbx_end_seq_num                   ? 
_entity_src_gen.gene_src_common_name               ? 
_entity_src_gen.gene_src_genus                     ? 
_entity_src_gen.pdbx_gene_src_gene                 ? 
_entity_src_gen.gene_src_species                   ? 
_entity_src_gen.gene_src_strain                    ? 
_entity_src_gen.gene_src_tissue                    ? 
_entity_src_gen.gene_src_tissue_fraction           ? 
_entity_src_gen.gene_src_details                   ? 
_entity_src_gen.pdbx_gene_src_fragment             ? 
_entity_src_gen.pdbx_gene_src_scientific_name      'PSEUDOALTEROMONAS PHAGE PM2' 
_entity_src_gen.pdbx_gene_src_ncbi_taxonomy_id     10661 
_entity_src_gen.pdbx_gene_src_variant              ? 
_entity_src_gen.pdbx_gene_src_cell_line            ? 
_entity_src_gen.pdbx_gene_src_atcc                 ? 
_entity_src_gen.pdbx_gene_src_organ                ? 
_entity_src_gen.pdbx_gene_src_organelle            ? 
_entity_src_gen.pdbx_gene_src_cell                 ? 
_entity_src_gen.pdbx_gene_src_cellular_location    ? 
_entity_src_gen.host_org_common_name               ? 
_entity_src_gen.pdbx_host_org_scientific_name      'ESCHERICHIA COLI' 
_entity_src_gen.pdbx_host_org_ncbi_taxonomy_id     562 
_entity_src_gen.host_org_genus                     ? 
_entity_src_gen.pdbx_host_org_gene                 ? 
_entity_src_gen.pdbx_host_org_organ                ? 
_entity_src_gen.host_org_species                   ? 
_entity_src_gen.pdbx_host_org_tissue               ? 
_entity_src_gen.pdbx_host_org_tissue_fraction      ? 
_entity_src_gen.pdbx_host_org_strain               B834 
_entity_src_gen.pdbx_host_org_variant              ? 
_entity_src_gen.pdbx_host_org_cell_line            ? 
_entity_src_gen.pdbx_host_org_atcc                 ? 
_entity_src_gen.pdbx_host_org_culture_collection   ? 
_entity_src_gen.pdbx_host_org_cell                 ? 
_entity_src_gen.pdbx_host_org_organelle            ? 
_entity_src_gen.pdbx_host_org_cellular_location    ? 
_entity_src_gen.pdbx_host_org_vector_type          ? 
_entity_src_gen.pdbx_host_org_vector               ? 
_entity_src_gen.host_org_details                   ? 
_entity_src_gen.expression_system_id               ? 
_entity_src_gen.plasmid_name                       POPINF 
_entity_src_gen.plasmid_details                    ? 
_entity_src_gen.pdbx_description                   ? 
# 
loop_
_chem_comp.id 
_chem_comp.type 
_chem_comp.mon_nstd_flag 
_chem_comp.name 
_chem_comp.pdbx_synonyms 
_chem_comp.formula 
_chem_comp.formula_weight 
ALA 'L-peptide linking' y ALANINE          ? 'C3 H7 N O2'     89.093  
ARG 'L-peptide linking' y ARGININE         ? 'C6 H15 N4 O2 1' 175.209 
ASN 'L-peptide linking' y ASPARAGINE       ? 'C4 H8 N2 O3'    132.118 
ASP 'L-peptide linking' y 'ASPARTIC ACID'  ? 'C4 H7 N O4'     133.103 
CA  non-polymer         . 'CALCIUM ION'    ? 'Ca 2'           40.078  
GLN 'L-peptide linking' y GLUTAMINE        ? 'C5 H10 N2 O3'   146.144 
GLU 'L-peptide linking' y 'GLUTAMIC ACID'  ? 'C5 H9 N O4'     147.129 
GLY 'peptide linking'   y GLYCINE          ? 'C2 H5 N O2'     75.067  
HIS 'L-peptide linking' y HISTIDINE        ? 'C6 H10 N3 O2 1' 156.162 
HOH non-polymer         . WATER            ? 'H2 O'           18.015  
ILE 'L-peptide linking' y ISOLEUCINE       ? 'C6 H13 N O2'    131.173 
LEU 'L-peptide linking' y LEUCINE          ? 'C6 H13 N O2'    131.173 
LYS 'L-peptide linking' y LYSINE           ? 'C6 H15 N2 O2 1' 147.195 
MSE 'L-peptide linking' n SELENOMETHIONINE ? 'C5 H11 N O2 Se' 196.106 
PHE 'L-peptide linking' y PHENYLALANINE    ? 'C9 H11 N O2'    165.189 
PRO 'L-peptide linking' y PROLINE          ? 'C5 H9 N O2'     115.130 
SER 'L-peptide linking' y SERINE           ? 'C3 H7 N O3'     105.093 
THR 'L-peptide linking' y THREONINE        ? 'C4 H9 N O3'     119.119 
TRP 'L-peptide linking' y TRYPTOPHAN       ? 'C11 H12 N2 O2'  204.225 
TYR 'L-peptide linking' y TYROSINE         ? 'C9 H11 N O3'    181.189 
VAL 'L-peptide linking' y VALINE           ? 'C5 H11 N O2'    117.146 
# 
loop_
_pdbx_poly_seq_scheme.asym_id 
_pdbx_poly_seq_scheme.entity_id 
_pdbx_poly_seq_scheme.seq_id 
_pdbx_poly_seq_scheme.mon_id 
_pdbx_poly_seq_scheme.ndb_seq_num 
_pdbx_poly_seq_scheme.pdb_seq_num 
_pdbx_poly_seq_scheme.auth_seq_num 
_pdbx_poly_seq_scheme.pdb_mon_id 
_pdbx_poly_seq_scheme.auth_mon_id 
_pdbx_poly_seq_scheme.pdb_strand_id 
_pdbx_poly_seq_scheme.pdb_ins_code 
_pdbx_poly_seq_scheme.hetero 
A 1 1   VAL 1   160 ?   ?   ?   A . n 
A 1 2   ASN 2   161 ?   ?   ?   A . n 
A 1 3   TYR 3   162 ?   ?   ?   A . n 
A 1 4   TRP 4   163 ?   ?   ?   A . n 
A 1 5   VAL 5   164 ?   ?   ?   A . n 
A 1 6   SER 6   165 ?   ?   ?   A . n 
A 1 7   ASP 7   166 166 ASP ASP A . n 
A 1 8   GLU 8   167 167 GLU GLU A . n 
A 1 9   GLU 9   168 168 GLU GLU A . n 
A 1 10  ILE 10  169 169 ILE ILE A . n 
A 1 11  ARG 11  170 170 ARG ARG A . n 
A 1 12  VAL 12  171 171 VAL VAL A . n 
A 1 13  PHE 13  172 172 PHE PHE A . n 
A 1 14  LYS 14  173 173 LYS LYS A . n 
A 1 15  GLU 15  174 174 GLU GLU A . n 
A 1 16  TYR 16  175 175 TYR TYR A . n 
A 1 17  SER 17  176 176 SER SER A . n 
A 1 18  ALA 18  177 177 ALA ALA A . n 
A 1 19  ARG 19  178 178 ARG ARG A . n 
A 1 20  ALA 20  179 179 ALA ALA A . n 
A 1 21  LYS 21  180 180 LYS LYS A . n 
A 1 22  TYR 22  181 181 TYR TYR A . n 
A 1 23  ALA 23  182 182 ALA ALA A . n 
A 1 24  GLN 24  183 183 GLN GLN A . n 
A 1 25  ASN 25  184 184 ASN ASN A . n 
A 1 26  GLU 26  185 185 GLU GLU A . n 
A 1 27  GLY 27  186 186 GLY GLY A . n 
A 1 28  ARG 28  187 187 ARG ARG A . n 
A 1 29  THR 29  188 188 THR THR A . n 
A 1 30  ALA 30  189 189 ALA ALA A . n 
A 1 31  LEU 31  190 190 LEU LEU A . n 
A 1 32  GLU 32  191 191 GLU GLU A . n 
A 1 33  ALA 33  192 192 ALA ALA A . n 
A 1 34  ASN 34  193 193 ASN ASN A . n 
A 1 35  ASN 35  194 194 ASN ASN A . n 
A 1 36  VAL 36  195 195 VAL VAL A . n 
A 1 37  PRO 37  196 196 PRO PRO A . n 
A 1 38  PHE 38  197 197 PHE PHE A . n 
A 1 39  PHE 39  198 198 PHE PHE A . n 
A 1 40  ASP 40  199 199 ASP ASP A . n 
A 1 41  ILE 41  200 200 ILE ILE A . n 
A 1 42  ASP 42  201 201 ASP ASP A . n 
A 1 43  VAL 43  202 202 VAL VAL A . n 
A 1 44  PRO 44  203 203 PRO PRO A . n 
A 1 45  PRO 45  204 204 PRO PRO A . n 
A 1 46  GLU 46  205 205 GLU GLU A . n 
A 1 47  LEU 47  206 206 LEU LEU A . n 
A 1 48  ASP 48  207 207 ASP ASP A . n 
A 1 49  GLY 49  208 208 GLY GLY A . n 
A 1 50  VAL 50  209 209 VAL VAL A . n 
A 1 51  PRO 51  210 210 PRO PRO A . n 
A 1 52  PHE 52  211 211 PHE PHE A . n 
A 1 53  SER 53  212 212 SER SER A . n 
A 1 54  LEU 54  213 213 LEU LEU A . n 
A 1 55  LYS 55  214 214 LYS LYS A . n 
A 1 56  ALA 56  215 215 ALA ALA A . n 
A 1 57  ARG 57  216 216 ARG ARG A . n 
A 1 58  VAL 58  217 217 VAL VAL A . n 
A 1 59  ARG 59  218 218 ARG ARG A . n 
A 1 60  HIS 60  219 219 HIS HIS A . n 
A 1 61  LYS 61  220 220 LYS LYS A . n 
A 1 62  SER 62  221 221 SER SER A . n 
A 1 63  LYS 63  222 222 LYS LYS A . n 
A 1 64  GLY 64  223 223 GLY GLY A . n 
A 1 65  VAL 65  224 224 VAL VAL A . n 
A 1 66  ASP 66  225 225 ASP ASP A . n 
A 1 67  GLY 67  226 226 GLY GLY A . n 
A 1 68  LEU 68  227 227 LEU LEU A . n 
A 1 69  GLY 69  228 228 GLY GLY A . n 
A 1 70  ASP 70  229 229 ASP ASP A . n 
A 1 71  TYR 71  230 230 TYR TYR A . n 
A 1 72  THR 72  231 231 THR THR A . n 
A 1 73  SER 73  232 232 SER SER A . n 
A 1 74  ILE 74  233 233 ILE ILE A . n 
A 1 75  SER 75  234 234 SER SER A . n 
A 1 76  VAL 76  235 235 VAL VAL A . n 
A 1 77  LYS 77  236 236 LYS LYS A . n 
A 1 78  PRO 78  237 237 PRO PRO A . n 
A 1 79  ALA 79  238 238 ALA ALA A . n 
A 1 80  PHE 80  239 239 PHE PHE A . n 
A 1 81  TYR 81  240 240 TYR TYR A . n 
A 1 82  ILE 82  241 241 ILE ILE A . n 
A 1 83  THR 83  242 242 THR THR A . n 
A 1 84  GLU 84  243 243 GLU GLU A . n 
A 1 85  GLY 85  244 244 GLY GLY A . n 
A 1 86  ASP 86  245 245 ASP ASP A . n 
A 1 87  GLU 87  246 246 GLU GLU A . n 
A 1 88  THR 88  247 247 THR THR A . n 
A 1 89  THR 89  248 248 THR THR A . n 
A 1 90  ASP 90  249 249 ASP ASP A . n 
A 1 91  THR 91  250 250 THR THR A . n 
A 1 92  LEU 92  251 251 LEU LEU A . n 
A 1 93  ILE 93  252 252 ILE ILE A . n 
A 1 94  LYS 94  253 253 LYS LYS A . n 
A 1 95  TYR 95  254 254 TYR TYR A . n 
A 1 96  THR 96  255 255 THR THR A . n 
A 1 97  SER 97  256 256 SER SER A . n 
A 1 98  TYR 98  257 257 TYR TYR A . n 
A 1 99  GLY 99  258 258 GLY GLY A . n 
A 1 100 SER 100 259 259 SER SER A . n 
A 1 101 THR 101 260 260 THR THR A . n 
A 1 102 GLY 102 261 261 GLY GLY A . n 
A 1 103 SER 103 262 262 SER SER A . n 
A 1 104 HIS 104 263 263 HIS HIS A . n 
A 1 105 SER 105 264 264 SER SER A . n 
A 1 106 GLY 106 265 265 GLY GLY A . n 
A 1 107 TYR 107 266 266 TYR TYR A . n 
A 1 108 ASP 108 267 267 ASP ASP A . n 
A 1 109 PHE 109 268 268 PHE PHE A . n 
A 1 110 ASP 110 269 269 ASP ASP A . n 
A 1 111 ASP 111 270 270 ASP ASP A . n 
A 1 112 ASN 112 271 271 ASN ASN A . n 
A 1 113 THR 113 272 272 THR THR A . n 
A 1 114 LEU 114 273 273 LEU LEU A . n 
A 1 115 ASP 115 274 274 ASP ASP A . n 
A 1 116 VAL 116 275 275 VAL VAL A . n 
A 1 117 MSE 117 276 276 MSE MSE A . n 
A 1 118 VAL 118 277 277 VAL VAL A . n 
A 1 119 THR 119 278 278 THR THR A . n 
A 1 120 LEU 120 279 279 LEU LEU A . n 
A 1 121 SER 121 280 280 SER SER A . n 
A 1 122 ALA 122 281 281 ALA ALA A . n 
A 1 123 GLY 123 282 282 GLY GLY A . n 
A 1 124 VAL 124 283 283 VAL VAL A . n 
A 1 125 HIS 125 284 284 HIS HIS A . n 
A 1 126 ARG 126 285 285 ARG ARG A . n 
A 1 127 VAL 127 286 286 VAL VAL A . n 
A 1 128 PHE 128 287 287 PHE PHE A . n 
A 1 129 PRO 129 288 288 PRO PRO A . n 
A 1 130 VAL 130 289 289 VAL VAL A . n 
A 1 131 GLU 131 290 290 GLU GLU A . n 
A 1 132 THR 132 291 291 THR THR A . n 
A 1 133 GLU 133 292 292 GLU GLU A . n 
A 1 134 LEU 134 293 293 LEU LEU A . n 
A 1 135 ASP 135 294 294 ASP ASP A . n 
A 1 136 TYR 136 295 295 TYR TYR A . n 
A 1 137 ASP 137 296 296 ASP ASP A . n 
A 1 138 ALA 138 297 297 ALA ALA A . n 
A 1 139 VAL 139 298 298 VAL VAL A . n 
A 1 140 GLN 140 299 299 GLN GLN A . n 
A 1 141 GLU 141 300 300 GLU GLU A . n 
A 1 142 VAL 142 301 301 VAL VAL A . n 
A 1 143 GLN 143 302 302 GLN GLN A . n 
A 1 144 HIS 144 303 303 HIS HIS A . n 
A 1 145 ASP 145 304 304 ASP ASP A . n 
A 1 146 TRP 146 305 305 TRP TRP A . n 
A 1 147 TYR 147 306 306 TYR TYR A . n 
A 1 148 ASP 148 307 307 ASP ASP A . n 
A 1 149 GLU 149 308 308 GLU GLU A . n 
A 1 150 SER 150 309 309 SER SER A . n 
A 1 151 PHE 151 310 310 PHE PHE A . n 
A 1 152 THR 152 311 311 THR THR A . n 
A 1 153 THR 153 312 312 THR THR A . n 
A 1 154 PHE 154 313 313 PHE PHE A . n 
A 1 155 ILE 155 314 314 ILE ILE A . n 
A 1 156 GLU 156 315 315 GLU GLU A . n 
A 1 157 VAL 157 316 316 VAL VAL A . n 
A 1 158 TYR 158 317 317 TYR TYR A . n 
A 1 159 SER 159 318 318 SER SER A . n 
A 1 160 ASP 160 319 319 ASP ASP A . n 
A 1 161 ASP 161 320 320 ASP ASP A . n 
A 1 162 PRO 162 321 321 PRO PRO A . n 
A 1 163 LEU 163 322 322 LEU LEU A . n 
A 1 164 LEU 164 323 323 LEU LEU A . n 
A 1 165 THR 165 324 324 THR THR A . n 
A 1 166 VAL 166 325 325 VAL VAL A . n 
A 1 167 LYS 167 326 326 LYS LYS A . n 
A 1 168 GLY 168 327 327 GLY GLY A . n 
A 1 169 TYR 169 328 ?   ?   ?   A . n 
A 1 170 ALA 170 329 ?   ?   ?   A . n 
A 1 171 GLN 171 330 ?   ?   ?   A . n 
A 1 172 ILE 172 331 ?   ?   ?   A . n 
A 1 173 LEU 173 332 ?   ?   ?   A . n 
A 1 174 MSE 174 333 ?   ?   ?   A . n 
A 1 175 GLU 175 334 ?   ?   ?   A . n 
A 1 176 ARG 176 335 ?   ?   ?   A . n 
A 1 177 THR 177 336 ?   ?   ?   A . n 
# 
loop_
_pdbx_nonpoly_scheme.asym_id 
_pdbx_nonpoly_scheme.entity_id 
_pdbx_nonpoly_scheme.mon_id 
_pdbx_nonpoly_scheme.ndb_seq_num 
_pdbx_nonpoly_scheme.pdb_seq_num 
_pdbx_nonpoly_scheme.auth_seq_num 
_pdbx_nonpoly_scheme.pdb_mon_id 
_pdbx_nonpoly_scheme.auth_mon_id 
_pdbx_nonpoly_scheme.pdb_strand_id 
_pdbx_nonpoly_scheme.pdb_ins_code 
B 2 CA  1   1328 1328 CA  CA  A . 
C 2 CA  1   1329 1329 CA  CA  A . 
D 3 HOH 1   2001 2001 HOH HOH A . 
D 3 HOH 2   2002 2002 HOH HOH A . 
D 3 HOH 3   2003 2003 HOH HOH A . 
D 3 HOH 4   2004 2004 HOH HOH A . 
D 3 HOH 5   2005 2005 HOH HOH A . 
D 3 HOH 6   2006 2006 HOH HOH A . 
D 3 HOH 7   2007 2007 HOH HOH A . 
D 3 HOH 8   2008 2008 HOH HOH A . 
D 3 HOH 9   2009 2009 HOH HOH A . 
D 3 HOH 10  2010 2010 HOH HOH A . 
D 3 HOH 11  2011 2011 HOH HOH A . 
D 3 HOH 12  2012 2012 HOH HOH A . 
D 3 HOH 13  2013 2013 HOH HOH A . 
D 3 HOH 14  2014 2014 HOH HOH A . 
D 3 HOH 15  2015 2015 HOH HOH A . 
D 3 HOH 16  2016 2016 HOH HOH A . 
D 3 HOH 17  2017 2017 HOH HOH A . 
D 3 HOH 18  2018 2018 HOH HOH A . 
D 3 HOH 19  2019 2019 HOH HOH A . 
D 3 HOH 20  2020 2020 HOH HOH A . 
D 3 HOH 21  2021 2021 HOH HOH A . 
D 3 HOH 22  2022 2022 HOH HOH A . 
D 3 HOH 23  2023 2023 HOH HOH A . 
D 3 HOH 24  2024 2024 HOH HOH A . 
D 3 HOH 25  2025 2025 HOH HOH A . 
D 3 HOH 26  2026 2026 HOH HOH A . 
D 3 HOH 27  2027 2027 HOH HOH A . 
D 3 HOH 28  2028 2028 HOH HOH A . 
D 3 HOH 29  2029 2029 HOH HOH A . 
D 3 HOH 30  2030 2030 HOH HOH A . 
D 3 HOH 31  2031 2031 HOH HOH A . 
D 3 HOH 32  2032 2032 HOH HOH A . 
D 3 HOH 33  2033 2033 HOH HOH A . 
D 3 HOH 34  2034 2034 HOH HOH A . 
D 3 HOH 35  2035 2035 HOH HOH A . 
D 3 HOH 36  2036 2036 HOH HOH A . 
D 3 HOH 37  2037 2037 HOH HOH A . 
D 3 HOH 38  2038 2038 HOH HOH A . 
D 3 HOH 39  2039 2039 HOH HOH A . 
D 3 HOH 40  2040 2040 HOH HOH A . 
D 3 HOH 41  2041 2041 HOH HOH A . 
D 3 HOH 42  2042 2042 HOH HOH A . 
D 3 HOH 43  2043 2043 HOH HOH A . 
D 3 HOH 44  2044 2044 HOH HOH A . 
D 3 HOH 45  2045 2045 HOH HOH A . 
D 3 HOH 46  2046 2046 HOH HOH A . 
D 3 HOH 47  2047 2047 HOH HOH A . 
D 3 HOH 48  2048 2048 HOH HOH A . 
D 3 HOH 49  2049 2049 HOH HOH A . 
D 3 HOH 50  2050 2050 HOH HOH A . 
D 3 HOH 51  2051 2051 HOH HOH A . 
D 3 HOH 52  2052 2052 HOH HOH A . 
D 3 HOH 53  2053 2053 HOH HOH A . 
D 3 HOH 54  2054 2054 HOH HOH A . 
D 3 HOH 55  2055 2055 HOH HOH A . 
D 3 HOH 56  2056 2056 HOH HOH A . 
D 3 HOH 57  2057 2057 HOH HOH A . 
D 3 HOH 58  2058 2058 HOH HOH A . 
D 3 HOH 59  2059 2059 HOH HOH A . 
D 3 HOH 60  2060 2060 HOH HOH A . 
D 3 HOH 61  2061 2061 HOH HOH A . 
D 3 HOH 62  2062 2062 HOH HOH A . 
D 3 HOH 63  2063 2063 HOH HOH A . 
D 3 HOH 64  2064 2064 HOH HOH A . 
D 3 HOH 65  2065 2065 HOH HOH A . 
D 3 HOH 66  2066 2066 HOH HOH A . 
D 3 HOH 67  2067 2067 HOH HOH A . 
D 3 HOH 68  2068 2068 HOH HOH A . 
D 3 HOH 69  2069 2069 HOH HOH A . 
D 3 HOH 70  2070 2070 HOH HOH A . 
D 3 HOH 71  2071 2071 HOH HOH A . 
D 3 HOH 72  2072 2072 HOH HOH A . 
D 3 HOH 73  2073 2073 HOH HOH A . 
D 3 HOH 74  2074 2074 HOH HOH A . 
D 3 HOH 75  2075 2075 HOH HOH A . 
D 3 HOH 76  2076 2076 HOH HOH A . 
D 3 HOH 77  2077 2077 HOH HOH A . 
D 3 HOH 78  2078 2078 HOH HOH A . 
D 3 HOH 79  2079 2079 HOH HOH A . 
D 3 HOH 80  2080 2080 HOH HOH A . 
D 3 HOH 81  2081 2081 HOH HOH A . 
D 3 HOH 82  2082 2082 HOH HOH A . 
D 3 HOH 83  2083 2083 HOH HOH A . 
D 3 HOH 84  2084 2084 HOH HOH A . 
D 3 HOH 85  2085 2085 HOH HOH A . 
D 3 HOH 86  2086 2086 HOH HOH A . 
D 3 HOH 87  2087 2087 HOH HOH A . 
D 3 HOH 88  2088 2088 HOH HOH A . 
D 3 HOH 89  2089 2089 HOH HOH A . 
D 3 HOH 90  2090 2090 HOH HOH A . 
D 3 HOH 91  2091 2091 HOH HOH A . 
D 3 HOH 92  2092 2092 HOH HOH A . 
D 3 HOH 93  2093 2093 HOH HOH A . 
D 3 HOH 94  2094 2094 HOH HOH A . 
D 3 HOH 95  2095 2095 HOH HOH A . 
D 3 HOH 96  2096 2096 HOH HOH A . 
D 3 HOH 97  2097 2097 HOH HOH A . 
D 3 HOH 98  2098 2098 HOH HOH A . 
D 3 HOH 99  2099 2099 HOH HOH A . 
D 3 HOH 100 2100 2100 HOH HOH A . 
D 3 HOH 101 2101 2101 HOH HOH A . 
D 3 HOH 102 2102 2102 HOH HOH A . 
D 3 HOH 103 2103 2103 HOH HOH A . 
D 3 HOH 104 2104 2104 HOH HOH A . 
D 3 HOH 105 2105 2105 HOH HOH A . 
D 3 HOH 106 2106 2106 HOH HOH A . 
D 3 HOH 107 2107 2107 HOH HOH A . 
D 3 HOH 108 2108 2108 HOH HOH A . 
D 3 HOH 109 2109 2109 HOH HOH A . 
D 3 HOH 110 2110 2110 HOH HOH A . 
D 3 HOH 111 2111 2111 HOH HOH A . 
D 3 HOH 112 2112 2112 HOH HOH A . 
D 3 HOH 113 2113 2113 HOH HOH A . 
D 3 HOH 114 2114 2114 HOH HOH A . 
D 3 HOH 115 2115 2115 HOH HOH A . 
D 3 HOH 116 2116 2116 HOH HOH A . 
D 3 HOH 117 2117 2117 HOH HOH A . 
D 3 HOH 118 2118 2118 HOH HOH A . 
D 3 HOH 119 2119 2119 HOH HOH A . 
D 3 HOH 120 2120 2120 HOH HOH A . 
D 3 HOH 121 2121 2121 HOH HOH A . 
D 3 HOH 122 2122 2122 HOH HOH A . 
D 3 HOH 123 2123 2123 HOH HOH A . 
D 3 HOH 124 2124 2124 HOH HOH A . 
D 3 HOH 125 2125 2125 HOH HOH A . 
D 3 HOH 126 2126 2126 HOH HOH A . 
D 3 HOH 127 2127 2127 HOH HOH A . 
D 3 HOH 128 2128 2128 HOH HOH A . 
D 3 HOH 129 2129 2129 HOH HOH A . 
D 3 HOH 130 2130 2130 HOH HOH A . 
D 3 HOH 131 2131 2131 HOH HOH A . 
D 3 HOH 132 2132 2132 HOH HOH A . 
D 3 HOH 133 2133 2133 HOH HOH A . 
D 3 HOH 134 2134 2134 HOH HOH A . 
D 3 HOH 135 2135 2135 HOH HOH A . 
D 3 HOH 136 2136 2136 HOH HOH A . 
D 3 HOH 137 2137 2137 HOH HOH A . 
D 3 HOH 138 2138 2138 HOH HOH A . 
D 3 HOH 139 2139 2139 HOH HOH A . 
D 3 HOH 140 2140 2140 HOH HOH A . 
D 3 HOH 141 2141 2141 HOH HOH A . 
D 3 HOH 142 2142 2142 HOH HOH A . 
D 3 HOH 143 2143 2143 HOH HOH A . 
D 3 HOH 144 2144 2144 HOH HOH A . 
D 3 HOH 145 2145 2145 HOH HOH A . 
D 3 HOH 146 2146 2146 HOH HOH A . 
D 3 HOH 147 2147 2147 HOH HOH A . 
D 3 HOH 148 2148 2148 HOH HOH A . 
D 3 HOH 149 2149 2149 HOH HOH A . 
D 3 HOH 150 2150 2150 HOH HOH A . 
D 3 HOH 151 2151 2151 HOH HOH A . 
D 3 HOH 152 2152 2152 HOH HOH A . 
D 3 HOH 153 2153 2153 HOH HOH A . 
D 3 HOH 154 2154 2154 HOH HOH A . 
D 3 HOH 155 2155 2155 HOH HOH A . 
D 3 HOH 156 2156 2156 HOH HOH A . 
D 3 HOH 157 2157 2157 HOH HOH A . 
D 3 HOH 158 2158 2158 HOH HOH A . 
D 3 HOH 159 2159 2159 HOH HOH A . 
D 3 HOH 160 2160 2160 HOH HOH A . 
D 3 HOH 161 2161 2161 HOH HOH A . 
D 3 HOH 162 2162 2162 HOH HOH A . 
D 3 HOH 163 2163 2163 HOH HOH A . 
D 3 HOH 164 2164 2164 HOH HOH A . 
D 3 HOH 165 2165 2165 HOH HOH A . 
D 3 HOH 166 2166 2166 HOH HOH A . 
D 3 HOH 167 2167 2167 HOH HOH A . 
D 3 HOH 168 2168 2168 HOH HOH A . 
D 3 HOH 169 2169 2169 HOH HOH A . 
# 
loop_
_pdbx_unobs_or_zero_occ_atoms.id 
_pdbx_unobs_or_zero_occ_atoms.PDB_model_num 
_pdbx_unobs_or_zero_occ_atoms.polymer_flag 
_pdbx_unobs_or_zero_occ_atoms.occupancy_flag 
_pdbx_unobs_or_zero_occ_atoms.auth_asym_id 
_pdbx_unobs_or_zero_occ_atoms.auth_comp_id 
_pdbx_unobs_or_zero_occ_atoms.auth_seq_id 
_pdbx_unobs_or_zero_occ_atoms.PDB_ins_code 
_pdbx_unobs_or_zero_occ_atoms.auth_atom_id 
_pdbx_unobs_or_zero_occ_atoms.label_alt_id 
_pdbx_unobs_or_zero_occ_atoms.label_asym_id 
_pdbx_unobs_or_zero_occ_atoms.label_comp_id 
_pdbx_unobs_or_zero_occ_atoms.label_seq_id 
_pdbx_unobs_or_zero_occ_atoms.label_atom_id 
1 1 Y 1 A ASP 166 ? CG  ? A ASP 7 CG  
2 1 Y 1 A ASP 166 ? OD1 ? A ASP 7 OD1 
3 1 Y 1 A ASP 166 ? OD2 ? A ASP 7 OD2 
# 
loop_
_software.name 
_software.classification 
_software.version 
_software.citation_id 
_software.pdbx_ordinal 
REFMAC    refinement       5.2.0019 ? 1 
DENZO     'data reduction' .        ? 2 
SCALEPACK 'data scaling'   .        ? 3 
SOLVE     phasing          .        ? 4 
# 
_cell.entry_id           2VVD 
_cell.length_a           43.645 
_cell.length_b           49.055 
_cell.length_c           72.177 
_cell.angle_alpha        90.00 
_cell.angle_beta         90.00 
_cell.angle_gamma        90.00 
_cell.Z_PDB              4 
_cell.pdbx_unique_axis   ? 
# 
_symmetry.entry_id                         2VVD 
_symmetry.space_group_name_H-M             'P 21 21 21' 
_symmetry.pdbx_full_space_group_name_H-M   ? 
_symmetry.cell_setting                     ? 
_symmetry.Int_Tables_number                19 
# 
_exptl.entry_id          2VVD 
_exptl.method            'X-RAY DIFFRACTION' 
_exptl.crystals_number   1 
# 
_exptl_crystal.id                    1 
_exptl_crystal.density_meas          ? 
_exptl_crystal.density_Matthews      1.94 
_exptl_crystal.density_percent_sol   36.94 
_exptl_crystal.description           NONE 
# 
_exptl_crystal_grow.crystal_id      1 
_exptl_crystal_grow.method          ? 
_exptl_crystal_grow.temp            ? 
_exptl_crystal_grow.temp_details    ? 
_exptl_crystal_grow.pH              7.5 
_exptl_crystal_grow.pdbx_pH_range   ? 
_exptl_crystal_grow.pdbx_details    '7.4MG/ML PROTEIN (IN 150MM NACL AND 20MM TRIS PH 7.5), 20%(W/V) PEG3350, 200MM CACL2' 
# 
_diffrn.id                     1 
_diffrn.ambient_temp           100 
_diffrn.ambient_temp_details   ? 
_diffrn.crystal_id             1 
# 
_diffrn_detector.diffrn_id              1 
_diffrn_detector.detector               CCD 
_diffrn_detector.type                   MARRESEARCH 
_diffrn_detector.pdbx_collection_date   2005-06-22 
_diffrn_detector.details                MIRRORS 
# 
_diffrn_radiation.diffrn_id                        1 
_diffrn_radiation.wavelength_id                    1 
_diffrn_radiation.pdbx_monochromatic_or_laue_m_l   M 
_diffrn_radiation.monochromator                    ? 
_diffrn_radiation.pdbx_diffrn_protocol             MAD 
_diffrn_radiation.pdbx_scattering_type             x-ray 
# 
loop_
_diffrn_radiation_wavelength.id 
_diffrn_radiation_wavelength.wavelength 
_diffrn_radiation_wavelength.wt 
1 0.97912 1.0 
2 0.90499 1.0 
# 
_diffrn_source.diffrn_id                   1 
_diffrn_source.source                      SYNCHROTRON 
_diffrn_source.type                        'ESRF BEAMLINE BM14' 
_diffrn_source.pdbx_synchrotron_site       ESRF 
_diffrn_source.pdbx_synchrotron_beamline   BM14 
_diffrn_source.pdbx_wavelength             ? 
_diffrn_source.pdbx_wavelength_list        0.97912,0.90499 
# 
_reflns.pdbx_diffrn_id               1 
_reflns.pdbx_ordinal                 1 
_reflns.entry_id                     2VVD 
_reflns.observed_criterion_sigma_I   -3.0 
_reflns.observed_criterion_sigma_F   ? 
_reflns.d_resolution_low             21.60 
_reflns.d_resolution_high            2.26 
_reflns.number_obs                   6935 
_reflns.number_all                   ? 
_reflns.percent_possible_obs         90.0 
_reflns.pdbx_Rmerge_I_obs            0.05 
_reflns.pdbx_Rsym_value              ? 
_reflns.pdbx_netI_over_sigmaI        46.50 
_reflns.B_iso_Wilson_estimate        14.65 
_reflns.pdbx_redundancy              12.1 
# 
_reflns_shell.pdbx_diffrn_id         1 
_reflns_shell.pdbx_ordinal           1 
_reflns_shell.d_res_high             2.26 
_reflns_shell.d_res_low              2.33 
_reflns_shell.percent_possible_all   52.5 
_reflns_shell.Rmerge_I_obs           0.08 
_reflns_shell.pdbx_Rsym_value        ? 
_reflns_shell.meanI_over_sigI_obs    27.70 
_reflns_shell.pdbx_redundancy        7.7 
# 
_refine.pdbx_refine_id                           'X-RAY DIFFRACTION' 
_refine.entry_id                                 2VVD 
_refine.pdbx_diffrn_id                           1 
_refine.pdbx_TLS_residual_ADP_flag               ? 
_refine.ls_number_reflns_obs                     6521 
_refine.ls_number_reflns_all                     ? 
_refine.pdbx_ls_sigma_I                          ? 
_refine.pdbx_ls_sigma_F                          ? 
_refine.pdbx_data_cutoff_high_absF               ? 
_refine.pdbx_data_cutoff_low_absF                ? 
_refine.pdbx_data_cutoff_high_rms_absF           ? 
_refine.ls_d_res_low                             21.60 
_refine.ls_d_res_high                            2.26 
_refine.ls_percent_reflns_obs                    89.8 
_refine.ls_R_factor_obs                          0.172 
_refine.ls_R_factor_all                          ? 
_refine.ls_R_factor_R_work                       0.169 
_refine.ls_R_factor_R_free                       0.228 
_refine.ls_R_factor_R_free_error                 ? 
_refine.ls_R_factor_R_free_error_details         ? 
_refine.ls_percent_reflns_R_free                 5.400 
_refine.ls_number_reflns_R_free                  369 
_refine.ls_number_parameters                     ? 
_refine.ls_number_restraints                     ? 
_refine.occupancy_min                            ? 
_refine.occupancy_max                            ? 
_refine.correlation_coeff_Fo_to_Fc               0.939 
_refine.correlation_coeff_Fo_to_Fc_free          0.886 
_refine.B_iso_mean                               16.30 
_refine.aniso_B[1][1]                            -0.59000 
_refine.aniso_B[2][2]                            0.23000 
_refine.aniso_B[3][3]                            0.36000 
_refine.aniso_B[1][2]                            0.00000 
_refine.aniso_B[1][3]                            0.00000 
_refine.aniso_B[2][3]                            0.00000 
_refine.solvent_model_details                    'BABINET MODEL WITH MASK' 
_refine.solvent_model_param_ksol                 ? 
_refine.solvent_model_param_bsol                 ? 
_refine.pdbx_solvent_vdw_probe_radii             1.00 
_refine.pdbx_solvent_ion_probe_radii             0.80 
_refine.pdbx_solvent_shrinkage_radii             0.80 
_refine.pdbx_ls_cross_valid_method               THROUGHOUT 
_refine.details                                  'HYDROGENS HAVE BEEN ADDED IN THE RIDING POSITIONS.' 
_refine.pdbx_starting_model                      NONE 
_refine.pdbx_method_to_determine_struct          MAD 
_refine.pdbx_isotropic_thermal_model             ? 
_refine.pdbx_stereochemistry_target_values       'MAXIMUM LIKELIHOOD' 
_refine.pdbx_stereochem_target_val_spec_case     ? 
_refine.pdbx_R_Free_selection_details            RANDOM 
_refine.pdbx_overall_ESU_R                       0.587 
_refine.pdbx_overall_ESU_R_Free                  0.257 
_refine.overall_SU_ML                            0.139 
_refine.pdbx_overall_phase_error                 ? 
_refine.overall_SU_B                             5.422 
_refine.overall_SU_R_Cruickshank_DPI             ? 
_refine.pdbx_overall_SU_R_free_Cruickshank_DPI   ? 
_refine.pdbx_overall_SU_R_Blow_DPI               ? 
_refine.pdbx_overall_SU_R_free_Blow_DPI          ? 
# 
_refine_hist.pdbx_refine_id                   'X-RAY DIFFRACTION' 
_refine_hist.cycle_id                         LAST 
_refine_hist.pdbx_number_atoms_protein        1284 
_refine_hist.pdbx_number_atoms_nucleic_acid   0 
_refine_hist.pdbx_number_atoms_ligand         2 
_refine_hist.number_atoms_solvent             169 
_refine_hist.number_atoms_total               1455 
_refine_hist.d_res_high                       2.26 
_refine_hist.d_res_low                        21.60 
# 
loop_
_refine_ls_restr.type 
_refine_ls_restr.dev_ideal 
_refine_ls_restr.dev_ideal_target 
_refine_ls_restr.weight 
_refine_ls_restr.number 
_refine_ls_restr.pdbx_refine_id 
_refine_ls_restr.pdbx_restraint_function 
r_bond_refined_d             0.007  0.022  ? 1319 'X-RAY DIFFRACTION' ? 
r_bond_other_d               0.001  0.020  ? 861  'X-RAY DIFFRACTION' ? 
r_angle_refined_deg          0.966  1.950  ? 1797 'X-RAY DIFFRACTION' ? 
r_angle_other_deg            0.770  3.000  ? 2099 'X-RAY DIFFRACTION' ? 
r_dihedral_angle_1_deg       6.210  5.000  ? 163  'X-RAY DIFFRACTION' ? 
r_dihedral_angle_2_deg       35.875 24.627 ? 67   'X-RAY DIFFRACTION' ? 
r_dihedral_angle_3_deg       11.205 15.000 ? 205  'X-RAY DIFFRACTION' ? 
r_dihedral_angle_4_deg       17.924 15.000 ? 6    'X-RAY DIFFRACTION' ? 
r_chiral_restr               0.062  0.200  ? 198  'X-RAY DIFFRACTION' ? 
r_gen_planes_refined         0.003  0.020  ? 1496 'X-RAY DIFFRACTION' ? 
r_gen_planes_other           0.001  0.020  ? 277  'X-RAY DIFFRACTION' ? 
r_nbd_refined                0.181  0.200  ? 219  'X-RAY DIFFRACTION' ? 
r_nbd_other                  0.188  0.200  ? 905  'X-RAY DIFFRACTION' ? 
r_nbtor_refined              0.175  0.200  ? 652  'X-RAY DIFFRACTION' ? 
r_nbtor_other                0.078  0.200  ? 685  'X-RAY DIFFRACTION' ? 
r_xyhbond_nbd_refined        0.117  0.200  ? 150  'X-RAY DIFFRACTION' ? 
r_xyhbond_nbd_other          ?      ?      ? ?    'X-RAY DIFFRACTION' ? 
r_metal_ion_refined          ?      ?      ? ?    'X-RAY DIFFRACTION' ? 
r_metal_ion_other            ?      ?      ? ?    'X-RAY DIFFRACTION' ? 
r_symmetry_vdw_refined       0.119  0.200  ? 8    'X-RAY DIFFRACTION' ? 
r_symmetry_vdw_other         0.190  0.200  ? 20   'X-RAY DIFFRACTION' ? 
r_symmetry_hbond_refined     0.120  0.200  ? 27   'X-RAY DIFFRACTION' ? 
r_symmetry_hbond_other       ?      ?      ? ?    'X-RAY DIFFRACTION' ? 
r_symmetry_metal_ion_refined ?      ?      ? ?    'X-RAY DIFFRACTION' ? 
r_symmetry_metal_ion_other   ?      ?      ? ?    'X-RAY DIFFRACTION' ? 
r_mcbond_it                  0.259  1.500  ? 832  'X-RAY DIFFRACTION' ? 
r_mcbond_other               ?      ?      ? ?    'X-RAY DIFFRACTION' ? 
r_mcangle_it                 0.455  2.000  ? 1313 'X-RAY DIFFRACTION' ? 
r_mcangle_other              ?      ?      ? ?    'X-RAY DIFFRACTION' ? 
r_scbond_it                  0.887  3.000  ? 560  'X-RAY DIFFRACTION' ? 
r_scbond_other               ?      ?      ? ?    'X-RAY DIFFRACTION' ? 
r_scangle_it                 1.250  4.500  ? 483  'X-RAY DIFFRACTION' ? 
r_scangle_other              ?      ?      ? ?    'X-RAY DIFFRACTION' ? 
r_long_range_B_refined       ?      ?      ? ?    'X-RAY DIFFRACTION' ? 
r_long_range_B_other         ?      ?      ? ?    'X-RAY DIFFRACTION' ? 
r_rigid_bond_restr           ?      ?      ? ?    'X-RAY DIFFRACTION' ? 
r_sphericity_free            ?      ?      ? ?    'X-RAY DIFFRACTION' ? 
r_sphericity_bonded          ?      ?      ? ?    'X-RAY DIFFRACTION' ? 
# 
_refine_ls_shell.pdbx_refine_id                   'X-RAY DIFFRACTION' 
_refine_ls_shell.pdbx_total_number_of_bins_used   20 
_refine_ls_shell.d_res_high                       2.26 
_refine_ls_shell.d_res_low                        2.32 
_refine_ls_shell.number_reflns_R_work             261 
_refine_ls_shell.R_factor_R_work                  0.1600 
_refine_ls_shell.percent_reflns_obs               ? 
_refine_ls_shell.R_factor_R_free                  0.2350 
_refine_ls_shell.R_factor_R_free_error            ? 
_refine_ls_shell.percent_reflns_R_free            ? 
_refine_ls_shell.number_reflns_R_free             12 
_refine_ls_shell.number_reflns_all                ? 
_refine_ls_shell.R_factor_all                     ? 
# 
_struct.entry_id                  2VVD 
_struct.title                     'Crystal structure of the receptor binding domain of the spike protein P1 from bacteriophage PM2' 
_struct.pdbx_model_details        ? 
_struct.pdbx_CASP_flag            ? 
_struct.pdbx_model_type_details   ? 
# 
_struct_keywords.entry_id        2VVD 
_struct_keywords.pdbx_keywords   'VIRAL PROTEIN' 
_struct_keywords.text            'VIRAL RECEPTOR BINDING DOMAIN, VIRAL PROTEIN' 
# 
loop_
_struct_asym.id 
_struct_asym.pdbx_blank_PDB_chainid_flag 
_struct_asym.pdbx_modified 
_struct_asym.entity_id 
_struct_asym.details 
A N N 1 ? 
B N N 2 ? 
C N N 2 ? 
D N N 3 ? 
# 
_struct_ref.id                         1 
_struct_ref.db_name                    UNP 
_struct_ref.db_code                    Q9XJR3_BPPM2 
_struct_ref.entity_id                  1 
_struct_ref.pdbx_seq_one_letter_code   ? 
_struct_ref.pdbx_align_begin           ? 
_struct_ref.pdbx_db_accession          Q9XJR3 
_struct_ref.pdbx_db_isoform            ? 
# 
_struct_ref_seq.align_id                      1 
_struct_ref_seq.ref_id                        1 
_struct_ref_seq.pdbx_PDB_id_code              2VVD 
_struct_ref_seq.pdbx_strand_id                A 
_struct_ref_seq.seq_align_beg                 1 
_struct_ref_seq.pdbx_seq_align_beg_ins_code   ? 
_struct_ref_seq.seq_align_end                 177 
_struct_ref_seq.pdbx_seq_align_end_ins_code   ? 
_struct_ref_seq.pdbx_db_accession             Q9XJR3 
_struct_ref_seq.db_align_beg                  159 
_struct_ref_seq.pdbx_db_align_beg_ins_code    ? 
_struct_ref_seq.db_align_end                  335 
_struct_ref_seq.pdbx_db_align_end_ins_code    ? 
_struct_ref_seq.pdbx_auth_seq_align_beg       160 
_struct_ref_seq.pdbx_auth_seq_align_end       336 
# 
_pdbx_struct_assembly.id                   1 
_pdbx_struct_assembly.details              author_and_software_defined_assembly 
_pdbx_struct_assembly.method_details       PQS 
_pdbx_struct_assembly.oligomeric_details   monomeric 
_pdbx_struct_assembly.oligomeric_count     1 
# 
_pdbx_struct_assembly_gen.assembly_id       1 
_pdbx_struct_assembly_gen.oper_expression   1 
_pdbx_struct_assembly_gen.asym_id_list      A,B,C,D 
# 
_pdbx_struct_oper_list.id                   1 
_pdbx_struct_oper_list.type                 'identity operation' 
_pdbx_struct_oper_list.name                 1_555 
_pdbx_struct_oper_list.symmetry_operation   x,y,z 
_pdbx_struct_oper_list.matrix[1][1]         1.0000000000 
_pdbx_struct_oper_list.matrix[1][2]         0.0000000000 
_pdbx_struct_oper_list.matrix[1][3]         0.0000000000 
_pdbx_struct_oper_list.vector[1]            0.0000000000 
_pdbx_struct_oper_list.matrix[2][1]         0.0000000000 
_pdbx_struct_oper_list.matrix[2][2]         1.0000000000 
_pdbx_struct_oper_list.matrix[2][3]         0.0000000000 
_pdbx_struct_oper_list.vector[2]            0.0000000000 
_pdbx_struct_oper_list.matrix[3][1]         0.0000000000 
_pdbx_struct_oper_list.matrix[3][2]         0.0000000000 
_pdbx_struct_oper_list.matrix[3][3]         1.0000000000 
_pdbx_struct_oper_list.vector[3]            0.0000000000 
# 
_struct_biol.id   1 
# 
loop_
_struct_conf.conf_type_id 
_struct_conf.id 
_struct_conf.pdbx_PDB_helix_id 
_struct_conf.beg_label_comp_id 
_struct_conf.beg_label_asym_id 
_struct_conf.beg_label_seq_id 
_struct_conf.pdbx_beg_PDB_ins_code 
_struct_conf.end_label_comp_id 
_struct_conf.end_label_asym_id 
_struct_conf.end_label_seq_id 
_struct_conf.pdbx_end_PDB_ins_code 
_struct_conf.beg_auth_comp_id 
_struct_conf.beg_auth_asym_id 
_struct_conf.beg_auth_seq_id 
_struct_conf.end_auth_comp_id 
_struct_conf.end_auth_asym_id 
_struct_conf.end_auth_seq_id 
_struct_conf.pdbx_PDB_helix_class 
_struct_conf.details 
_struct_conf.pdbx_PDB_helix_length 
HELX_P HELX_P1 1 GLY A 27  ? ASN A 34  ? GLY A 186 ASN A 193 1 ? 8 
HELX_P HELX_P2 2 PRO A 44  ? ASP A 48  ? PRO A 203 ASP A 207 5 ? 5 
HELX_P HELX_P3 3 GLY A 64  ? LEU A 68  ? GLY A 223 LEU A 227 5 ? 5 
HELX_P HELX_P4 4 TYR A 107 ? ASP A 111 ? TYR A 266 ASP A 270 5 ? 5 
HELX_P HELX_P5 5 ASP A 135 ? GLN A 143 ? ASP A 294 GLN A 302 1 ? 9 
# 
_struct_conf_type.id          HELX_P 
_struct_conf_type.criteria    ? 
_struct_conf_type.reference   ? 
# 
loop_
_struct_conn.id 
_struct_conn.conn_type_id 
_struct_conn.pdbx_leaving_atom_flag 
_struct_conn.pdbx_PDB_id 
_struct_conn.ptnr1_label_asym_id 
_struct_conn.ptnr1_label_comp_id 
_struct_conn.ptnr1_label_seq_id 
_struct_conn.ptnr1_label_atom_id 
_struct_conn.pdbx_ptnr1_label_alt_id 
_struct_conn.pdbx_ptnr1_PDB_ins_code 
_struct_conn.pdbx_ptnr1_standard_comp_id 
_struct_conn.ptnr1_symmetry 
_struct_conn.ptnr2_label_asym_id 
_struct_conn.ptnr2_label_comp_id 
_struct_conn.ptnr2_label_seq_id 
_struct_conn.ptnr2_label_atom_id 
_struct_conn.pdbx_ptnr2_label_alt_id 
_struct_conn.pdbx_ptnr2_PDB_ins_code 
_struct_conn.ptnr1_auth_asym_id 
_struct_conn.ptnr1_auth_comp_id 
_struct_conn.ptnr1_auth_seq_id 
_struct_conn.ptnr2_auth_asym_id 
_struct_conn.ptnr2_auth_comp_id 
_struct_conn.ptnr2_auth_seq_id 
_struct_conn.ptnr2_symmetry 
_struct_conn.pdbx_ptnr3_label_atom_id 
_struct_conn.pdbx_ptnr3_label_seq_id 
_struct_conn.pdbx_ptnr3_label_comp_id 
_struct_conn.pdbx_ptnr3_label_asym_id 
_struct_conn.pdbx_ptnr3_label_alt_id 
_struct_conn.pdbx_ptnr3_PDB_ins_code 
_struct_conn.details 
_struct_conn.pdbx_dist_value 
_struct_conn.pdbx_value_order 
_struct_conn.pdbx_role 
covale1  covale both ? A VAL 116 C   ? ? ? 1_555 A MSE 117 N  ? ? A VAL 275  A MSE 276  1_555 ? ? ? ? ? ? ? 1.327 ? ? 
covale2  covale both ? A MSE 117 C   ? ? ? 1_555 A VAL 118 N  ? ? A MSE 276  A VAL 277  1_555 ? ? ? ? ? ? ? 1.331 ? ? 
metalc1  metalc ?    ? A ASP 7   O   ? ? ? 1_555 C CA  .   CA ? ? A ASP 166  A CA  1329 1_555 ? ? ? ? ? ? ? 2.497 ? ? 
metalc2  metalc ?    ? A GLU 9   OE1 ? ? ? 1_555 C CA  .   CA ? ? A GLU 168  A CA  1329 1_555 ? ? ? ? ? ? ? 2.631 ? ? 
metalc3  metalc ?    ? A SER 73  O   ? ? ? 1_555 B CA  .   CA ? ? A SER 232  A CA  1328 1_555 ? ? ? ? ? ? ? 2.380 ? ? 
metalc4  metalc ?    ? A ASP 110 OD1 ? ? ? 3_755 C CA  .   CA ? ? A ASP 269  A CA  1329 1_555 ? ? ? ? ? ? ? 2.328 ? ? 
metalc5  metalc ?    ? A ASP 135 OD1 ? ? ? 1_555 B CA  .   CA ? ? A ASP 294  A CA  1328 1_555 ? ? ? ? ? ? ? 2.589 ? ? 
metalc6  metalc ?    ? A ASP 135 OD2 ? ? ? 1_555 B CA  .   CA ? ? A ASP 294  A CA  1328 1_555 ? ? ? ? ? ? ? 2.481 ? ? 
metalc7  metalc ?    ? A ASP 137 OD2 ? ? ? 1_555 B CA  .   CA ? ? A ASP 296  A CA  1328 1_555 ? ? ? ? ? ? ? 2.397 ? ? 
metalc8  metalc ?    ? B CA  .   CA  ? ? ? 1_555 D HOH .   O  ? ? A CA  1328 A HOH 2032 4_545 ? ? ? ? ? ? ? 2.417 ? ? 
metalc9  metalc ?    ? B CA  .   CA  ? ? ? 1_555 D HOH .   O  ? ? A CA  1328 A HOH 2034 4_545 ? ? ? ? ? ? ? 2.362 ? ? 
metalc10 metalc ?    ? B CA  .   CA  ? ? ? 1_555 D HOH .   O  ? ? A CA  1328 A HOH 2068 1_555 ? ? ? ? ? ? ? 2.384 ? ? 
metalc11 metalc ?    ? C CA  .   CA  ? ? ? 1_555 D HOH .   O  ? ? A CA  1329 A HOH 2001 1_555 ? ? ? ? ? ? ? 2.296 ? ? 
metalc12 metalc ?    ? C CA  .   CA  ? ? ? 1_555 D HOH .   O  ? ? A CA  1329 A HOH 2002 1_555 ? ? ? ? ? ? ? 2.655 ? ? 
metalc13 metalc ?    ? C CA  .   CA  ? ? ? 1_555 D HOH .   O  ? ? A CA  1329 A HOH 2122 3_755 ? ? ? ? ? ? ? 2.445 ? ? 
metalc14 metalc ?    ? C CA  .   CA  ? ? ? 1_555 D HOH .   O  ? ? A CA  1329 A HOH 2124 3_755 ? ? ? ? ? ? ? 2.547 ? ? 
# 
loop_
_struct_conn_type.id 
_struct_conn_type.criteria 
_struct_conn_type.reference 
covale ? ? 
metalc ? ? 
# 
loop_
_pdbx_struct_conn_angle.id 
_pdbx_struct_conn_angle.ptnr1_label_atom_id 
_pdbx_struct_conn_angle.ptnr1_label_alt_id 
_pdbx_struct_conn_angle.ptnr1_label_asym_id 
_pdbx_struct_conn_angle.ptnr1_label_comp_id 
_pdbx_struct_conn_angle.ptnr1_label_seq_id 
_pdbx_struct_conn_angle.ptnr1_auth_atom_id 
_pdbx_struct_conn_angle.ptnr1_auth_asym_id 
_pdbx_struct_conn_angle.ptnr1_auth_comp_id 
_pdbx_struct_conn_angle.ptnr1_auth_seq_id 
_pdbx_struct_conn_angle.ptnr1_PDB_ins_code 
_pdbx_struct_conn_angle.ptnr1_symmetry 
_pdbx_struct_conn_angle.ptnr2_label_atom_id 
_pdbx_struct_conn_angle.ptnr2_label_alt_id 
_pdbx_struct_conn_angle.ptnr2_label_asym_id 
_pdbx_struct_conn_angle.ptnr2_label_comp_id 
_pdbx_struct_conn_angle.ptnr2_label_seq_id 
_pdbx_struct_conn_angle.ptnr2_auth_atom_id 
_pdbx_struct_conn_angle.ptnr2_auth_asym_id 
_pdbx_struct_conn_angle.ptnr2_auth_comp_id 
_pdbx_struct_conn_angle.ptnr2_auth_seq_id 
_pdbx_struct_conn_angle.ptnr2_PDB_ins_code 
_pdbx_struct_conn_angle.ptnr2_symmetry 
_pdbx_struct_conn_angle.ptnr3_label_atom_id 
_pdbx_struct_conn_angle.ptnr3_label_alt_id 
_pdbx_struct_conn_angle.ptnr3_label_asym_id 
_pdbx_struct_conn_angle.ptnr3_label_comp_id 
_pdbx_struct_conn_angle.ptnr3_label_seq_id 
_pdbx_struct_conn_angle.ptnr3_auth_atom_id 
_pdbx_struct_conn_angle.ptnr3_auth_asym_id 
_pdbx_struct_conn_angle.ptnr3_auth_comp_id 
_pdbx_struct_conn_angle.ptnr3_auth_seq_id 
_pdbx_struct_conn_angle.ptnr3_PDB_ins_code 
_pdbx_struct_conn_angle.ptnr3_symmetry 
_pdbx_struct_conn_angle.value 
_pdbx_struct_conn_angle.value_esd 
1  O   ? A ASP 7   ? A ASP 166  ? 1_555 CA ? C CA . ? A CA 1329 ? 1_555 OE1 ? A GLU 9   ? A GLU 168  ? 1_555 72.3  ? 
2  O   ? A ASP 7   ? A ASP 166  ? 1_555 CA ? C CA . ? A CA 1329 ? 1_555 OD1 ? A ASP 110 ? A ASP 269  ? 3_755 84.1  ? 
3  OE1 ? A GLU 9   ? A GLU 168  ? 1_555 CA ? C CA . ? A CA 1329 ? 1_555 OD1 ? A ASP 110 ? A ASP 269  ? 3_755 140.5 ? 
4  O   ? A ASP 7   ? A ASP 166  ? 1_555 CA ? C CA . ? A CA 1329 ? 1_555 O   ? D HOH .   ? A HOH 2001 ? 1_555 154.0 ? 
5  OE1 ? A GLU 9   ? A GLU 168  ? 1_555 CA ? C CA . ? A CA 1329 ? 1_555 O   ? D HOH .   ? A HOH 2001 ? 1_555 84.6  ? 
6  OD1 ? A ASP 110 ? A ASP 269  ? 3_755 CA ? C CA . ? A CA 1329 ? 1_555 O   ? D HOH .   ? A HOH 2001 ? 1_555 108.1 ? 
7  O   ? A ASP 7   ? A ASP 166  ? 1_555 CA ? C CA . ? A CA 1329 ? 1_555 O   ? D HOH .   ? A HOH 2002 ? 1_555 91.3  ? 
8  OE1 ? A GLU 9   ? A GLU 168  ? 1_555 CA ? C CA . ? A CA 1329 ? 1_555 O   ? D HOH .   ? A HOH 2002 ? 1_555 72.6  ? 
9  OD1 ? A ASP 110 ? A ASP 269  ? 3_755 CA ? C CA . ? A CA 1329 ? 1_555 O   ? D HOH .   ? A HOH 2002 ? 1_555 140.5 ? 
10 O   ? D HOH .   ? A HOH 2001 ? 1_555 CA ? C CA . ? A CA 1329 ? 1_555 O   ? D HOH .   ? A HOH 2002 ? 1_555 93.0  ? 
11 O   ? A ASP 7   ? A ASP 166  ? 1_555 CA ? C CA . ? A CA 1329 ? 1_555 O   ? D HOH .   ? A HOH 2122 ? 3_755 122.7 ? 
12 OE1 ? A GLU 9   ? A GLU 168  ? 1_555 CA ? C CA . ? A CA 1329 ? 1_555 O   ? D HOH .   ? A HOH 2122 ? 3_755 137.9 ? 
13 OD1 ? A ASP 110 ? A ASP 269  ? 3_755 CA ? C CA . ? A CA 1329 ? 1_555 O   ? D HOH .   ? A HOH 2122 ? 3_755 81.5  ? 
14 O   ? D HOH .   ? A HOH 2001 ? 1_555 CA ? C CA . ? A CA 1329 ? 1_555 O   ? D HOH .   ? A HOH 2122 ? 3_755 82.6  ? 
15 O   ? D HOH .   ? A HOH 2002 ? 1_555 CA ? C CA . ? A CA 1329 ? 1_555 O   ? D HOH .   ? A HOH 2122 ? 3_755 68.2  ? 
16 O   ? A ASP 7   ? A ASP 166  ? 1_555 CA ? C CA . ? A CA 1329 ? 1_555 O   ? D HOH .   ? A HOH 2124 ? 3_755 85.6  ? 
17 OE1 ? A GLU 9   ? A GLU 168  ? 1_555 CA ? C CA . ? A CA 1329 ? 1_555 O   ? D HOH .   ? A HOH 2124 ? 3_755 78.5  ? 
18 OD1 ? A ASP 110 ? A ASP 269  ? 3_755 CA ? C CA . ? A CA 1329 ? 1_555 O   ? D HOH .   ? A HOH 2124 ? 3_755 68.4  ? 
19 O   ? D HOH .   ? A HOH 2001 ? 1_555 CA ? C CA . ? A CA 1329 ? 1_555 O   ? D HOH .   ? A HOH 2124 ? 3_755 78.2  ? 
20 O   ? D HOH .   ? A HOH 2002 ? 1_555 CA ? C CA . ? A CA 1329 ? 1_555 O   ? D HOH .   ? A HOH 2124 ? 3_755 150.5 ? 
21 O   ? D HOH .   ? A HOH 2122 ? 3_755 CA ? C CA . ? A CA 1329 ? 1_555 O   ? D HOH .   ? A HOH 2124 ? 3_755 136.5 ? 
22 O   ? A SER 73  ? A SER 232  ? 1_555 CA ? B CA . ? A CA 1328 ? 1_555 OD1 ? A ASP 135 ? A ASP 294  ? 1_555 93.1  ? 
23 O   ? A SER 73  ? A SER 232  ? 1_555 CA ? B CA . ? A CA 1328 ? 1_555 OD2 ? A ASP 135 ? A ASP 294  ? 1_555 87.1  ? 
24 OD1 ? A ASP 135 ? A ASP 294  ? 1_555 CA ? B CA . ? A CA 1328 ? 1_555 OD2 ? A ASP 135 ? A ASP 294  ? 1_555 51.0  ? 
25 O   ? A SER 73  ? A SER 232  ? 1_555 CA ? B CA . ? A CA 1328 ? 1_555 OD2 ? A ASP 137 ? A ASP 296  ? 1_555 78.3  ? 
26 OD1 ? A ASP 135 ? A ASP 294  ? 1_555 CA ? B CA . ? A CA 1328 ? 1_555 OD2 ? A ASP 137 ? A ASP 296  ? 1_555 137.2 ? 
27 OD2 ? A ASP 135 ? A ASP 294  ? 1_555 CA ? B CA . ? A CA 1328 ? 1_555 OD2 ? A ASP 137 ? A ASP 296  ? 1_555 86.4  ? 
28 O   ? A SER 73  ? A SER 232  ? 1_555 CA ? B CA . ? A CA 1328 ? 1_555 O   ? D HOH .   ? A HOH 2032 ? 4_545 98.5  ? 
29 OD1 ? A ASP 135 ? A ASP 294  ? 1_555 CA ? B CA . ? A CA 1328 ? 1_555 O   ? D HOH .   ? A HOH 2032 ? 4_545 148.2 ? 
30 OD2 ? A ASP 135 ? A ASP 294  ? 1_555 CA ? B CA . ? A CA 1328 ? 1_555 O   ? D HOH .   ? A HOH 2032 ? 4_545 158.3 ? 
31 OD2 ? A ASP 137 ? A ASP 296  ? 1_555 CA ? B CA . ? A CA 1328 ? 1_555 O   ? D HOH .   ? A HOH 2032 ? 4_545 74.4  ? 
32 O   ? A SER 73  ? A SER 232  ? 1_555 CA ? B CA . ? A CA 1328 ? 1_555 O   ? D HOH .   ? A HOH 2034 ? 4_545 163.8 ? 
33 OD1 ? A ASP 135 ? A ASP 294  ? 1_555 CA ? B CA . ? A CA 1328 ? 1_555 O   ? D HOH .   ? A HOH 2034 ? 4_545 92.6  ? 
34 OD2 ? A ASP 135 ? A ASP 294  ? 1_555 CA ? B CA . ? A CA 1328 ? 1_555 O   ? D HOH .   ? A HOH 2034 ? 4_545 84.7  ? 
35 OD2 ? A ASP 137 ? A ASP 296  ? 1_555 CA ? B CA . ? A CA 1328 ? 1_555 O   ? D HOH .   ? A HOH 2034 ? 4_545 87.3  ? 
36 O   ? D HOH .   ? A HOH 2032 ? 4_545 CA ? B CA . ? A CA 1328 ? 1_555 O   ? D HOH .   ? A HOH 2034 ? 4_545 84.5  ? 
37 O   ? A SER 73  ? A SER 232  ? 1_555 CA ? B CA . ? A CA 1328 ? 1_555 O   ? D HOH .   ? A HOH 2068 ? 1_555 87.4  ? 
38 OD1 ? A ASP 135 ? A ASP 294  ? 1_555 CA ? B CA . ? A CA 1328 ? 1_555 O   ? D HOH .   ? A HOH 2068 ? 1_555 80.7  ? 
39 OD2 ? A ASP 135 ? A ASP 294  ? 1_555 CA ? B CA . ? A CA 1328 ? 1_555 O   ? D HOH .   ? A HOH 2068 ? 1_555 131.0 ? 
40 OD2 ? A ASP 137 ? A ASP 296  ? 1_555 CA ? B CA . ? A CA 1328 ? 1_555 O   ? D HOH .   ? A HOH 2068 ? 1_555 139.4 ? 
41 O   ? D HOH .   ? A HOH 2032 ? 4_545 CA ? B CA . ? A CA 1328 ? 1_555 O   ? D HOH .   ? A HOH 2068 ? 1_555 70.4  ? 
42 O   ? D HOH .   ? A HOH 2034 ? 4_545 CA ? B CA . ? A CA 1328 ? 1_555 O   ? D HOH .   ? A HOH 2068 ? 1_555 108.5 ? 
# 
_pdbx_modification_feature.ordinal                            1 
_pdbx_modification_feature.label_comp_id                      MSE 
_pdbx_modification_feature.label_asym_id                      A 
_pdbx_modification_feature.label_seq_id                       117 
_pdbx_modification_feature.label_alt_id                       ? 
_pdbx_modification_feature.modified_residue_label_comp_id     . 
_pdbx_modification_feature.modified_residue_label_asym_id     . 
_pdbx_modification_feature.modified_residue_label_seq_id      . 
_pdbx_modification_feature.modified_residue_label_alt_id      . 
_pdbx_modification_feature.auth_comp_id                       MSE 
_pdbx_modification_feature.auth_asym_id                       A 
_pdbx_modification_feature.auth_seq_id                        276 
_pdbx_modification_feature.PDB_ins_code                       ? 
_pdbx_modification_feature.symmetry                           1_555 
_pdbx_modification_feature.modified_residue_auth_comp_id      . 
_pdbx_modification_feature.modified_residue_auth_asym_id      . 
_pdbx_modification_feature.modified_residue_auth_seq_id       . 
_pdbx_modification_feature.modified_residue_PDB_ins_code      . 
_pdbx_modification_feature.modified_residue_symmetry          . 
_pdbx_modification_feature.comp_id_linking_atom               . 
_pdbx_modification_feature.modified_residue_id_linking_atom   . 
_pdbx_modification_feature.modified_residue_id                MET 
_pdbx_modification_feature.ref_pcm_id                         1 
_pdbx_modification_feature.ref_comp_id                        MSE 
_pdbx_modification_feature.type                               Selenomethionine 
_pdbx_modification_feature.category                           'Named protein modification' 
# 
loop_
_struct_sheet.id 
_struct_sheet.type 
_struct_sheet.number_strands 
_struct_sheet.details 
AA ? 4 ? 
AB ? 4 ? 
# 
loop_
_struct_sheet_order.sheet_id 
_struct_sheet_order.range_id_1 
_struct_sheet_order.range_id_2 
_struct_sheet_order.offset 
_struct_sheet_order.sense 
AA 1 2 ? anti-parallel 
AA 2 3 ? anti-parallel 
AA 3 4 ? anti-parallel 
AB 1 2 ? anti-parallel 
AB 2 3 ? anti-parallel 
AB 3 4 ? anti-parallel 
# 
loop_
_struct_sheet_range.sheet_id 
_struct_sheet_range.id 
_struct_sheet_range.beg_label_comp_id 
_struct_sheet_range.beg_label_asym_id 
_struct_sheet_range.beg_label_seq_id 
_struct_sheet_range.pdbx_beg_PDB_ins_code 
_struct_sheet_range.end_label_comp_id 
_struct_sheet_range.end_label_asym_id 
_struct_sheet_range.end_label_seq_id 
_struct_sheet_range.pdbx_end_PDB_ins_code 
_struct_sheet_range.beg_auth_comp_id 
_struct_sheet_range.beg_auth_asym_id 
_struct_sheet_range.beg_auth_seq_id 
_struct_sheet_range.end_auth_comp_id 
_struct_sheet_range.end_auth_asym_id 
_struct_sheet_range.end_auth_seq_id 
AA 1 ARG A 11  ? GLU A 15  ? ARG A 170 GLU A 174 
AA 2 THR A 152 ? SER A 159 ? THR A 311 SER A 318 
AA 3 PHE A 52  ? HIS A 60  ? PHE A 211 HIS A 219 
AA 4 ASN A 112 ? VAL A 118 ? ASN A 271 VAL A 277 
AB 1 PHE A 39  ? VAL A 43  ? PHE A 198 VAL A 202 
AB 2 GLY A 123 ? GLU A 131 ? GLY A 282 GLU A 290 
AB 3 PRO A 78  ? THR A 83  ? PRO A 237 THR A 242 
AB 4 LEU A 92  ? TYR A 95  ? LEU A 251 TYR A 254 
# 
loop_
_pdbx_struct_sheet_hbond.sheet_id 
_pdbx_struct_sheet_hbond.range_id_1 
_pdbx_struct_sheet_hbond.range_id_2 
_pdbx_struct_sheet_hbond.range_1_label_atom_id 
_pdbx_struct_sheet_hbond.range_1_label_comp_id 
_pdbx_struct_sheet_hbond.range_1_label_asym_id 
_pdbx_struct_sheet_hbond.range_1_label_seq_id 
_pdbx_struct_sheet_hbond.range_1_PDB_ins_code 
_pdbx_struct_sheet_hbond.range_1_auth_atom_id 
_pdbx_struct_sheet_hbond.range_1_auth_comp_id 
_pdbx_struct_sheet_hbond.range_1_auth_asym_id 
_pdbx_struct_sheet_hbond.range_1_auth_seq_id 
_pdbx_struct_sheet_hbond.range_2_label_atom_id 
_pdbx_struct_sheet_hbond.range_2_label_comp_id 
_pdbx_struct_sheet_hbond.range_2_label_asym_id 
_pdbx_struct_sheet_hbond.range_2_label_seq_id 
_pdbx_struct_sheet_hbond.range_2_PDB_ins_code 
_pdbx_struct_sheet_hbond.range_2_auth_atom_id 
_pdbx_struct_sheet_hbond.range_2_auth_comp_id 
_pdbx_struct_sheet_hbond.range_2_auth_asym_id 
_pdbx_struct_sheet_hbond.range_2_auth_seq_id 
AA 1 2 N PHE A 13  ? N PHE A 172 O VAL A 157 ? O VAL A 316 
AA 2 3 N TYR A 158 ? N TYR A 317 O LYS A 55  ? O LYS A 214 
AA 3 4 N VAL A 58  ? N VAL A 217 O ASN A 112 ? O ASN A 271 
AB 1 2 N VAL A 43  ? N VAL A 202 O GLY A 123 ? O GLY A 282 
AB 2 3 N VAL A 130 ? N VAL A 289 O ALA A 79  ? O ALA A 238 
AB 3 4 N ILE A 82  ? N ILE A 241 O ILE A 93  ? O ILE A 252 
# 
loop_
_struct_site.id 
_struct_site.pdbx_evidence_code 
_struct_site.pdbx_auth_asym_id 
_struct_site.pdbx_auth_comp_id 
_struct_site.pdbx_auth_seq_id 
_struct_site.pdbx_auth_ins_code 
_struct_site.pdbx_num_residues 
_struct_site.details 
AC1 Software ? ? ? ? 6 'BINDING SITE FOR RESIDUE CA A1328' 
AC2 Software ? ? ? ? 7 'BINDING SITE FOR RESIDUE CA A1329' 
# 
loop_
_struct_site_gen.id 
_struct_site_gen.site_id 
_struct_site_gen.pdbx_num_res 
_struct_site_gen.label_comp_id 
_struct_site_gen.label_asym_id 
_struct_site_gen.label_seq_id 
_struct_site_gen.pdbx_auth_ins_code 
_struct_site_gen.auth_comp_id 
_struct_site_gen.auth_asym_id 
_struct_site_gen.auth_seq_id 
_struct_site_gen.label_atom_id 
_struct_site_gen.label_alt_id 
_struct_site_gen.symmetry 
_struct_site_gen.details 
1  AC1 6 SER A 73  ? SER A 232  . ? 1_555 ? 
2  AC1 6 ASP A 135 ? ASP A 294  . ? 1_555 ? 
3  AC1 6 ASP A 137 ? ASP A 296  . ? 1_555 ? 
4  AC1 6 HOH D .   ? HOH A 2032 . ? 1_555 ? 
5  AC1 6 HOH D .   ? HOH A 2034 . ? 1_555 ? 
6  AC1 6 HOH D .   ? HOH A 2068 . ? 1_555 ? 
7  AC2 7 ASP A 7   ? ASP A 166  . ? 1_555 ? 
8  AC2 7 GLU A 9   ? GLU A 168  . ? 1_555 ? 
9  AC2 7 ASP A 110 ? ASP A 269  . ? 1_555 ? 
10 AC2 7 HOH D .   ? HOH A 2001 . ? 1_555 ? 
11 AC2 7 HOH D .   ? HOH A 2002 . ? 1_555 ? 
12 AC2 7 HOH D .   ? HOH A 2122 . ? 1_555 ? 
13 AC2 7 HOH D .   ? HOH A 2124 . ? 1_555 ? 
# 
_pdbx_entry_details.entry_id                   2VVD 
_pdbx_entry_details.compound_details           ? 
_pdbx_entry_details.source_details             ? 
_pdbx_entry_details.nonpolymer_details         ? 
_pdbx_entry_details.sequence_details           'FRAGMENT CLONED STARTS AT RESIDUE 159 AND STOPS AT 335' 
_pdbx_entry_details.has_ligand_of_interest     ? 
_pdbx_entry_details.has_protein_modification   Y 
# 
loop_
_pdbx_validate_torsion.id 
_pdbx_validate_torsion.PDB_model_num 
_pdbx_validate_torsion.auth_comp_id 
_pdbx_validate_torsion.auth_asym_id 
_pdbx_validate_torsion.auth_seq_id 
_pdbx_validate_torsion.PDB_ins_code 
_pdbx_validate_torsion.label_alt_id 
_pdbx_validate_torsion.phi 
_pdbx_validate_torsion.psi 
1 1 ASP A 225 ? ? 59.39   19.70  
2 1 LYS A 236 ? ? -160.35 86.23  
3 1 SER A 256 ? ? -144.95 -29.43 
4 1 TYR A 306 ? ? 74.65   -0.60  
# 
_pdbx_struct_mod_residue.id               1 
_pdbx_struct_mod_residue.label_asym_id    A 
_pdbx_struct_mod_residue.label_comp_id    MSE 
_pdbx_struct_mod_residue.label_seq_id     117 
_pdbx_struct_mod_residue.auth_asym_id     A 
_pdbx_struct_mod_residue.auth_comp_id     MSE 
_pdbx_struct_mod_residue.auth_seq_id      276 
_pdbx_struct_mod_residue.PDB_ins_code     ? 
_pdbx_struct_mod_residue.parent_comp_id   MET 
_pdbx_struct_mod_residue.details          SELENOMETHIONINE 
# 
loop_
_pdbx_unobs_or_zero_occ_residues.id 
_pdbx_unobs_or_zero_occ_residues.PDB_model_num 
_pdbx_unobs_or_zero_occ_residues.polymer_flag 
_pdbx_unobs_or_zero_occ_residues.occupancy_flag 
_pdbx_unobs_or_zero_occ_residues.auth_asym_id 
_pdbx_unobs_or_zero_occ_residues.auth_comp_id 
_pdbx_unobs_or_zero_occ_residues.auth_seq_id 
_pdbx_unobs_or_zero_occ_residues.PDB_ins_code 
_pdbx_unobs_or_zero_occ_residues.label_asym_id 
_pdbx_unobs_or_zero_occ_residues.label_comp_id 
_pdbx_unobs_or_zero_occ_residues.label_seq_id 
1  1 Y 1 A VAL 160 ? A VAL 1   
2  1 Y 1 A ASN 161 ? A ASN 2   
3  1 Y 1 A TYR 162 ? A TYR 3   
4  1 Y 1 A TRP 163 ? A TRP 4   
5  1 Y 1 A VAL 164 ? A VAL 5   
6  1 Y 1 A SER 165 ? A SER 6   
7  1 Y 1 A TYR 328 ? A TYR 169 
8  1 Y 1 A ALA 329 ? A ALA 170 
9  1 Y 1 A GLN 330 ? A GLN 171 
10 1 Y 1 A ILE 331 ? A ILE 172 
11 1 Y 1 A LEU 332 ? A LEU 173 
12 1 Y 1 A MSE 333 ? A MSE 174 
13 1 Y 1 A GLU 334 ? A GLU 175 
14 1 Y 1 A ARG 335 ? A ARG 176 
15 1 Y 1 A THR 336 ? A THR 177 
# 
loop_
_chem_comp_atom.comp_id 
_chem_comp_atom.atom_id 
_chem_comp_atom.type_symbol 
_chem_comp_atom.pdbx_aromatic_flag 
_chem_comp_atom.pdbx_stereo_config 
_chem_comp_atom.pdbx_ordinal 
ALA N    N  N N 1   
ALA CA   C  N S 2   
ALA C    C  N N 3   
ALA O    O  N N 4   
ALA CB   C  N N 5   
ALA OXT  O  N N 6   
ALA H    H  N N 7   
ALA H2   H  N N 8   
ALA HA   H  N N 9   
ALA HB1  H  N N 10  
ALA HB2  H  N N 11  
ALA HB3  H  N N 12  
ALA HXT  H  N N 13  
ARG N    N  N N 14  
ARG CA   C  N S 15  
ARG C    C  N N 16  
ARG O    O  N N 17  
ARG CB   C  N N 18  
ARG CG   C  N N 19  
ARG CD   C  N N 20  
ARG NE   N  N N 21  
ARG CZ   C  N N 22  
ARG NH1  N  N N 23  
ARG NH2  N  N N 24  
ARG OXT  O  N N 25  
ARG H    H  N N 26  
ARG H2   H  N N 27  
ARG HA   H  N N 28  
ARG HB2  H  N N 29  
ARG HB3  H  N N 30  
ARG HG2  H  N N 31  
ARG HG3  H  N N 32  
ARG HD2  H  N N 33  
ARG HD3  H  N N 34  
ARG HE   H  N N 35  
ARG HH11 H  N N 36  
ARG HH12 H  N N 37  
ARG HH21 H  N N 38  
ARG HH22 H  N N 39  
ARG HXT  H  N N 40  
ASN N    N  N N 41  
ASN CA   C  N S 42  
ASN C    C  N N 43  
ASN O    O  N N 44  
ASN CB   C  N N 45  
ASN CG   C  N N 46  
ASN OD1  O  N N 47  
ASN ND2  N  N N 48  
ASN OXT  O  N N 49  
ASN H    H  N N 50  
ASN H2   H  N N 51  
ASN HA   H  N N 52  
ASN HB2  H  N N 53  
ASN HB3  H  N N 54  
ASN HD21 H  N N 55  
ASN HD22 H  N N 56  
ASN HXT  H  N N 57  
ASP N    N  N N 58  
ASP CA   C  N S 59  
ASP C    C  N N 60  
ASP O    O  N N 61  
ASP CB   C  N N 62  
ASP CG   C  N N 63  
ASP OD1  O  N N 64  
ASP OD2  O  N N 65  
ASP OXT  O  N N 66  
ASP H    H  N N 67  
ASP H2   H  N N 68  
ASP HA   H  N N 69  
ASP HB2  H  N N 70  
ASP HB3  H  N N 71  
ASP HD2  H  N N 72  
ASP HXT  H  N N 73  
CA  CA   CA N N 74  
GLN N    N  N N 75  
GLN CA   C  N S 76  
GLN C    C  N N 77  
GLN O    O  N N 78  
GLN CB   C  N N 79  
GLN CG   C  N N 80  
GLN CD   C  N N 81  
GLN OE1  O  N N 82  
GLN NE2  N  N N 83  
GLN OXT  O  N N 84  
GLN H    H  N N 85  
GLN H2   H  N N 86  
GLN HA   H  N N 87  
GLN HB2  H  N N 88  
GLN HB3  H  N N 89  
GLN HG2  H  N N 90  
GLN HG3  H  N N 91  
GLN HE21 H  N N 92  
GLN HE22 H  N N 93  
GLN HXT  H  N N 94  
GLU N    N  N N 95  
GLU CA   C  N S 96  
GLU C    C  N N 97  
GLU O    O  N N 98  
GLU CB   C  N N 99  
GLU CG   C  N N 100 
GLU CD   C  N N 101 
GLU OE1  O  N N 102 
GLU OE2  O  N N 103 
GLU OXT  O  N N 104 
GLU H    H  N N 105 
GLU H2   H  N N 106 
GLU HA   H  N N 107 
GLU HB2  H  N N 108 
GLU HB3  H  N N 109 
GLU HG2  H  N N 110 
GLU HG3  H  N N 111 
GLU HE2  H  N N 112 
GLU HXT  H  N N 113 
GLY N    N  N N 114 
GLY CA   C  N N 115 
GLY C    C  N N 116 
GLY O    O  N N 117 
GLY OXT  O  N N 118 
GLY H    H  N N 119 
GLY H2   H  N N 120 
GLY HA2  H  N N 121 
GLY HA3  H  N N 122 
GLY HXT  H  N N 123 
HIS N    N  N N 124 
HIS CA   C  N S 125 
HIS C    C  N N 126 
HIS O    O  N N 127 
HIS CB   C  N N 128 
HIS CG   C  Y N 129 
HIS ND1  N  Y N 130 
HIS CD2  C  Y N 131 
HIS CE1  C  Y N 132 
HIS NE2  N  Y N 133 
HIS OXT  O  N N 134 
HIS H    H  N N 135 
HIS H2   H  N N 136 
HIS HA   H  N N 137 
HIS HB2  H  N N 138 
HIS HB3  H  N N 139 
HIS HD1  H  N N 140 
HIS HD2  H  N N 141 
HIS HE1  H  N N 142 
HIS HE2  H  N N 143 
HIS HXT  H  N N 144 
HOH O    O  N N 145 
HOH H1   H  N N 146 
HOH H2   H  N N 147 
ILE N    N  N N 148 
ILE CA   C  N S 149 
ILE C    C  N N 150 
ILE O    O  N N 151 
ILE CB   C  N S 152 
ILE CG1  C  N N 153 
ILE CG2  C  N N 154 
ILE CD1  C  N N 155 
ILE OXT  O  N N 156 
ILE H    H  N N 157 
ILE H2   H  N N 158 
ILE HA   H  N N 159 
ILE HB   H  N N 160 
ILE HG12 H  N N 161 
ILE HG13 H  N N 162 
ILE HG21 H  N N 163 
ILE HG22 H  N N 164 
ILE HG23 H  N N 165 
ILE HD11 H  N N 166 
ILE HD12 H  N N 167 
ILE HD13 H  N N 168 
ILE HXT  H  N N 169 
LEU N    N  N N 170 
LEU CA   C  N S 171 
LEU C    C  N N 172 
LEU O    O  N N 173 
LEU CB   C  N N 174 
LEU CG   C  N N 175 
LEU CD1  C  N N 176 
LEU CD2  C  N N 177 
LEU OXT  O  N N 178 
LEU H    H  N N 179 
LEU H2   H  N N 180 
LEU HA   H  N N 181 
LEU HB2  H  N N 182 
LEU HB3  H  N N 183 
LEU HG   H  N N 184 
LEU HD11 H  N N 185 
LEU HD12 H  N N 186 
LEU HD13 H  N N 187 
LEU HD21 H  N N 188 
LEU HD22 H  N N 189 
LEU HD23 H  N N 190 
LEU HXT  H  N N 191 
LYS N    N  N N 192 
LYS CA   C  N S 193 
LYS C    C  N N 194 
LYS O    O  N N 195 
LYS CB   C  N N 196 
LYS CG   C  N N 197 
LYS CD   C  N N 198 
LYS CE   C  N N 199 
LYS NZ   N  N N 200 
LYS OXT  O  N N 201 
LYS H    H  N N 202 
LYS H2   H  N N 203 
LYS HA   H  N N 204 
LYS HB2  H  N N 205 
LYS HB3  H  N N 206 
LYS HG2  H  N N 207 
LYS HG3  H  N N 208 
LYS HD2  H  N N 209 
LYS HD3  H  N N 210 
LYS HE2  H  N N 211 
LYS HE3  H  N N 212 
LYS HZ1  H  N N 213 
LYS HZ2  H  N N 214 
LYS HZ3  H  N N 215 
LYS HXT  H  N N 216 
MSE N    N  N N 217 
MSE CA   C  N S 218 
MSE C    C  N N 219 
MSE O    O  N N 220 
MSE OXT  O  N N 221 
MSE CB   C  N N 222 
MSE CG   C  N N 223 
MSE SE   SE N N 224 
MSE CE   C  N N 225 
MSE H    H  N N 226 
MSE H2   H  N N 227 
MSE HA   H  N N 228 
MSE HXT  H  N N 229 
MSE HB2  H  N N 230 
MSE HB3  H  N N 231 
MSE HG2  H  N N 232 
MSE HG3  H  N N 233 
MSE HE1  H  N N 234 
MSE HE2  H  N N 235 
MSE HE3  H  N N 236 
PHE N    N  N N 237 
PHE CA   C  N S 238 
PHE C    C  N N 239 
PHE O    O  N N 240 
PHE CB   C  N N 241 
PHE CG   C  Y N 242 
PHE CD1  C  Y N 243 
PHE CD2  C  Y N 244 
PHE CE1  C  Y N 245 
PHE CE2  C  Y N 246 
PHE CZ   C  Y N 247 
PHE OXT  O  N N 248 
PHE H    H  N N 249 
PHE H2   H  N N 250 
PHE HA   H  N N 251 
PHE HB2  H  N N 252 
PHE HB3  H  N N 253 
PHE HD1  H  N N 254 
PHE HD2  H  N N 255 
PHE HE1  H  N N 256 
PHE HE2  H  N N 257 
PHE HZ   H  N N 258 
PHE HXT  H  N N 259 
PRO N    N  N N 260 
PRO CA   C  N S 261 
PRO C    C  N N 262 
PRO O    O  N N 263 
PRO CB   C  N N 264 
PRO CG   C  N N 265 
PRO CD   C  N N 266 
PRO OXT  O  N N 267 
PRO H    H  N N 268 
PRO HA   H  N N 269 
PRO HB2  H  N N 270 
PRO HB3  H  N N 271 
PRO HG2  H  N N 272 
PRO HG3  H  N N 273 
PRO HD2  H  N N 274 
PRO HD3  H  N N 275 
PRO HXT  H  N N 276 
SER N    N  N N 277 
SER CA   C  N S 278 
SER C    C  N N 279 
SER O    O  N N 280 
SER CB   C  N N 281 
SER OG   O  N N 282 
SER OXT  O  N N 283 
SER H    H  N N 284 
SER H2   H  N N 285 
SER HA   H  N N 286 
SER HB2  H  N N 287 
SER HB3  H  N N 288 
SER HG   H  N N 289 
SER HXT  H  N N 290 
THR N    N  N N 291 
THR CA   C  N S 292 
THR C    C  N N 293 
THR O    O  N N 294 
THR CB   C  N R 295 
THR OG1  O  N N 296 
THR CG2  C  N N 297 
THR OXT  O  N N 298 
THR H    H  N N 299 
THR H2   H  N N 300 
THR HA   H  N N 301 
THR HB   H  N N 302 
THR HG1  H  N N 303 
THR HG21 H  N N 304 
THR HG22 H  N N 305 
THR HG23 H  N N 306 
THR HXT  H  N N 307 
TRP N    N  N N 308 
TRP CA   C  N S 309 
TRP C    C  N N 310 
TRP O    O  N N 311 
TRP CB   C  N N 312 
TRP CG   C  Y N 313 
TRP CD1  C  Y N 314 
TRP CD2  C  Y N 315 
TRP NE1  N  Y N 316 
TRP CE2  C  Y N 317 
TRP CE3  C  Y N 318 
TRP CZ2  C  Y N 319 
TRP CZ3  C  Y N 320 
TRP CH2  C  Y N 321 
TRP OXT  O  N N 322 
TRP H    H  N N 323 
TRP H2   H  N N 324 
TRP HA   H  N N 325 
TRP HB2  H  N N 326 
TRP HB3  H  N N 327 
TRP HD1  H  N N 328 
TRP HE1  H  N N 329 
TRP HE3  H  N N 330 
TRP HZ2  H  N N 331 
TRP HZ3  H  N N 332 
TRP HH2  H  N N 333 
TRP HXT  H  N N 334 
TYR N    N  N N 335 
TYR CA   C  N S 336 
TYR C    C  N N 337 
TYR O    O  N N 338 
TYR CB   C  N N 339 
TYR CG   C  Y N 340 
TYR CD1  C  Y N 341 
TYR CD2  C  Y N 342 
TYR CE1  C  Y N 343 
TYR CE2  C  Y N 344 
TYR CZ   C  Y N 345 
TYR OH   O  N N 346 
TYR OXT  O  N N 347 
TYR H    H  N N 348 
TYR H2   H  N N 349 
TYR HA   H  N N 350 
TYR HB2  H  N N 351 
TYR HB3  H  N N 352 
TYR HD1  H  N N 353 
TYR HD2  H  N N 354 
TYR HE1  H  N N 355 
TYR HE2  H  N N 356 
TYR HH   H  N N 357 
TYR HXT  H  N N 358 
VAL N    N  N N 359 
VAL CA   C  N S 360 
VAL C    C  N N 361 
VAL O    O  N N 362 
VAL CB   C  N N 363 
VAL CG1  C  N N 364 
VAL CG2  C  N N 365 
VAL OXT  O  N N 366 
VAL H    H  N N 367 
VAL H2   H  N N 368 
VAL HA   H  N N 369 
VAL HB   H  N N 370 
VAL HG11 H  N N 371 
VAL HG12 H  N N 372 
VAL HG13 H  N N 373 
VAL HG21 H  N N 374 
VAL HG22 H  N N 375 
VAL HG23 H  N N 376 
VAL HXT  H  N N 377 
# 
loop_
_chem_comp_bond.comp_id 
_chem_comp_bond.atom_id_1 
_chem_comp_bond.atom_id_2 
_chem_comp_bond.value_order 
_chem_comp_bond.pdbx_aromatic_flag 
_chem_comp_bond.pdbx_stereo_config 
_chem_comp_bond.pdbx_ordinal 
ALA N   CA   sing N N 1   
ALA N   H    sing N N 2   
ALA N   H2   sing N N 3   
ALA CA  C    sing N N 4   
ALA CA  CB   sing N N 5   
ALA CA  HA   sing N N 6   
ALA C   O    doub N N 7   
ALA C   OXT  sing N N 8   
ALA CB  HB1  sing N N 9   
ALA CB  HB2  sing N N 10  
ALA CB  HB3  sing N N 11  
ALA OXT HXT  sing N N 12  
ARG N   CA   sing N N 13  
ARG N   H    sing N N 14  
ARG N   H2   sing N N 15  
ARG CA  C    sing N N 16  
ARG CA  CB   sing N N 17  
ARG CA  HA   sing N N 18  
ARG C   O    doub N N 19  
ARG C   OXT  sing N N 20  
ARG CB  CG   sing N N 21  
ARG CB  HB2  sing N N 22  
ARG CB  HB3  sing N N 23  
ARG CG  CD   sing N N 24  
ARG CG  HG2  sing N N 25  
ARG CG  HG3  sing N N 26  
ARG CD  NE   sing N N 27  
ARG CD  HD2  sing N N 28  
ARG CD  HD3  sing N N 29  
ARG NE  CZ   sing N N 30  
ARG NE  HE   sing N N 31  
ARG CZ  NH1  sing N N 32  
ARG CZ  NH2  doub N N 33  
ARG NH1 HH11 sing N N 34  
ARG NH1 HH12 sing N N 35  
ARG NH2 HH21 sing N N 36  
ARG NH2 HH22 sing N N 37  
ARG OXT HXT  sing N N 38  
ASN N   CA   sing N N 39  
ASN N   H    sing N N 40  
ASN N   H2   sing N N 41  
ASN CA  C    sing N N 42  
ASN CA  CB   sing N N 43  
ASN CA  HA   sing N N 44  
ASN C   O    doub N N 45  
ASN C   OXT  sing N N 46  
ASN CB  CG   sing N N 47  
ASN CB  HB2  sing N N 48  
ASN CB  HB3  sing N N 49  
ASN CG  OD1  doub N N 50  
ASN CG  ND2  sing N N 51  
ASN ND2 HD21 sing N N 52  
ASN ND2 HD22 sing N N 53  
ASN OXT HXT  sing N N 54  
ASP N   CA   sing N N 55  
ASP N   H    sing N N 56  
ASP N   H2   sing N N 57  
ASP CA  C    sing N N 58  
ASP CA  CB   sing N N 59  
ASP CA  HA   sing N N 60  
ASP C   O    doub N N 61  
ASP C   OXT  sing N N 62  
ASP CB  CG   sing N N 63  
ASP CB  HB2  sing N N 64  
ASP CB  HB3  sing N N 65  
ASP CG  OD1  doub N N 66  
ASP CG  OD2  sing N N 67  
ASP OD2 HD2  sing N N 68  
ASP OXT HXT  sing N N 69  
GLN N   CA   sing N N 70  
GLN N   H    sing N N 71  
GLN N   H2   sing N N 72  
GLN CA  C    sing N N 73  
GLN CA  CB   sing N N 74  
GLN CA  HA   sing N N 75  
GLN C   O    doub N N 76  
GLN C   OXT  sing N N 77  
GLN CB  CG   sing N N 78  
GLN CB  HB2  sing N N 79  
GLN CB  HB3  sing N N 80  
GLN CG  CD   sing N N 81  
GLN CG  HG2  sing N N 82  
GLN CG  HG3  sing N N 83  
GLN CD  OE1  doub N N 84  
GLN CD  NE2  sing N N 85  
GLN NE2 HE21 sing N N 86  
GLN NE2 HE22 sing N N 87  
GLN OXT HXT  sing N N 88  
GLU N   CA   sing N N 89  
GLU N   H    sing N N 90  
GLU N   H2   sing N N 91  
GLU CA  C    sing N N 92  
GLU CA  CB   sing N N 93  
GLU CA  HA   sing N N 94  
GLU C   O    doub N N 95  
GLU C   OXT  sing N N 96  
GLU CB  CG   sing N N 97  
GLU CB  HB2  sing N N 98  
GLU CB  HB3  sing N N 99  
GLU CG  CD   sing N N 100 
GLU CG  HG2  sing N N 101 
GLU CG  HG3  sing N N 102 
GLU CD  OE1  doub N N 103 
GLU CD  OE2  sing N N 104 
GLU OE2 HE2  sing N N 105 
GLU OXT HXT  sing N N 106 
GLY N   CA   sing N N 107 
GLY N   H    sing N N 108 
GLY N   H2   sing N N 109 
GLY CA  C    sing N N 110 
GLY CA  HA2  sing N N 111 
GLY CA  HA3  sing N N 112 
GLY C   O    doub N N 113 
GLY C   OXT  sing N N 114 
GLY OXT HXT  sing N N 115 
HIS N   CA   sing N N 116 
HIS N   H    sing N N 117 
HIS N   H2   sing N N 118 
HIS CA  C    sing N N 119 
HIS CA  CB   sing N N 120 
HIS CA  HA   sing N N 121 
HIS C   O    doub N N 122 
HIS C   OXT  sing N N 123 
HIS CB  CG   sing N N 124 
HIS CB  HB2  sing N N 125 
HIS CB  HB3  sing N N 126 
HIS CG  ND1  sing Y N 127 
HIS CG  CD2  doub Y N 128 
HIS ND1 CE1  doub Y N 129 
HIS ND1 HD1  sing N N 130 
HIS CD2 NE2  sing Y N 131 
HIS CD2 HD2  sing N N 132 
HIS CE1 NE2  sing Y N 133 
HIS CE1 HE1  sing N N 134 
HIS NE2 HE2  sing N N 135 
HIS OXT HXT  sing N N 136 
HOH O   H1   sing N N 137 
HOH O   H2   sing N N 138 
ILE N   CA   sing N N 139 
ILE N   H    sing N N 140 
ILE N   H2   sing N N 141 
ILE CA  C    sing N N 142 
ILE CA  CB   sing N N 143 
ILE CA  HA   sing N N 144 
ILE C   O    doub N N 145 
ILE C   OXT  sing N N 146 
ILE CB  CG1  sing N N 147 
ILE CB  CG2  sing N N 148 
ILE CB  HB   sing N N 149 
ILE CG1 CD1  sing N N 150 
ILE CG1 HG12 sing N N 151 
ILE CG1 HG13 sing N N 152 
ILE CG2 HG21 sing N N 153 
ILE CG2 HG22 sing N N 154 
ILE CG2 HG23 sing N N 155 
ILE CD1 HD11 sing N N 156 
ILE CD1 HD12 sing N N 157 
ILE CD1 HD13 sing N N 158 
ILE OXT HXT  sing N N 159 
LEU N   CA   sing N N 160 
LEU N   H    sing N N 161 
LEU N   H2   sing N N 162 
LEU CA  C    sing N N 163 
LEU CA  CB   sing N N 164 
LEU CA  HA   sing N N 165 
LEU C   O    doub N N 166 
LEU C   OXT  sing N N 167 
LEU CB  CG   sing N N 168 
LEU CB  HB2  sing N N 169 
LEU CB  HB3  sing N N 170 
LEU CG  CD1  sing N N 171 
LEU CG  CD2  sing N N 172 
LEU CG  HG   sing N N 173 
LEU CD1 HD11 sing N N 174 
LEU CD1 HD12 sing N N 175 
LEU CD1 HD13 sing N N 176 
LEU CD2 HD21 sing N N 177 
LEU CD2 HD22 sing N N 178 
LEU CD2 HD23 sing N N 179 
LEU OXT HXT  sing N N 180 
LYS N   CA   sing N N 181 
LYS N   H    sing N N 182 
LYS N   H2   sing N N 183 
LYS CA  C    sing N N 184 
LYS CA  CB   sing N N 185 
LYS CA  HA   sing N N 186 
LYS C   O    doub N N 187 
LYS C   OXT  sing N N 188 
LYS CB  CG   sing N N 189 
LYS CB  HB2  sing N N 190 
LYS CB  HB3  sing N N 191 
LYS CG  CD   sing N N 192 
LYS CG  HG2  sing N N 193 
LYS CG  HG3  sing N N 194 
LYS CD  CE   sing N N 195 
LYS CD  HD2  sing N N 196 
LYS CD  HD3  sing N N 197 
LYS CE  NZ   sing N N 198 
LYS CE  HE2  sing N N 199 
LYS CE  HE3  sing N N 200 
LYS NZ  HZ1  sing N N 201 
LYS NZ  HZ2  sing N N 202 
LYS NZ  HZ3  sing N N 203 
LYS OXT HXT  sing N N 204 
MSE N   CA   sing N N 205 
MSE N   H    sing N N 206 
MSE N   H2   sing N N 207 
MSE CA  C    sing N N 208 
MSE CA  CB   sing N N 209 
MSE CA  HA   sing N N 210 
MSE C   O    doub N N 211 
MSE C   OXT  sing N N 212 
MSE OXT HXT  sing N N 213 
MSE CB  CG   sing N N 214 
MSE CB  HB2  sing N N 215 
MSE CB  HB3  sing N N 216 
MSE CG  SE   sing N N 217 
MSE CG  HG2  sing N N 218 
MSE CG  HG3  sing N N 219 
MSE SE  CE   sing N N 220 
MSE CE  HE1  sing N N 221 
MSE CE  HE2  sing N N 222 
MSE CE  HE3  sing N N 223 
PHE N   CA   sing N N 224 
PHE N   H    sing N N 225 
PHE N   H2   sing N N 226 
PHE CA  C    sing N N 227 
PHE CA  CB   sing N N 228 
PHE CA  HA   sing N N 229 
PHE C   O    doub N N 230 
PHE C   OXT  sing N N 231 
PHE CB  CG   sing N N 232 
PHE CB  HB2  sing N N 233 
PHE CB  HB3  sing N N 234 
PHE CG  CD1  doub Y N 235 
PHE CG  CD2  sing Y N 236 
PHE CD1 CE1  sing Y N 237 
PHE CD1 HD1  sing N N 238 
PHE CD2 CE2  doub Y N 239 
PHE CD2 HD2  sing N N 240 
PHE CE1 CZ   doub Y N 241 
PHE CE1 HE1  sing N N 242 
PHE CE2 CZ   sing Y N 243 
PHE CE2 HE2  sing N N 244 
PHE CZ  HZ   sing N N 245 
PHE OXT HXT  sing N N 246 
PRO N   CA   sing N N 247 
PRO N   CD   sing N N 248 
PRO N   H    sing N N 249 
PRO CA  C    sing N N 250 
PRO CA  CB   sing N N 251 
PRO CA  HA   sing N N 252 
PRO C   O    doub N N 253 
PRO C   OXT  sing N N 254 
PRO CB  CG   sing N N 255 
PRO CB  HB2  sing N N 256 
PRO CB  HB3  sing N N 257 
PRO CG  CD   sing N N 258 
PRO CG  HG2  sing N N 259 
PRO CG  HG3  sing N N 260 
PRO CD  HD2  sing N N 261 
PRO CD  HD3  sing N N 262 
PRO OXT HXT  sing N N 263 
SER N   CA   sing N N 264 
SER N   H    sing N N 265 
SER N   H2   sing N N 266 
SER CA  C    sing N N 267 
SER CA  CB   sing N N 268 
SER CA  HA   sing N N 269 
SER C   O    doub N N 270 
SER C   OXT  sing N N 271 
SER CB  OG   sing N N 272 
SER CB  HB2  sing N N 273 
SER CB  HB3  sing N N 274 
SER OG  HG   sing N N 275 
SER OXT HXT  sing N N 276 
THR N   CA   sing N N 277 
THR N   H    sing N N 278 
THR N   H2   sing N N 279 
THR CA  C    sing N N 280 
THR CA  CB   sing N N 281 
THR CA  HA   sing N N 282 
THR C   O    doub N N 283 
THR C   OXT  sing N N 284 
THR CB  OG1  sing N N 285 
THR CB  CG2  sing N N 286 
THR CB  HB   sing N N 287 
THR OG1 HG1  sing N N 288 
THR CG2 HG21 sing N N 289 
THR CG2 HG22 sing N N 290 
THR CG2 HG23 sing N N 291 
THR OXT HXT  sing N N 292 
TRP N   CA   sing N N 293 
TRP N   H    sing N N 294 
TRP N   H2   sing N N 295 
TRP CA  C    sing N N 296 
TRP CA  CB   sing N N 297 
TRP CA  HA   sing N N 298 
TRP C   O    doub N N 299 
TRP C   OXT  sing N N 300 
TRP CB  CG   sing N N 301 
TRP CB  HB2  sing N N 302 
TRP CB  HB3  sing N N 303 
TRP CG  CD1  doub Y N 304 
TRP CG  CD2  sing Y N 305 
TRP CD1 NE1  sing Y N 306 
TRP CD1 HD1  sing N N 307 
TRP CD2 CE2  doub Y N 308 
TRP CD2 CE3  sing Y N 309 
TRP NE1 CE2  sing Y N 310 
TRP NE1 HE1  sing N N 311 
TRP CE2 CZ2  sing Y N 312 
TRP CE3 CZ3  doub Y N 313 
TRP CE3 HE3  sing N N 314 
TRP CZ2 CH2  doub Y N 315 
TRP CZ2 HZ2  sing N N 316 
TRP CZ3 CH2  sing Y N 317 
TRP CZ3 HZ3  sing N N 318 
TRP CH2 HH2  sing N N 319 
TRP OXT HXT  sing N N 320 
TYR N   CA   sing N N 321 
TYR N   H    sing N N 322 
TYR N   H2   sing N N 323 
TYR CA  C    sing N N 324 
TYR CA  CB   sing N N 325 
TYR CA  HA   sing N N 326 
TYR C   O    doub N N 327 
TYR C   OXT  sing N N 328 
TYR CB  CG   sing N N 329 
TYR CB  HB2  sing N N 330 
TYR CB  HB3  sing N N 331 
TYR CG  CD1  doub Y N 332 
TYR CG  CD2  sing Y N 333 
TYR CD1 CE1  sing Y N 334 
TYR CD1 HD1  sing N N 335 
TYR CD2 CE2  doub Y N 336 
TYR CD2 HD2  sing N N 337 
TYR CE1 CZ   doub Y N 338 
TYR CE1 HE1  sing N N 339 
TYR CE2 CZ   sing Y N 340 
TYR CE2 HE2  sing N N 341 
TYR CZ  OH   sing N N 342 
TYR OH  HH   sing N N 343 
TYR OXT HXT  sing N N 344 
VAL N   CA   sing N N 345 
VAL N   H    sing N N 346 
VAL N   H2   sing N N 347 
VAL CA  C    sing N N 348 
VAL CA  CB   sing N N 349 
VAL CA  HA   sing N N 350 
VAL C   O    doub N N 351 
VAL C   OXT  sing N N 352 
VAL CB  CG1  sing N N 353 
VAL CB  CG2  sing N N 354 
VAL CB  HB   sing N N 355 
VAL CG1 HG11 sing N N 356 
VAL CG1 HG12 sing N N 357 
VAL CG1 HG13 sing N N 358 
VAL CG2 HG21 sing N N 359 
VAL CG2 HG22 sing N N 360 
VAL CG2 HG23 sing N N 361 
VAL OXT HXT  sing N N 362 
# 
_atom_sites.entry_id                    2VVD 
_atom_sites.fract_transf_matrix[1][1]   -0.00853175 
_atom_sites.fract_transf_matrix[1][2]   -0.00278008 
_atom_sites.fract_transf_matrix[1][3]   -0.02108175 
_atom_sites.fract_transf_matrix[2][1]   0.01398465 
_atom_sites.fract_transf_matrix[2][2]   0.01287791 
_atom_sites.fract_transf_matrix[2][3]   -0.00735779 
_atom_sites.fract_transf_matrix[3][1]   0.00866029 
_atom_sites.fract_transf_matrix[3][2]   -0.01060780 
_atom_sites.fract_transf_matrix[3][3]   -0.00210594 
_atom_sites.fract_transf_vector[1]      0.968984 
_atom_sites.fract_transf_vector[2]      -0.032432 
_atom_sites.fract_transf_vector[3]      0.033125 
# 
loop_
_atom_type.symbol 
C  
CA 
N  
O  
SE 
# 
loop_
_atom_site.group_PDB 
_atom_site.id 
_atom_site.type_symbol 
_atom_site.label_atom_id 
_atom_site.label_alt_id 
_atom_site.label_comp_id 
_atom_site.label_asym_id 
_atom_site.label_entity_id 
_atom_site.label_seq_id 
_atom_site.pdbx_PDB_ins_code 
_atom_site.Cartn_x 
_atom_site.Cartn_y 
_atom_site.Cartn_z 
_atom_site.occupancy 
_atom_site.B_iso_or_equiv 
_atom_site.pdbx_formal_charge 
_atom_site.auth_seq_id 
_atom_site.auth_comp_id 
_atom_site.auth_asym_id 
_atom_site.auth_atom_id 
_atom_site.pdbx_PDB_model_num 
ATOM   1    N  N   . ASP A 1 7   ? 26.511  3.335   -6.260  1.00 28.60 ? 166  ASP A N   1 
ATOM   2    C  CA  . ASP A 1 7   ? 25.456  3.039   -5.249  1.00 28.33 ? 166  ASP A CA  1 
ATOM   3    C  C   . ASP A 1 7   ? 24.059  3.171   -5.845  1.00 28.03 ? 166  ASP A C   1 
ATOM   4    O  O   . ASP A 1 7   ? 23.743  4.187   -6.468  1.00 28.12 ? 166  ASP A O   1 
ATOM   5    C  CB  . ASP A 1 7   ? 25.597  3.985   -4.055  1.00 28.56 ? 166  ASP A CB  1 
ATOM   6    N  N   . GLU A 1 8   ? 23.232  2.143   -5.641  1.00 27.41 ? 167  GLU A N   1 
ATOM   7    C  CA  . GLU A 1 8   ? 21.812  2.204   -5.959  1.00 26.68 ? 167  GLU A CA  1 
ATOM   8    C  C   . GLU A 1 8   ? 21.073  2.709   -4.715  1.00 26.27 ? 167  GLU A C   1 
ATOM   9    O  O   . GLU A 1 8   ? 20.729  1.928   -3.826  1.00 26.40 ? 167  GLU A O   1 
ATOM   10   C  CB  . GLU A 1 8   ? 21.287  0.827   -6.393  1.00 26.56 ? 167  GLU A CB  1 
ATOM   11   C  CG  . GLU A 1 8   ? 19.791  0.810   -6.733  1.00 26.33 ? 167  GLU A CG  1 
ATOM   12   C  CD  . GLU A 1 8   ? 19.308  -0.497  -7.355  1.00 26.64 ? 167  GLU A CD  1 
ATOM   13   O  OE1 . GLU A 1 8   ? 20.081  -1.153  -8.087  1.00 26.53 ? 167  GLU A OE1 1 
ATOM   14   O  OE2 . GLU A 1 8   ? 18.134  -0.858  -7.126  1.00 26.53 ? 167  GLU A OE2 1 
ATOM   15   N  N   . GLU A 1 9   ? 20.844  4.018   -4.648  1.00 25.51 ? 168  GLU A N   1 
ATOM   16   C  CA  . GLU A 1 9   ? 20.247  4.626   -3.456  1.00 24.98 ? 168  GLU A CA  1 
ATOM   17   C  C   . GLU A 1 9   ? 18.768  4.246   -3.290  1.00 24.40 ? 168  GLU A C   1 
ATOM   18   O  O   . GLU A 1 9   ? 18.049  4.020   -4.268  1.00 24.16 ? 168  GLU A O   1 
ATOM   19   C  CB  . GLU A 1 9   ? 20.400  6.155   -3.475  1.00 24.97 ? 168  GLU A CB  1 
ATOM   20   C  CG  . GLU A 1 9   ? 21.847  6.651   -3.327  1.00 25.01 ? 168  GLU A CG  1 
ATOM   21   C  CD  . GLU A 1 9   ? 22.576  6.847   -4.654  1.00 25.03 ? 168  GLU A CD  1 
ATOM   22   O  OE1 . GLU A 1 9   ? 22.004  6.548   -5.722  1.00 24.84 ? 168  GLU A OE1 1 
ATOM   23   O  OE2 . GLU A 1 9   ? 23.736  7.309   -4.624  1.00 25.69 ? 168  GLU A OE2 1 
ATOM   24   N  N   . ILE A 1 10  ? 18.337  4.165   -2.037  1.00 23.85 ? 169  ILE A N   1 
ATOM   25   C  CA  . ILE A 1 10  ? 16.949  3.881   -1.693  1.00 23.65 ? 169  ILE A CA  1 
ATOM   26   C  C   . ILE A 1 10  ? 16.491  4.914   -0.676  1.00 23.41 ? 169  ILE A C   1 
ATOM   27   O  O   . ILE A 1 10  ? 17.084  5.041   0.396   1.00 23.40 ? 169  ILE A O   1 
ATOM   28   C  CB  . ILE A 1 10  ? 16.775  2.465   -1.085  1.00 23.60 ? 169  ILE A CB  1 
ATOM   29   C  CG1 . ILE A 1 10  ? 17.315  1.386   -2.035  1.00 23.87 ? 169  ILE A CG1 1 
ATOM   30   C  CG2 . ILE A 1 10  ? 15.301  2.191   -0.760  1.00 23.43 ? 169  ILE A CG2 1 
ATOM   31   C  CD1 . ILE A 1 10  ? 16.620  1.341   -3.409  1.00 23.64 ? 169  ILE A CD1 1 
ATOM   32   N  N   . ARG A 1 11  ? 15.459  5.674   -1.022  1.00 23.11 ? 170  ARG A N   1 
ATOM   33   C  CA  . ARG A 1 11  ? 14.822  6.557   -0.058  1.00 22.82 ? 170  ARG A CA  1 
ATOM   34   C  C   . ARG A 1 11  ? 13.660  5.827   0.606   1.00 22.45 ? 170  ARG A C   1 
ATOM   35   O  O   . ARG A 1 11  ? 12.618  5.620   -0.015  1.00 22.17 ? 170  ARG A O   1 
ATOM   36   C  CB  . ARG A 1 11  ? 14.318  7.829   -0.730  1.00 22.97 ? 170  ARG A CB  1 
ATOM   37   C  CG  . ARG A 1 11  ? 13.577  8.747   0.220   1.00 23.16 ? 170  ARG A CG  1 
ATOM   38   C  CD  . ARG A 1 11  ? 13.487  10.142  -0.332  1.00 23.74 ? 170  ARG A CD  1 
ATOM   39   N  NE  . ARG A 1 11  ? 12.632  10.986  0.496   1.00 23.98 ? 170  ARG A NE  1 
ATOM   40   C  CZ  . ARG A 1 11  ? 12.162  12.176  0.131   1.00 24.57 ? 170  ARG A CZ  1 
ATOM   41   N  NH1 . ARG A 1 11  ? 12.457  12.685  -1.062  1.00 24.78 ? 170  ARG A NH1 1 
ATOM   42   N  NH2 . ARG A 1 11  ? 11.388  12.859  0.964   1.00 24.61 ? 170  ARG A NH2 1 
ATOM   43   N  N   . VAL A 1 12  ? 13.849  5.442   1.868   1.00 22.01 ? 171  VAL A N   1 
ATOM   44   C  CA  . VAL A 1 12  ? 12.793  4.799   2.647   1.00 21.72 ? 171  VAL A CA  1 
ATOM   45   C  C   . VAL A 1 12  ? 11.854  5.858   3.207   1.00 21.81 ? 171  VAL A C   1 
ATOM   46   O  O   . VAL A 1 12  ? 12.307  6.845   3.788   1.00 21.68 ? 171  VAL A O   1 
ATOM   47   C  CB  . VAL A 1 12  ? 13.360  3.983   3.828   1.00 21.54 ? 171  VAL A CB  1 
ATOM   48   C  CG1 . VAL A 1 12  ? 12.242  3.230   4.530   1.00 20.63 ? 171  VAL A CG1 1 
ATOM   49   C  CG2 . VAL A 1 12  ? 14.438  3.015   3.346   1.00 21.31 ? 171  VAL A CG2 1 
ATOM   50   N  N   . PHE A 1 13  ? 10.551  5.648   3.032   1.00 21.73 ? 172  PHE A N   1 
ATOM   51   C  CA  . PHE A 1 13  ? 9.535   6.524   3.625   1.00 21.78 ? 172  PHE A CA  1 
ATOM   52   C  C   . PHE A 1 13  ? 8.993   5.956   4.940   1.00 21.69 ? 172  PHE A C   1 
ATOM   53   O  O   . PHE A 1 13  ? 8.851   6.689   5.920   1.00 21.71 ? 172  PHE A O   1 
ATOM   54   C  CB  . PHE A 1 13  ? 8.384   6.756   2.640   1.00 21.79 ? 172  PHE A CB  1 
ATOM   55   C  CG  . PHE A 1 13  ? 8.752   7.643   1.490   1.00 21.85 ? 172  PHE A CG  1 
ATOM   56   C  CD1 . PHE A 1 13  ? 8.844   9.021   1.662   1.00 21.98 ? 172  PHE A CD1 1 
ATOM   57   C  CD2 . PHE A 1 13  ? 9.015   7.109   0.239   1.00 21.63 ? 172  PHE A CD2 1 
ATOM   58   C  CE1 . PHE A 1 13  ? 9.190   9.846   0.604   1.00 21.64 ? 172  PHE A CE1 1 
ATOM   59   C  CE2 . PHE A 1 13  ? 9.359   7.931   -0.824  1.00 21.42 ? 172  PHE A CE2 1 
ATOM   60   C  CZ  . PHE A 1 13  ? 9.448   9.298   -0.640  1.00 21.67 ? 172  PHE A CZ  1 
ATOM   61   N  N   . LYS A 1 14  ? 8.674   4.664   4.947   1.00 21.63 ? 173  LYS A N   1 
ATOM   62   C  CA  . LYS A 1 14  ? 8.188   3.982   6.153   1.00 21.97 ? 173  LYS A CA  1 
ATOM   63   C  C   . LYS A 1 14  ? 8.315   2.461   6.029   1.00 22.05 ? 173  LYS A C   1 
ATOM   64   O  O   . LYS A 1 14  ? 8.379   1.898   4.928   1.00 22.17 ? 173  LYS A O   1 
ATOM   65   C  CB  . LYS A 1 14  ? 6.716   4.344   6.473   1.00 21.90 ? 173  LYS A CB  1 
ATOM   66   C  CG  . LYS A 1 14  ? 6.480   5.443   7.541   1.00 22.50 ? 173  LYS A CG  1 
ATOM   67   C  CD  . LYS A 1 14  ? 7.248   5.202   8.843   1.00 23.08 ? 173  LYS A CD  1 
ATOM   68   C  CE  . LYS A 1 14  ? 6.557   5.748   10.103  1.00 23.17 ? 173  LYS A CE  1 
ATOM   69   N  NZ  . LYS A 1 14  ? 6.774   7.206   10.420  1.00 22.89 ? 173  LYS A NZ  1 
ATOM   70   N  N   . GLU A 1 15  ? 8.368   1.812   7.186   1.00 22.06 ? 174  GLU A N   1 
ATOM   71   C  CA  . GLU A 1 15  ? 8.292   0.370   7.281   1.00 22.03 ? 174  GLU A CA  1 
ATOM   72   C  C   . GLU A 1 15  ? 7.082   0.027   8.133   1.00 21.77 ? 174  GLU A C   1 
ATOM   73   O  O   . GLU A 1 15  ? 6.765   0.761   9.066   1.00 21.77 ? 174  GLU A O   1 
ATOM   74   C  CB  . GLU A 1 15  ? 9.562   -0.175  7.912   1.00 22.16 ? 174  GLU A CB  1 
ATOM   75   C  CG  . GLU A 1 15  ? 10.742  -0.184  6.968   1.00 23.22 ? 174  GLU A CG  1 
ATOM   76   C  CD  . GLU A 1 15  ? 12.035  -0.486  7.676   1.00 24.42 ? 174  GLU A CD  1 
ATOM   77   O  OE1 . GLU A 1 15  ? 12.454  -1.660  7.668   1.00 25.27 ? 174  GLU A OE1 1 
ATOM   78   O  OE2 . GLU A 1 15  ? 12.623  0.450   8.261   1.00 25.81 ? 174  GLU A OE2 1 
ATOM   79   N  N   . TYR A 1 16  ? 6.392   -1.061  7.791   1.00 21.50 ? 175  TYR A N   1 
ATOM   80   C  CA  . TYR A 1 16  ? 5.237   -1.517  8.568   1.00 21.41 ? 175  TYR A CA  1 
ATOM   81   C  C   . TYR A 1 16  ? 5.362   -3.004  8.902   1.00 21.34 ? 175  TYR A C   1 
ATOM   82   O  O   . TYR A 1 16  ? 5.706   -3.826  8.047   1.00 21.59 ? 175  TYR A O   1 
ATOM   83   C  CB  . TYR A 1 16  ? 3.920   -1.249  7.833   1.00 21.21 ? 175  TYR A CB  1 
ATOM   84   C  CG  . TYR A 1 16  ? 3.679   0.206   7.479   1.00 21.35 ? 175  TYR A CG  1 
ATOM   85   C  CD1 . TYR A 1 16  ? 3.151   1.098   8.414   1.00 21.65 ? 175  TYR A CD1 1 
ATOM   86   C  CD2 . TYR A 1 16  ? 3.968   0.692   6.207   1.00 21.91 ? 175  TYR A CD2 1 
ATOM   87   C  CE1 . TYR A 1 16  ? 2.926   2.443   8.089   1.00 21.02 ? 175  TYR A CE1 1 
ATOM   88   C  CE2 . TYR A 1 16  ? 3.750   2.031   5.873   1.00 21.52 ? 175  TYR A CE2 1 
ATOM   89   C  CZ  . TYR A 1 16  ? 3.229   2.899   6.815   1.00 21.25 ? 175  TYR A CZ  1 
ATOM   90   O  OH  . TYR A 1 16  ? 3.017   4.218   6.473   1.00 21.17 ? 175  TYR A OH  1 
ATOM   91   N  N   . SER A 1 17  ? 5.094   -3.325  10.162  1.00 21.20 ? 176  SER A N   1 
ATOM   92   C  CA  . SER A 1 17  ? 5.095   -4.699  10.653  1.00 21.13 ? 176  SER A CA  1 
ATOM   93   C  C   . SER A 1 17  ? 3.679   -5.270  10.658  1.00 20.75 ? 176  SER A C   1 
ATOM   94   O  O   . SER A 1 17  ? 3.489   -6.478  10.517  1.00 20.58 ? 176  SER A O   1 
ATOM   95   C  CB  . SER A 1 17  ? 5.671   -4.733  12.075  1.00 21.07 ? 176  SER A CB  1 
ATOM   96   O  OG  . SER A 1 17  ? 4.880   -3.937  12.941  1.00 21.62 ? 176  SER A OG  1 
ATOM   97   N  N   . ALA A 1 18  ? 2.696   -4.388  10.825  1.00 20.57 ? 177  ALA A N   1 
ATOM   98   C  CA  . ALA A 1 18  ? 1.293   -4.776  10.892  1.00 20.42 ? 177  ALA A CA  1 
ATOM   99   C  C   . ALA A 1 18  ? 0.735   -5.024  9.501   1.00 20.35 ? 177  ALA A C   1 
ATOM   100  O  O   . ALA A 1 18  ? 1.105   -4.346  8.537   1.00 20.33 ? 177  ALA A O   1 
ATOM   101  C  CB  . ALA A 1 18  ? 0.469   -3.695  11.599  1.00 20.44 ? 177  ALA A CB  1 
ATOM   102  N  N   . ARG A 1 19  ? -0.161  -6.002  9.413   1.00 20.25 ? 178  ARG A N   1 
ATOM   103  C  CA  . ARG A 1 19  ? -0.876  -6.287  8.181   1.00 20.09 ? 178  ARG A CA  1 
ATOM   104  C  C   . ARG A 1 19  ? -1.720  -5.091  7.760   1.00 19.73 ? 178  ARG A C   1 
ATOM   105  O  O   . ARG A 1 19  ? -2.408  -4.484  8.585   1.00 19.74 ? 178  ARG A O   1 
ATOM   106  C  CB  . ARG A 1 19  ? -1.790  -7.489  8.368   1.00 20.26 ? 178  ARG A CB  1 
ATOM   107  C  CG  . ARG A 1 19  ? -1.059  -8.793  8.605   1.00 20.73 ? 178  ARG A CG  1 
ATOM   108  C  CD  . ARG A 1 19  ? -1.994  -9.951  8.394   1.00 21.24 ? 178  ARG A CD  1 
ATOM   109  N  NE  . ARG A 1 19  ? -2.600  -10.423 9.621   1.00 21.33 ? 178  ARG A NE  1 
ATOM   110  C  CZ  . ARG A 1 19  ? -3.823  -10.937 9.733   1.00 20.91 ? 178  ARG A CZ  1 
ATOM   111  N  NH1 . ARG A 1 19  ? -4.656  -11.021 8.702   1.00 21.24 ? 178  ARG A NH1 1 
ATOM   112  N  NH2 . ARG A 1 19  ? -4.225  -11.356 10.916  1.00 20.86 ? 178  ARG A NH2 1 
ATOM   113  N  N   . ALA A 1 20  ? -1.663  -4.760  6.475   1.00 19.32 ? 179  ALA A N   1 
ATOM   114  C  CA  . ALA A 1 20  ? -2.415  -3.635  5.939   1.00 19.15 ? 179  ALA A CA  1 
ATOM   115  C  C   . ALA A 1 20  ? -3.901  -3.971  5.920   1.00 18.89 ? 179  ALA A C   1 
ATOM   116  O  O   . ALA A 1 20  ? -4.287  -5.132  5.758   1.00 18.74 ? 179  ALA A O   1 
ATOM   117  C  CB  . ALA A 1 20  ? -1.934  -3.286  4.552   1.00 19.15 ? 179  ALA A CB  1 
ATOM   118  N  N   . LYS A 1 21  ? -4.731  -2.951  6.092   1.00 18.64 ? 180  LYS A N   1 
ATOM   119  C  CA  . LYS A 1 21  ? -6.173  -3.154  6.139   1.00 18.35 ? 180  LYS A CA  1 
ATOM   120  C  C   . LYS A 1 21  ? -6.799  -3.070  4.752   1.00 18.04 ? 180  LYS A C   1 
ATOM   121  O  O   . LYS A 1 21  ? -6.265  -2.407  3.853   1.00 17.24 ? 180  LYS A O   1 
ATOM   122  C  CB  . LYS A 1 21  ? -6.825  -2.153  7.095   1.00 18.50 ? 180  LYS A CB  1 
ATOM   123  C  CG  . LYS A 1 21  ? -6.422  -2.378  8.545   1.00 18.26 ? 180  LYS A CG  1 
ATOM   124  C  CD  . LYS A 1 21  ? -7.034  -1.367  9.491   1.00 18.33 ? 180  LYS A CD  1 
ATOM   125  C  CE  . LYS A 1 21  ? -6.532  -1.623  10.911  1.00 18.77 ? 180  LYS A CE  1 
ATOM   126  N  NZ  . LYS A 1 21  ? -7.144  -0.753  11.944  1.00 18.74 ? 180  LYS A NZ  1 
ATOM   127  N  N   . TYR A 1 22  ? -7.910  -3.793  4.586   1.00 17.92 ? 181  TYR A N   1 
ATOM   128  C  CA  . TYR A 1 22  ? -8.775  -3.644  3.427   1.00 17.83 ? 181  TYR A CA  1 
ATOM   129  C  C   . TYR A 1 22  ? -9.363  -2.244  3.483   1.00 17.99 ? 181  TYR A C   1 
ATOM   130  O  O   . TYR A 1 22  ? -9.807  -1.807  4.546   1.00 17.90 ? 181  TYR A O   1 
ATOM   131  C  CB  . TYR A 1 22  ? -9.935  -4.645  3.461   1.00 17.95 ? 181  TYR A CB  1 
ATOM   132  C  CG  . TYR A 1 22  ? -9.554  -6.114  3.473   1.00 17.37 ? 181  TYR A CG  1 
ATOM   133  C  CD1 . TYR A 1 22  ? -9.142  -6.752  2.313   1.00 17.08 ? 181  TYR A CD1 1 
ATOM   134  C  CD2 . TYR A 1 22  ? -9.642  -6.864  4.641   1.00 17.12 ? 181  TYR A CD2 1 
ATOM   135  C  CE1 . TYR A 1 22  ? -8.806  -8.100  2.316   1.00 17.44 ? 181  TYR A CE1 1 
ATOM   136  C  CE2 . TYR A 1 22  ? -9.305  -8.209  4.662   1.00 16.85 ? 181  TYR A CE2 1 
ATOM   137  C  CZ  . TYR A 1 22  ? -8.888  -8.821  3.491   1.00 17.34 ? 181  TYR A CZ  1 
ATOM   138  O  OH  . TYR A 1 22  ? -8.548  -10.146 3.492   1.00 17.31 ? 181  TYR A OH  1 
ATOM   139  N  N   . ALA A 1 23  ? -9.361  -1.535  2.360   1.00 18.10 ? 182  ALA A N   1 
ATOM   140  C  CA  . ALA A 1 23  ? -9.990  -0.217  2.308   1.00 18.48 ? 182  ALA A CA  1 
ATOM   141  C  C   . ALA A 1 23  ? -10.471 0.114   0.908   1.00 18.75 ? 182  ALA A C   1 
ATOM   142  O  O   . ALA A 1 23  ? -9.731  -0.042  -0.063  1.00 18.75 ? 182  ALA A O   1 
ATOM   143  C  CB  . ALA A 1 23  ? -9.024  0.860   2.801   1.00 18.49 ? 182  ALA A CB  1 
ATOM   144  N  N   . GLN A 1 24  ? -11.721 0.566   0.817   1.00 19.10 ? 183  GLN A N   1 
ATOM   145  C  CA  . GLN A 1 24  ? -12.245 1.159   -0.408  1.00 19.45 ? 183  GLN A CA  1 
ATOM   146  C  C   . GLN A 1 24  ? -11.889 2.642   -0.355  1.00 19.78 ? 183  GLN A C   1 
ATOM   147  O  O   . GLN A 1 24  ? -11.496 3.148   0.702   1.00 19.48 ? 183  GLN A O   1 
ATOM   148  C  CB  . GLN A 1 24  ? -13.760 0.952   -0.499  1.00 19.50 ? 183  GLN A CB  1 
ATOM   149  C  CG  . GLN A 1 24  ? -14.187 -0.516  -0.436  1.00 19.43 ? 183  GLN A CG  1 
ATOM   150  C  CD  . GLN A 1 24  ? -15.676 -0.723  -0.706  1.00 19.63 ? 183  GLN A CD  1 
ATOM   151  O  OE1 . GLN A 1 24  ? -16.086 -0.948  -1.845  1.00 20.54 ? 183  GLN A OE1 1 
ATOM   152  N  NE2 . GLN A 1 24  ? -16.488 -0.642  0.342   1.00 18.94 ? 183  GLN A NE2 1 
ATOM   153  N  N   . ASN A 1 25  ? -12.006 3.342   -1.482  1.00 20.25 ? 184  ASN A N   1 
ATOM   154  C  CA  . ASN A 1 25  ? -11.659 4.762   -1.507  1.00 20.51 ? 184  ASN A CA  1 
ATOM   155  C  C   . ASN A 1 25  ? -12.763 5.626   -0.889  1.00 20.75 ? 184  ASN A C   1 
ATOM   156  O  O   . ASN A 1 25  ? -13.577 6.218   -1.589  1.00 20.81 ? 184  ASN A O   1 
ATOM   157  C  CB  . ASN A 1 25  ? -11.312 5.229   -2.920  1.00 20.39 ? 184  ASN A CB  1 
ATOM   158  C  CG  . ASN A 1 25  ? -10.648 6.599   -2.930  1.00 20.67 ? 184  ASN A CG  1 
ATOM   159  O  OD1 . ASN A 1 25  ? -10.549 7.263   -1.893  1.00 21.47 ? 184  ASN A OD1 1 
ATOM   160  N  ND2 . ASN A 1 25  ? -10.196 7.030   -4.097  1.00 19.68 ? 184  ASN A ND2 1 
ATOM   161  N  N   . GLU A 1 26  ? -12.761 5.697   0.440   1.00 21.28 ? 185  GLU A N   1 
ATOM   162  C  CA  . GLU A 1 26  ? -13.797 6.406   1.199   1.00 21.46 ? 185  GLU A CA  1 
ATOM   163  C  C   . GLU A 1 26  ? -13.322 7.747   1.760   1.00 21.33 ? 185  GLU A C   1 
ATOM   164  O  O   . GLU A 1 26  ? -13.999 8.348   2.596   1.00 21.60 ? 185  GLU A O   1 
ATOM   165  C  CB  . GLU A 1 26  ? -14.298 5.506   2.329   1.00 21.68 ? 185  GLU A CB  1 
ATOM   166  C  CG  . GLU A 1 26  ? -14.822 4.173   1.820   1.00 22.69 ? 185  GLU A CG  1 
ATOM   167  C  CD  . GLU A 1 26  ? -15.708 3.454   2.812   1.00 24.79 ? 185  GLU A CD  1 
ATOM   168  O  OE1 . GLU A 1 26  ? -15.549 3.657   4.038   1.00 26.72 ? 185  GLU A OE1 1 
ATOM   169  O  OE2 . GLU A 1 26  ? -16.564 2.672   2.357   1.00 26.21 ? 185  GLU A OE2 1 
ATOM   170  N  N   . GLY A 1 27  ? -12.163 8.216   1.297   1.00 21.14 ? 186  GLY A N   1 
ATOM   171  C  CA  . GLY A 1 27  ? -11.626 9.510   1.714   1.00 21.03 ? 186  GLY A CA  1 
ATOM   172  C  C   . GLY A 1 27  ? -10.734 9.427   2.938   1.00 20.97 ? 186  GLY A C   1 
ATOM   173  O  O   . GLY A 1 27  ? -10.780 8.445   3.696   1.00 20.81 ? 186  GLY A O   1 
ATOM   174  N  N   . ARG A 1 28  ? -9.932  10.471  3.138   1.00 20.84 ? 187  ARG A N   1 
ATOM   175  C  CA  . ARG A 1 28  ? -8.942  10.504  4.220   1.00 20.98 ? 187  ARG A CA  1 
ATOM   176  C  C   . ARG A 1 28  ? -9.540  10.294  5.617   1.00 20.90 ? 187  ARG A C   1 
ATOM   177  O  O   . ARG A 1 28  ? -8.998  9.522   6.413   1.00 20.81 ? 187  ARG A O   1 
ATOM   178  C  CB  . ARG A 1 28  ? -8.166  11.824  4.204   1.00 20.82 ? 187  ARG A CB  1 
ATOM   179  C  CG  . ARG A 1 28  ? -7.000  11.861  5.195   1.00 20.94 ? 187  ARG A CG  1 
ATOM   180  C  CD  . ARG A 1 28  ? -6.492  13.277  5.445   1.00 21.08 ? 187  ARG A CD  1 
ATOM   181  N  NE  . ARG A 1 28  ? -7.523  14.185  5.961   1.00 20.78 ? 187  ARG A NE  1 
ATOM   182  C  CZ  . ARG A 1 28  ? -7.931  14.244  7.230   1.00 21.06 ? 187  ARG A CZ  1 
ATOM   183  N  NH1 . ARG A 1 28  ? -7.415  13.440  8.148   1.00 21.02 ? 187  ARG A NH1 1 
ATOM   184  N  NH2 . ARG A 1 28  ? -8.876  15.107  7.585   1.00 21.29 ? 187  ARG A NH2 1 
ATOM   185  N  N   . THR A 1 29  ? -10.633 10.994  5.909   1.00 20.85 ? 188  THR A N   1 
ATOM   186  C  CA  . THR A 1 29  ? -11.232 10.985  7.249   1.00 20.74 ? 188  THR A CA  1 
ATOM   187  C  C   . THR A 1 29  ? -11.689 9.591   7.649   1.00 20.66 ? 188  THR A C   1 
ATOM   188  O  O   . THR A 1 29  ? -11.480 9.161   8.785   1.00 20.75 ? 188  THR A O   1 
ATOM   189  C  CB  . THR A 1 29  ? -12.450 11.922  7.326   1.00 20.90 ? 188  THR A CB  1 
ATOM   190  O  OG1 . THR A 1 29  ? -12.074 13.242  6.917   1.00 21.12 ? 188  THR A OG1 1 
ATOM   191  C  CG2 . THR A 1 29  ? -13.022 11.965  8.747   1.00 20.63 ? 188  THR A CG2 1 
ATOM   192  N  N   . ALA A 1 30  ? -12.318 8.895   6.705   1.00 20.58 ? 189  ALA A N   1 
ATOM   193  C  CA  . ALA A 1 30  ? -12.847 7.558   6.942   1.00 20.50 ? 189  ALA A CA  1 
ATOM   194  C  C   . ALA A 1 30  ? -11.740 6.556   7.257   1.00 20.66 ? 189  ALA A C   1 
ATOM   195  O  O   . ALA A 1 30  ? -11.874 5.759   8.191   1.00 21.13 ? 189  ALA A O   1 
ATOM   196  C  CB  . ALA A 1 30  ? -13.649 7.094   5.742   1.00 20.61 ? 189  ALA A CB  1 
ATOM   197  N  N   . LEU A 1 31  ? -10.654 6.595   6.484   1.00 20.29 ? 190  LEU A N   1 
ATOM   198  C  CA  . LEU A 1 31  ? -9.523  5.674   6.686   1.00 19.90 ? 190  LEU A CA  1 
ATOM   199  C  C   . LEU A 1 31  ? -8.809  5.909   8.017   1.00 19.77 ? 190  LEU A C   1 
ATOM   200  O  O   . LEU A 1 31  ? -8.476  4.954   8.716   1.00 19.43 ? 190  LEU A O   1 
ATOM   201  C  CB  . LEU A 1 31  ? -8.511  5.756   5.532   1.00 19.78 ? 190  LEU A CB  1 
ATOM   202  C  CG  . LEU A 1 31  ? -8.736  4.817   4.343   1.00 19.59 ? 190  LEU A CG  1 
ATOM   203  C  CD1 . LEU A 1 31  ? -10.024 5.159   3.631   1.00 18.19 ? 190  LEU A CD1 1 
ATOM   204  C  CD2 . LEU A 1 31  ? -7.539  4.876   3.377   1.00 19.26 ? 190  LEU A CD2 1 
ATOM   205  N  N   . GLU A 1 32  ? -8.571  7.173   8.361   1.00 19.89 ? 191  GLU A N   1 
ATOM   206  C  CA  . GLU A 1 32  ? -7.944  7.508   9.647   1.00 19.89 ? 191  GLU A CA  1 
ATOM   207  C  C   . GLU A 1 32  ? -8.816  7.109   10.830  1.00 19.79 ? 191  GLU A C   1 
ATOM   208  O  O   . GLU A 1 32  ? -8.300  6.678   11.862  1.00 19.87 ? 191  GLU A O   1 
ATOM   209  C  CB  . GLU A 1 32  ? -7.598  8.993   9.731   1.00 19.94 ? 191  GLU A CB  1 
ATOM   210  C  CG  . GLU A 1 32  ? -6.479  9.394   8.785   1.00 20.75 ? 191  GLU A CG  1 
ATOM   211  C  CD  . GLU A 1 32  ? -5.874  10.743  9.104   1.00 20.93 ? 191  GLU A CD  1 
ATOM   212  O  OE1 . GLU A 1 32  ? -5.845  11.132  10.287  1.00 22.40 ? 191  GLU A OE1 1 
ATOM   213  O  OE2 . GLU A 1 32  ? -5.406  11.411  8.162   1.00 20.39 ? 191  GLU A OE2 1 
ATOM   214  N  N   . ALA A 1 33  ? -10.133 7.229   10.672  1.00 19.89 ? 192  ALA A N   1 
ATOM   215  C  CA  . ALA A 1 33  ? -11.073 6.799   11.714  1.00 20.01 ? 192  ALA A CA  1 
ATOM   216  C  C   . ALA A 1 33  ? -10.898 5.315   12.037  1.00 19.90 ? 192  ALA A C   1 
ATOM   217  O  O   . ALA A 1 33  ? -11.103 4.891   13.183  1.00 20.06 ? 192  ALA A O   1 
ATOM   218  C  CB  . ALA A 1 33  ? -12.507 7.085   11.292  1.00 19.91 ? 192  ALA A CB  1 
ATOM   219  N  N   . ASN A 1 34  ? -10.508 4.540   11.024  1.00 19.71 ? 193  ASN A N   1 
ATOM   220  C  CA  . ASN A 1 34  ? -10.341 3.097   11.146  1.00 19.48 ? 193  ASN A CA  1 
ATOM   221  C  C   . ASN A 1 34  ? -8.885  2.675   11.357  1.00 19.36 ? 193  ASN A C   1 
ATOM   222  O  O   . ASN A 1 34  ? -8.531  1.506   11.166  1.00 19.09 ? 193  ASN A O   1 
ATOM   223  C  CB  . ASN A 1 34  ? -10.932 2.417   9.908   1.00 19.73 ? 193  ASN A CB  1 
ATOM   224  C  CG  . ASN A 1 34  ? -12.447 2.538   9.850   1.00 19.84 ? 193  ASN A CG  1 
ATOM   225  O  OD1 . ASN A 1 34  ? -13.159 1.780   10.506  1.00 21.10 ? 193  ASN A OD1 1 
ATOM   226  N  ND2 . ASN A 1 34  ? -12.946 3.485   9.061   1.00 19.17 ? 193  ASN A ND2 1 
ATOM   227  N  N   . ASN A 1 35  ? -8.046  3.627   11.767  1.00 19.12 ? 194  ASN A N   1 
ATOM   228  C  CA  . ASN A 1 35  ? -6.652  3.350   12.073  1.00 19.00 ? 194  ASN A CA  1 
ATOM   229  C  C   . ASN A 1 35  ? -5.949  2.632   10.922  1.00 18.98 ? 194  ASN A C   1 
ATOM   230  O  O   . ASN A 1 35  ? -5.400  1.544   11.093  1.00 19.02 ? 194  ASN A O   1 
ATOM   231  C  CB  . ASN A 1 35  ? -6.544  2.547   13.379  1.00 18.93 ? 194  ASN A CB  1 
ATOM   232  C  CG  . ASN A 1 35  ? -5.109  2.360   13.844  1.00 18.89 ? 194  ASN A CG  1 
ATOM   233  O  OD1 . ASN A 1 35  ? -4.253  3.231   13.639  1.00 19.34 ? 194  ASN A OD1 1 
ATOM   234  N  ND2 . ASN A 1 35  ? -4.841  1.222   14.486  1.00 17.70 ? 194  ASN A ND2 1 
ATOM   235  N  N   . VAL A 1 36  ? -6.006  3.241   9.742   1.00 18.87 ? 195  VAL A N   1 
ATOM   236  C  CA  . VAL A 1 36  ? -5.179  2.831   8.619   1.00 18.70 ? 195  VAL A CA  1 
ATOM   237  C  C   . VAL A 1 36  ? -3.894  3.669   8.667   1.00 18.70 ? 195  VAL A C   1 
ATOM   238  O  O   . VAL A 1 36  ? -3.933  4.875   8.408   1.00 18.49 ? 195  VAL A O   1 
ATOM   239  C  CB  . VAL A 1 36  ? -5.887  3.045   7.268   1.00 18.91 ? 195  VAL A CB  1 
ATOM   240  C  CG1 . VAL A 1 36  ? -5.001  2.538   6.125   1.00 18.63 ? 195  VAL A CG1 1 
ATOM   241  C  CG2 . VAL A 1 36  ? -7.246  2.348   7.248   1.00 17.89 ? 195  VAL A CG2 1 
ATOM   242  N  N   . PRO A 1 37  ? -2.761  3.048   9.055   1.00 18.70 ? 196  PRO A N   1 
ATOM   243  C  CA  . PRO A 1 37  ? -1.484  3.752   9.076   1.00 18.71 ? 196  PRO A CA  1 
ATOM   244  C  C   . PRO A 1 37  ? -1.147  4.411   7.749   1.00 18.83 ? 196  PRO A C   1 
ATOM   245  O  O   . PRO A 1 37  ? -1.567  3.945   6.690   1.00 18.91 ? 196  PRO A O   1 
ATOM   246  C  CB  . PRO A 1 37  ? -0.482  2.639   9.385   1.00 18.67 ? 196  PRO A CB  1 
ATOM   247  C  CG  . PRO A 1 37  ? -1.255  1.667   10.154  1.00 18.75 ? 196  PRO A CG  1 
ATOM   248  C  CD  . PRO A 1 37  ? -2.612  1.668   9.547   1.00 18.68 ? 196  PRO A CD  1 
ATOM   249  N  N   . PHE A 1 38  ? -0.377  5.487   7.824   1.00 19.23 ? 197  PHE A N   1 
ATOM   250  C  CA  . PHE A 1 38  ? -0.045  6.302   6.663   1.00 19.36 ? 197  PHE A CA  1 
ATOM   251  C  C   . PHE A 1 38  ? 1.372   6.819   6.787   1.00 19.64 ? 197  PHE A C   1 
ATOM   252  O  O   . PHE A 1 38  ? 2.031   6.636   7.808   1.00 20.26 ? 197  PHE A O   1 
ATOM   253  C  CB  . PHE A 1 38  ? -0.984  7.506   6.594   1.00 19.28 ? 197  PHE A CB  1 
ATOM   254  C  CG  . PHE A 1 38  ? -0.921  8.378   7.818   1.00 19.40 ? 197  PHE A CG  1 
ATOM   255  C  CD1 . PHE A 1 38  ? 0.017   9.402   7.917   1.00 19.14 ? 197  PHE A CD1 1 
ATOM   256  C  CD2 . PHE A 1 38  ? -1.770  8.149   8.890   1.00 18.95 ? 197  PHE A CD2 1 
ATOM   257  C  CE1 . PHE A 1 38  ? 0.093   10.190  9.055   1.00 18.93 ? 197  PHE A CE1 1 
ATOM   258  C  CE2 . PHE A 1 38  ? -1.700  8.937   10.028  1.00 18.98 ? 197  PHE A CE2 1 
ATOM   259  C  CZ  . PHE A 1 38  ? -0.769  9.959   10.108  1.00 19.13 ? 197  PHE A CZ  1 
ATOM   260  N  N   . PHE A 1 39  ? 1.836   7.480   5.739   1.00 19.74 ? 198  PHE A N   1 
ATOM   261  C  CA  . PHE A 1 39  ? 3.019   8.308   5.837   1.00 19.84 ? 198  PHE A CA  1 
ATOM   262  C  C   . PHE A 1 39  ? 2.805   9.545   4.984   1.00 19.86 ? 198  PHE A C   1 
ATOM   263  O  O   . PHE A 1 39  ? 2.012   9.516   4.045   1.00 19.89 ? 198  PHE A O   1 
ATOM   264  C  CB  . PHE A 1 39  ? 4.267   7.530   5.417   1.00 19.75 ? 198  PHE A CB  1 
ATOM   265  C  CG  . PHE A 1 39  ? 4.332   7.222   3.954   1.00 19.52 ? 198  PHE A CG  1 
ATOM   266  C  CD1 . PHE A 1 39  ? 4.958   8.101   3.077   1.00 19.40 ? 198  PHE A CD1 1 
ATOM   267  C  CD2 . PHE A 1 39  ? 3.792   6.042   3.454   1.00 19.41 ? 198  PHE A CD2 1 
ATOM   268  C  CE1 . PHE A 1 39  ? 5.033   7.818   1.718   1.00 19.89 ? 198  PHE A CE1 1 
ATOM   269  C  CE2 . PHE A 1 39  ? 3.867   5.746   2.095   1.00 19.93 ? 198  PHE A CE2 1 
ATOM   270  C  CZ  . PHE A 1 39  ? 4.482   6.639   1.225   1.00 19.74 ? 198  PHE A CZ  1 
ATOM   271  N  N   . ASP A 1 40  ? 3.491   10.627  5.334   1.00 20.13 ? 199  ASP A N   1 
ATOM   272  C  CA  . ASP A 1 40  ? 3.422   11.880  4.570   1.00 20.53 ? 199  ASP A CA  1 
ATOM   273  C  C   . ASP A 1 40  ? 4.650   12.050  3.683   1.00 20.60 ? 199  ASP A C   1 
ATOM   274  O  O   . ASP A 1 40  ? 5.764   11.688  4.068   1.00 20.61 ? 199  ASP A O   1 
ATOM   275  C  CB  . ASP A 1 40  ? 3.303   13.087  5.515   1.00 20.54 ? 199  ASP A CB  1 
ATOM   276  C  CG  . ASP A 1 40  ? 1.972   13.127  6.253   1.00 21.07 ? 199  ASP A CG  1 
ATOM   277  O  OD1 . ASP A 1 40  ? 1.007   12.498  5.774   1.00 21.29 ? 199  ASP A OD1 1 
ATOM   278  O  OD2 . ASP A 1 40  ? 1.896   13.780  7.315   1.00 21.26 ? 199  ASP A OD2 1 
ATOM   279  N  N   . ILE A 1 41  ? 4.432   12.588  2.490   1.00 20.97 ? 200  ILE A N   1 
ATOM   280  C  CA  . ILE A 1 41  ? 5.518   12.975  1.598   1.00 21.18 ? 200  ILE A CA  1 
ATOM   281  C  C   . ILE A 1 41  ? 5.394   14.465  1.266   1.00 21.50 ? 200  ILE A C   1 
ATOM   282  O  O   . ILE A 1 41  ? 4.352   14.932  0.773   1.00 21.62 ? 200  ILE A O   1 
ATOM   283  C  CB  . ILE A 1 41  ? 5.548   12.116  0.310   1.00 21.37 ? 200  ILE A CB  1 
ATOM   284  C  CG1 . ILE A 1 41  ? 6.688   12.567  -0.617  1.00 21.80 ? 200  ILE A CG1 1 
ATOM   285  C  CG2 . ILE A 1 41  ? 4.208   12.149  -0.408  1.00 21.45 ? 200  ILE A CG2 1 
ATOM   286  C  CD1 . ILE A 1 41  ? 6.998   11.584  -1.729  1.00 21.29 ? 200  ILE A CD1 1 
ATOM   287  N  N   . ASP A 1 42  ? 6.456   15.203  1.571   1.00 21.54 ? 201  ASP A N   1 
ATOM   288  C  CA  . ASP A 1 42  ? 6.535   16.621  1.277   1.00 21.55 ? 201  ASP A CA  1 
ATOM   289  C  C   . ASP A 1 42  ? 7.157   16.794  -0.101  1.00 21.72 ? 201  ASP A C   1 
ATOM   290  O  O   . ASP A 1 42  ? 8.368   16.645  -0.272  1.00 21.63 ? 201  ASP A O   1 
ATOM   291  C  CB  . ASP A 1 42  ? 7.381   17.326  2.331   1.00 21.49 ? 201  ASP A CB  1 
ATOM   292  C  CG  . ASP A 1 42  ? 7.284   18.831  2.246   1.00 21.93 ? 201  ASP A CG  1 
ATOM   293  O  OD1 . ASP A 1 42  ? 6.730   19.346  1.251   1.00 23.85 ? 201  ASP A OD1 1 
ATOM   294  O  OD2 . ASP A 1 42  ? 7.758   19.505  3.184   1.00 22.06 ? 201  ASP A OD2 1 
ATOM   295  N  N   . VAL A 1 43  ? 6.320   17.092  -1.089  1.00 21.78 ? 202  VAL A N   1 
ATOM   296  C  CA  . VAL A 1 43  ? 6.784   17.223  -2.463  1.00 22.01 ? 202  VAL A CA  1 
ATOM   297  C  C   . VAL A 1 43  ? 7.412   18.597  -2.616  1.00 22.17 ? 202  VAL A C   1 
ATOM   298  O  O   . VAL A 1 43  ? 6.731   19.600  -2.406  1.00 22.41 ? 202  VAL A O   1 
ATOM   299  C  CB  . VAL A 1 43  ? 5.624   17.057  -3.481  1.00 22.00 ? 202  VAL A CB  1 
ATOM   300  C  CG1 . VAL A 1 43  ? 6.093   17.398  -4.890  1.00 21.57 ? 202  VAL A CG1 1 
ATOM   301  C  CG2 . VAL A 1 43  ? 5.063   15.640  -3.417  1.00 21.12 ? 202  VAL A CG2 1 
ATOM   302  N  N   . PRO A 1 44  ? 8.710   18.650  -2.970  1.00 22.51 ? 203  PRO A N   1 
ATOM   303  C  CA  . PRO A 1 44  ? 9.392   19.936  -3.087  1.00 22.72 ? 203  PRO A CA  1 
ATOM   304  C  C   . PRO A 1 44  ? 8.971   20.687  -4.350  1.00 22.97 ? 203  PRO A C   1 
ATOM   305  O  O   . PRO A 1 44  ? 8.525   20.055  -5.313  1.00 22.76 ? 203  PRO A O   1 
ATOM   306  C  CB  . PRO A 1 44  ? 10.862  19.536  -3.176  1.00 22.62 ? 203  PRO A CB  1 
ATOM   307  C  CG  . PRO A 1 44  ? 10.832  18.206  -3.842  1.00 22.41 ? 203  PRO A CG  1 
ATOM   308  C  CD  . PRO A 1 44  ? 9.614   17.528  -3.293  1.00 22.66 ? 203  PRO A CD  1 
ATOM   309  N  N   . PRO A 1 45  ? 9.117   22.024  -4.356  1.00 23.40 ? 204  PRO A N   1 
ATOM   310  C  CA  . PRO A 1 45  ? 8.708   22.848  -5.496  1.00 23.75 ? 204  PRO A CA  1 
ATOM   311  C  C   . PRO A 1 45  ? 9.232   22.361  -6.852  1.00 23.99 ? 204  PRO A C   1 
ATOM   312  O  O   . PRO A 1 45  ? 8.513   22.433  -7.846  1.00 23.90 ? 204  PRO A O   1 
ATOM   313  C  CB  . PRO A 1 45  ? 9.293   24.223  -5.160  1.00 23.81 ? 204  PRO A CB  1 
ATOM   314  C  CG  . PRO A 1 45  ? 9.337   24.254  -3.687  1.00 23.58 ? 204  PRO A CG  1 
ATOM   315  C  CD  . PRO A 1 45  ? 9.673   22.849  -3.269  1.00 23.64 ? 204  PRO A CD  1 
ATOM   316  N  N   . GLU A 1 46  ? 10.462  21.855  -6.886  1.00 24.38 ? 205  GLU A N   1 
ATOM   317  C  CA  . GLU A 1 46  ? 11.039  21.352  -8.137  1.00 24.94 ? 205  GLU A CA  1 
ATOM   318  C  C   . GLU A 1 46  ? 10.395  20.048  -8.644  1.00 24.79 ? 205  GLU A C   1 
ATOM   319  O  O   . GLU A 1 46  ? 10.639  19.649  -9.777  1.00 25.16 ? 205  GLU A O   1 
ATOM   320  C  CB  . GLU A 1 46  ? 12.571  21.211  -8.042  1.00 25.05 ? 205  GLU A CB  1 
ATOM   321  C  CG  . GLU A 1 46  ? 13.085  20.182  -7.034  1.00 26.36 ? 205  GLU A CG  1 
ATOM   322  C  CD  . GLU A 1 46  ? 13.180  20.712  -5.615  1.00 27.96 ? 205  GLU A CD  1 
ATOM   323  O  OE1 . GLU A 1 46  ? 12.608  21.786  -5.311  1.00 29.21 ? 205  GLU A OE1 1 
ATOM   324  O  OE2 . GLU A 1 46  ? 13.819  20.037  -4.786  1.00 30.19 ? 205  GLU A OE2 1 
ATOM   325  N  N   . LEU A 1 47  ? 9.584   19.392  -7.813  1.00 24.86 ? 206  LEU A N   1 
ATOM   326  C  CA  . LEU A 1 47  ? 8.794   18.223  -8.239  1.00 24.82 ? 206  LEU A CA  1 
ATOM   327  C  C   . LEU A 1 47  ? 7.290   18.531  -8.312  1.00 24.48 ? 206  LEU A C   1 
ATOM   328  O  O   . LEU A 1 47  ? 6.468   17.626  -8.455  1.00 24.38 ? 206  LEU A O   1 
ATOM   329  C  CB  . LEU A 1 47  ? 9.044   17.028  -7.305  1.00 24.93 ? 206  LEU A CB  1 
ATOM   330  C  CG  . LEU A 1 47  ? 10.298  16.189  -7.575  1.00 25.48 ? 206  LEU A CG  1 
ATOM   331  C  CD1 . LEU A 1 47  ? 10.524  15.178  -6.450  1.00 25.65 ? 206  LEU A CD1 1 
ATOM   332  C  CD2 . LEU A 1 47  ? 10.212  15.484  -8.930  1.00 24.72 ? 206  LEU A CD2 1 
ATOM   333  N  N   . ASP A 1 48  ? 6.936   19.809  -8.225  1.00 24.14 ? 207  ASP A N   1 
ATOM   334  C  CA  . ASP A 1 48  ? 5.549   20.234  -8.353  1.00 23.88 ? 207  ASP A CA  1 
ATOM   335  C  C   . ASP A 1 48  ? 4.978   19.819  -9.709  1.00 23.25 ? 207  ASP A C   1 
ATOM   336  O  O   . ASP A 1 48  ? 5.409   20.317  -10.746 1.00 23.41 ? 207  ASP A O   1 
ATOM   337  C  CB  . ASP A 1 48  ? 5.452   21.750  -8.190  1.00 24.05 ? 207  ASP A CB  1 
ATOM   338  C  CG  . ASP A 1 48  ? 4.042   22.263  -8.378  1.00 24.60 ? 207  ASP A CG  1 
ATOM   339  O  OD1 . ASP A 1 48  ? 3.127   21.778  -7.686  1.00 24.80 ? 207  ASP A OD1 1 
ATOM   340  O  OD2 . ASP A 1 48  ? 3.849   23.152  -9.229  1.00 27.75 ? 207  ASP A OD2 1 
ATOM   341  N  N   . GLY A 1 49  ? 4.025   18.894  -9.692  1.00 22.75 ? 208  GLY A N   1 
ATOM   342  C  CA  . GLY A 1 49  ? 3.360   18.424  -10.912 1.00 22.36 ? 208  GLY A CA  1 
ATOM   343  C  C   . GLY A 1 49  ? 4.219   17.571  -11.829 1.00 21.89 ? 208  GLY A C   1 
ATOM   344  O  O   . GLY A 1 49  ? 3.892   17.404  -13.001 1.00 21.85 ? 208  GLY A O   1 
ATOM   345  N  N   . VAL A 1 50  ? 5.317   17.035  -11.301 1.00 21.64 ? 209  VAL A N   1 
ATOM   346  C  CA  . VAL A 1 50  ? 6.256   16.227  -12.080 1.00 21.30 ? 209  VAL A CA  1 
ATOM   347  C  C   . VAL A 1 50  ? 6.093   14.753  -11.700 1.00 21.30 ? 209  VAL A C   1 
ATOM   348  O  O   . VAL A 1 50  ? 6.274   14.411  -10.530 1.00 20.99 ? 209  VAL A O   1 
ATOM   349  C  CB  . VAL A 1 50  ? 7.708   16.633  -11.777 1.00 21.53 ? 209  VAL A CB  1 
ATOM   350  C  CG1 . VAL A 1 50  ? 8.691   15.689  -12.485 1.00 20.90 ? 209  VAL A CG1 1 
ATOM   351  C  CG2 . VAL A 1 50  ? 7.954   18.086  -12.161 1.00 20.90 ? 209  VAL A CG2 1 
ATOM   352  N  N   . PRO A 1 51  ? 5.778   13.876  -12.682 1.00 21.31 ? 210  PRO A N   1 
ATOM   353  C  CA  . PRO A 1 51  ? 5.648   12.448  -12.353 1.00 21.27 ? 210  PRO A CA  1 
ATOM   354  C  C   . PRO A 1 51  ? 6.926   11.865  -11.762 1.00 21.40 ? 210  PRO A C   1 
ATOM   355  O  O   . PRO A 1 51  ? 8.022   12.186  -12.227 1.00 21.66 ? 210  PRO A O   1 
ATOM   356  C  CB  . PRO A 1 51  ? 5.339   11.787  -13.706 1.00 21.18 ? 210  PRO A CB  1 
ATOM   357  C  CG  . PRO A 1 51  ? 4.821   12.902  -14.582 1.00 21.29 ? 210  PRO A CG  1 
ATOM   358  C  CD  . PRO A 1 51  ? 5.536   14.138  -14.115 1.00 21.17 ? 210  PRO A CD  1 
ATOM   359  N  N   . PHE A 1 52  ? 6.780   11.038  -10.730 1.00 21.44 ? 211  PHE A N   1 
ATOM   360  C  CA  . PHE A 1 52  ? 7.906   10.301  -10.152 1.00 21.52 ? 211  PHE A CA  1 
ATOM   361  C  C   . PHE A 1 52  ? 7.471   8.907   -9.727  1.00 21.55 ? 211  PHE A C   1 
ATOM   362  O  O   . PHE A 1 52  ? 6.280   8.596   -9.687  1.00 21.54 ? 211  PHE A O   1 
ATOM   363  C  CB  . PHE A 1 52  ? 8.534   11.060  -8.975  1.00 21.71 ? 211  PHE A CB  1 
ATOM   364  C  CG  . PHE A 1 52  ? 7.626   11.224  -7.787  1.00 21.70 ? 211  PHE A CG  1 
ATOM   365  C  CD1 . PHE A 1 52  ? 7.648   10.302  -6.741  1.00 22.98 ? 211  PHE A CD1 1 
ATOM   366  C  CD2 . PHE A 1 52  ? 6.772   12.316  -7.693  1.00 22.20 ? 211  PHE A CD2 1 
ATOM   367  C  CE1 . PHE A 1 52  ? 6.804   10.456  -5.626  1.00 22.80 ? 211  PHE A CE1 1 
ATOM   368  C  CE2 . PHE A 1 52  ? 5.931   12.476  -6.593  1.00 22.15 ? 211  PHE A CE2 1 
ATOM   369  C  CZ  . PHE A 1 52  ? 5.948   11.545  -5.560  1.00 22.17 ? 211  PHE A CZ  1 
ATOM   370  N  N   . SER A 1 53  ? 8.454   8.074   -9.414  1.00 21.83 ? 212  SER A N   1 
ATOM   371  C  CA  . SER A 1 53  ? 8.229   6.665   -9.107  1.00 21.93 ? 212  SER A CA  1 
ATOM   372  C  C   . SER A 1 53  ? 8.166   6.435   -7.601  1.00 21.67 ? 212  SER A C   1 
ATOM   373  O  O   . SER A 1 53  ? 9.078   6.831   -6.865  1.00 21.81 ? 212  SER A O   1 
ATOM   374  C  CB  . SER A 1 53  ? 9.361   5.835   -9.712  1.00 21.94 ? 212  SER A CB  1 
ATOM   375  O  OG  . SER A 1 53  ? 9.139   4.447   -9.544  1.00 24.18 ? 212  SER A OG  1 
ATOM   376  N  N   . LEU A 1 54  ? 7.083   5.799   -7.154  1.00 21.49 ? 213  LEU A N   1 
ATOM   377  C  CA  . LEU A 1 54  ? 6.903   5.411   -5.753  1.00 21.00 ? 213  LEU A CA  1 
ATOM   378  C  C   . LEU A 1 54  ? 6.642   3.911   -5.669  1.00 20.63 ? 213  LEU A C   1 
ATOM   379  O  O   . LEU A 1 54  ? 5.852   3.361   -6.440  1.00 20.62 ? 213  LEU A O   1 
ATOM   380  C  CB  . LEU A 1 54  ? 5.734   6.172   -5.124  1.00 21.23 ? 213  LEU A CB  1 
ATOM   381  C  CG  . LEU A 1 54  ? 5.588   6.051   -3.600  1.00 21.27 ? 213  LEU A CG  1 
ATOM   382  C  CD1 . LEU A 1 54  ? 6.803   6.638   -2.895  1.00 21.78 ? 213  LEU A CD1 1 
ATOM   383  C  CD2 . LEU A 1 54  ? 4.314   6.737   -3.118  1.00 21.17 ? 213  LEU A CD2 1 
ATOM   384  N  N   . LYS A 1 55  ? 7.303   3.258   -4.722  1.00 20.19 ? 214  LYS A N   1 
ATOM   385  C  CA  . LYS A 1 55  ? 7.303   1.802   -4.642  1.00 19.79 ? 214  LYS A CA  1 
ATOM   386  C  C   . LYS A 1 55  ? 7.067   1.295   -3.219  1.00 19.66 ? 214  LYS A C   1 
ATOM   387  O  O   . LYS A 1 55  ? 7.198   2.036   -2.237  1.00 19.56 ? 214  LYS A O   1 
ATOM   388  C  CB  . LYS A 1 55  ? 8.645   1.255   -5.146  1.00 19.94 ? 214  LYS A CB  1 
ATOM   389  C  CG  . LYS A 1 55  ? 8.876   1.393   -6.642  1.00 19.38 ? 214  LYS A CG  1 
ATOM   390  C  CD  . LYS A 1 55  ? 10.284  0.935   -7.018  1.00 19.19 ? 214  LYS A CD  1 
ATOM   391  C  CE  . LYS A 1 55  ? 10.482  0.895   -8.521  1.00 18.46 ? 214  LYS A CE  1 
ATOM   392  N  NZ  . LYS A 1 55  ? 11.876  0.525   -8.914  1.00 18.16 ? 214  LYS A NZ  1 
ATOM   393  N  N   . ALA A 1 56  ? 6.732   0.014   -3.125  1.00 19.20 ? 215  ALA A N   1 
ATOM   394  C  CA  . ALA A 1 56  ? 6.638   -0.661  -1.844  1.00 18.87 ? 215  ALA A CA  1 
ATOM   395  C  C   . ALA A 1 56  ? 7.054   -2.114  -1.983  1.00 18.51 ? 215  ALA A C   1 
ATOM   396  O  O   . ALA A 1 56  ? 6.733   -2.761  -2.976  1.00 18.31 ? 215  ALA A O   1 
ATOM   397  C  CB  . ALA A 1 56  ? 5.218   -0.578  -1.301  1.00 18.93 ? 215  ALA A CB  1 
ATOM   398  N  N   . ARG A 1 57  ? 7.785   -2.607  -0.986  1.00 18.12 ? 216  ARG A N   1 
ATOM   399  C  CA  . ARG A 1 57  ? 8.020   -4.030  -0.825  1.00 17.77 ? 216  ARG A CA  1 
ATOM   400  C  C   . ARG A 1 57  ? 6.794   -4.630  -0.133  1.00 17.49 ? 216  ARG A C   1 
ATOM   401  O  O   . ARG A 1 57  ? 6.529   -4.319  1.035   1.00 17.37 ? 216  ARG A O   1 
ATOM   402  C  CB  . ARG A 1 57  ? 9.276   -4.278  0.011   1.00 17.72 ? 216  ARG A CB  1 
ATOM   403  C  CG  . ARG A 1 57  ? 9.536   -5.749  0.295   1.00 17.90 ? 216  ARG A CG  1 
ATOM   404  C  CD  . ARG A 1 57  ? 10.869  -5.972  0.966   1.00 17.76 ? 216  ARG A CD  1 
ATOM   405  N  NE  . ARG A 1 57  ? 11.150  -7.399  1.105   1.00 17.59 ? 216  ARG A NE  1 
ATOM   406  C  CZ  . ARG A 1 57  ? 12.317  -7.901  1.506   1.00 18.40 ? 216  ARG A CZ  1 
ATOM   407  N  NH1 . ARG A 1 57  ? 13.336  -7.100  1.797   1.00 17.85 ? 216  ARG A NH1 1 
ATOM   408  N  NH2 . ARG A 1 57  ? 12.474  -9.217  1.601   1.00 18.25 ? 216  ARG A NH2 1 
ATOM   409  N  N   . VAL A 1 58  ? 6.065   -5.481  -0.854  1.00 17.25 ? 217  VAL A N   1 
ATOM   410  C  CA  . VAL A 1 58  ? 4.770   -6.001  -0.394  1.00 17.50 ? 217  VAL A CA  1 
ATOM   411  C  C   . VAL A 1 58  ? 4.775   -7.530  -0.205  1.00 17.82 ? 217  VAL A C   1 
ATOM   412  O  O   . VAL A 1 58  ? 5.154   -8.289  -1.113  1.00 17.63 ? 217  VAL A O   1 
ATOM   413  C  CB  . VAL A 1 58  ? 3.627   -5.618  -1.371  1.00 17.34 ? 217  VAL A CB  1 
ATOM   414  C  CG1 . VAL A 1 58  ? 2.269   -6.039  -0.805  1.00 17.04 ? 217  VAL A CG1 1 
ATOM   415  C  CG2 . VAL A 1 58  ? 3.642   -4.124  -1.657  1.00 17.11 ? 217  VAL A CG2 1 
ATOM   416  N  N   . ARG A 1 59  ? 4.344   -7.970  0.976   1.00 18.18 ? 218  ARG A N   1 
ATOM   417  C  CA  . ARG A 1 59  ? 4.284   -9.391  1.301   1.00 18.59 ? 218  ARG A CA  1 
ATOM   418  C  C   . ARG A 1 59  ? 2.848   -9.858  1.422   1.00 18.61 ? 218  ARG A C   1 
ATOM   419  O  O   . ARG A 1 59  ? 2.083   -9.340  2.234   1.00 18.90 ? 218  ARG A O   1 
ATOM   420  C  CB  . ARG A 1 59  ? 5.028   -9.687  2.606   1.00 18.66 ? 218  ARG A CB  1 
ATOM   421  C  CG  . ARG A 1 59  ? 5.080   -11.187 2.975   1.00 18.81 ? 218  ARG A CG  1 
ATOM   422  C  CD  . ARG A 1 59  ? 6.085   -11.447 4.081   1.00 18.92 ? 218  ARG A CD  1 
ATOM   423  N  NE  . ARG A 1 59  ? 7.429   -11.060 3.661   1.00 19.56 ? 218  ARG A NE  1 
ATOM   424  C  CZ  . ARG A 1 59  ? 8.429   -10.766 4.484   1.00 20.09 ? 218  ARG A CZ  1 
ATOM   425  N  NH1 . ARG A 1 59  ? 8.278   -10.835 5.802   1.00 21.44 ? 218  ARG A NH1 1 
ATOM   426  N  NH2 . ARG A 1 59  ? 9.600   -10.407 3.983   1.00 20.19 ? 218  ARG A NH2 1 
ATOM   427  N  N   . HIS A 1 60  ? 2.496   -10.846 0.609   1.00 18.81 ? 219  HIS A N   1 
ATOM   428  C  CA  . HIS A 1 60  ? 1.223   -11.542 0.736   1.00 19.01 ? 219  HIS A CA  1 
ATOM   429  C  C   . HIS A 1 60  ? 1.447   -12.887 1.435   1.00 19.21 ? 219  HIS A C   1 
ATOM   430  O  O   . HIS A 1 60  ? 2.296   -13.679 1.020   1.00 19.07 ? 219  HIS A O   1 
ATOM   431  C  CB  . HIS A 1 60  ? 0.566   -11.716 -0.638  1.00 18.73 ? 219  HIS A CB  1 
ATOM   432  C  CG  . HIS A 1 60  ? 0.435   -10.433 -1.392  1.00 18.74 ? 219  HIS A CG  1 
ATOM   433  N  ND1 . HIS A 1 60  ? -0.403  -9.416  -0.987  1.00 18.01 ? 219  HIS A ND1 1 
ATOM   434  C  CD2 . HIS A 1 60  ? 1.070   -9.979  -2.499  1.00 18.72 ? 219  HIS A CD2 1 
ATOM   435  C  CE1 . HIS A 1 60  ? -0.291  -8.397  -1.822  1.00 18.32 ? 219  HIS A CE1 1 
ATOM   436  N  NE2 . HIS A 1 60  ? 0.599   -8.713  -2.747  1.00 19.07 ? 219  HIS A NE2 1 
ATOM   437  N  N   . LYS A 1 61  ? 0.694   -13.116 2.509   1.00 19.61 ? 220  LYS A N   1 
ATOM   438  C  CA  . LYS A 1 61  ? 0.756   -14.357 3.267   1.00 20.07 ? 220  LYS A CA  1 
ATOM   439  C  C   . LYS A 1 61  ? -0.641  -14.734 3.757   1.00 20.02 ? 220  LYS A C   1 
ATOM   440  O  O   . LYS A 1 61  ? -1.219  -14.026 4.582   1.00 20.20 ? 220  LYS A O   1 
ATOM   441  C  CB  . LYS A 1 61  ? 1.712   -14.221 4.454   1.00 19.96 ? 220  LYS A CB  1 
ATOM   442  C  CG  . LYS A 1 61  ? 2.002   -15.558 5.119   1.00 20.70 ? 220  LYS A CG  1 
ATOM   443  C  CD  . LYS A 1 61  ? 2.781   -15.434 6.404   1.00 21.30 ? 220  LYS A CD  1 
ATOM   444  C  CE  . LYS A 1 61  ? 3.155   -16.821 6.920   1.00 23.51 ? 220  LYS A CE  1 
ATOM   445  N  NZ  . LYS A 1 61  ? 3.354   -16.869 8.395   1.00 25.58 ? 220  LYS A NZ  1 
ATOM   446  N  N   . SER A 1 62  ? -1.166  -15.853 3.260   1.00 20.04 ? 221  SER A N   1 
ATOM   447  C  CA  . SER A 1 62  ? -2.548  -16.270 3.542   1.00 20.31 ? 221  SER A CA  1 
ATOM   448  C  C   . SER A 1 62  ? -2.678  -17.610 4.266   1.00 20.45 ? 221  SER A C   1 
ATOM   449  O  O   . SER A 1 62  ? -3.648  -17.819 4.993   1.00 20.21 ? 221  SER A O   1 
ATOM   450  C  CB  . SER A 1 62  ? -3.346  -16.342 2.240   1.00 20.30 ? 221  SER A CB  1 
ATOM   451  O  OG  . SER A 1 62  ? -2.861  -17.380 1.417   1.00 20.07 ? 221  SER A OG  1 
ATOM   452  N  N   . LYS A 1 63  ? -1.714  -18.510 4.059   1.00 20.67 ? 222  LYS A N   1 
ATOM   453  C  CA  . LYS A 1 63  ? -1.787  -19.871 4.603   1.00 20.88 ? 222  LYS A CA  1 
ATOM   454  C  C   . LYS A 1 63  ? -1.902  -19.854 6.124   1.00 20.69 ? 222  LYS A C   1 
ATOM   455  O  O   . LYS A 1 63  ? -0.961  -19.481 6.820   1.00 20.87 ? 222  LYS A O   1 
ATOM   456  C  CB  . LYS A 1 63  ? -0.560  -20.691 4.176   1.00 20.83 ? 222  LYS A CB  1 
ATOM   457  C  CG  . LYS A 1 63  ? -0.504  -20.977 2.677   1.00 21.37 ? 222  LYS A CG  1 
ATOM   458  C  CD  . LYS A 1 63  ? 0.747   -21.762 2.297   1.00 21.54 ? 222  LYS A CD  1 
ATOM   459  C  CE  . LYS A 1 63  ? 0.711   -22.225 0.838   1.00 21.83 ? 222  LYS A CE  1 
ATOM   460  N  NZ  . LYS A 1 63  ? -0.059  -23.489 0.659   1.00 21.54 ? 222  LYS A NZ  1 
ATOM   461  N  N   . GLY A 1 64  ? -3.067  -20.239 6.635   1.00 20.57 ? 223  GLY A N   1 
ATOM   462  C  CA  . GLY A 1 64  ? -3.284  -20.313 8.080   1.00 20.54 ? 223  GLY A CA  1 
ATOM   463  C  C   . GLY A 1 64  ? -3.511  -18.993 8.799   1.00 20.40 ? 223  GLY A C   1 
ATOM   464  O  O   . GLY A 1 64  ? -3.731  -18.986 10.012  1.00 20.61 ? 223  GLY A O   1 
ATOM   465  N  N   . VAL A 1 65  ? -3.476  -17.880 8.068   1.00 20.28 ? 224  VAL A N   1 
ATOM   466  C  CA  . VAL A 1 65  ? -3.621  -16.559 8.667   1.00 20.05 ? 224  VAL A CA  1 
ATOM   467  C  C   . VAL A 1 65  ? -5.087  -16.348 9.053   1.00 20.27 ? 224  VAL A C   1 
ATOM   468  O  O   . VAL A 1 65  ? -5.986  -16.470 8.212   1.00 20.38 ? 224  VAL A O   1 
ATOM   469  C  CB  . VAL A 1 65  ? -3.138  -15.437 7.713   1.00 20.09 ? 224  VAL A CB  1 
ATOM   470  C  CG1 . VAL A 1 65  ? -3.279  -14.072 8.376   1.00 19.28 ? 224  VAL A CG1 1 
ATOM   471  C  CG2 . VAL A 1 65  ? -1.680  -15.673 7.293   1.00 20.05 ? 224  VAL A CG2 1 
ATOM   472  N  N   . ASP A 1 66  ? -5.315  -16.044 10.330  1.00 20.26 ? 225  ASP A N   1 
ATOM   473  C  CA  . ASP A 1 66  ? -6.652  -16.009 10.921  1.00 20.30 ? 225  ASP A CA  1 
ATOM   474  C  C   . ASP A 1 66  ? -7.374  -17.360 10.821  1.00 20.47 ? 225  ASP A C   1 
ATOM   475  O  O   . ASP A 1 66  ? -8.591  -17.418 10.953  1.00 20.66 ? 225  ASP A O   1 
ATOM   476  C  CB  . ASP A 1 66  ? -7.505  -14.888 10.300  1.00 20.24 ? 225  ASP A CB  1 
ATOM   477  C  CG  . ASP A 1 66  ? -6.934  -13.502 10.557  1.00 19.99 ? 225  ASP A CG  1 
ATOM   478  O  OD1 . ASP A 1 66  ? -6.106  -13.351 11.481  1.00 20.35 ? 225  ASP A OD1 1 
ATOM   479  O  OD2 . ASP A 1 66  ? -7.324  -12.558 9.845   1.00 19.29 ? 225  ASP A OD2 1 
ATOM   480  N  N   . GLY A 1 67  ? -6.622  -18.442 10.616  1.00 20.67 ? 226  GLY A N   1 
ATOM   481  C  CA  . GLY A 1 67  ? -7.202  -19.776 10.444  1.00 20.71 ? 226  GLY A CA  1 
ATOM   482  C  C   . GLY A 1 67  ? -7.689  -20.084 9.032   1.00 20.85 ? 226  GLY A C   1 
ATOM   483  O  O   . GLY A 1 67  ? -8.379  -21.086 8.818   1.00 20.92 ? 226  GLY A O   1 
ATOM   484  N  N   . LEU A 1 68  ? -7.337  -19.232 8.066   1.00 20.79 ? 227  LEU A N   1 
ATOM   485  C  CA  . LEU A 1 68  ? -7.681  -19.472 6.667   1.00 20.70 ? 227  LEU A CA  1 
ATOM   486  C  C   . LEU A 1 68  ? -7.011  -20.755 6.187   1.00 20.84 ? 227  LEU A C   1 
ATOM   487  O  O   . LEU A 1 68  ? -5.900  -21.065 6.597   1.00 20.80 ? 227  LEU A O   1 
ATOM   488  C  CB  . LEU A 1 68  ? -7.225  -18.312 5.781   1.00 20.55 ? 227  LEU A CB  1 
ATOM   489  C  CG  . LEU A 1 68  ? -7.727  -18.371 4.331   1.00 19.84 ? 227  LEU A CG  1 
ATOM   490  C  CD1 . LEU A 1 68  ? -9.106  -17.753 4.245   1.00 18.36 ? 227  LEU A CD1 1 
ATOM   491  C  CD2 . LEU A 1 68  ? -6.759  -17.689 3.370   1.00 18.07 ? 227  LEU A CD2 1 
ATOM   492  N  N   . GLY A 1 69  ? -7.690  -21.489 5.312   1.00 20.96 ? 228  GLY A N   1 
ATOM   493  C  CA  . GLY A 1 69  ? -7.152  -22.730 4.770   1.00 21.04 ? 228  GLY A CA  1 
ATOM   494  C  C   . GLY A 1 69  ? -5.871  -22.515 3.980   1.00 21.02 ? 228  GLY A C   1 
ATOM   495  O  O   . GLY A 1 69  ? -5.721  -21.514 3.260   1.00 20.72 ? 228  GLY A O   1 
ATOM   496  N  N   . ASP A 1 70  ? -4.961  -23.479 4.095   1.00 20.89 ? 229  ASP A N   1 
ATOM   497  C  CA  . ASP A 1 70  ? -3.645  -23.380 3.479   1.00 20.94 ? 229  ASP A CA  1 
ATOM   498  C  C   . ASP A 1 70  ? -3.659  -23.452 1.947   1.00 20.71 ? 229  ASP A C   1 
ATOM   499  O  O   . ASP A 1 70  ? -2.652  -23.132 1.317   1.00 20.27 ? 229  ASP A O   1 
ATOM   500  C  CB  . ASP A 1 70  ? -2.722  -24.470 4.029   1.00 21.16 ? 229  ASP A CB  1 
ATOM   501  C  CG  . ASP A 1 70  ? -2.397  -24.280 5.501   1.00 22.06 ? 229  ASP A CG  1 
ATOM   502  O  OD1 . ASP A 1 70  ? -2.556  -23.167 6.037   1.00 23.29 ? 229  ASP A OD1 1 
ATOM   503  O  OD2 . ASP A 1 70  ? -1.965  -25.263 6.127   1.00 25.07 ? 229  ASP A OD2 1 
ATOM   504  N  N   . TYR A 1 71  ? -4.775  -23.883 1.356   1.00 20.39 ? 230  TYR A N   1 
ATOM   505  C  CA  . TYR A 1 71  ? -4.887  -23.962 -0.103  1.00 20.46 ? 230  TYR A CA  1 
ATOM   506  C  C   . TYR A 1 71  ? -5.977  -23.058 -0.660  1.00 20.38 ? 230  TYR A C   1 
ATOM   507  O  O   . TYR A 1 71  ? -6.251  -23.083 -1.852  1.00 20.90 ? 230  TYR A O   1 
ATOM   508  C  CB  . TYR A 1 71  ? -5.080  -25.414 -0.552  1.00 20.46 ? 230  TYR A CB  1 
ATOM   509  C  CG  . TYR A 1 71  ? -3.910  -26.269 -0.134  1.00 20.64 ? 230  TYR A CG  1 
ATOM   510  C  CD1 . TYR A 1 71  ? -2.768  -26.361 -0.933  1.00 20.63 ? 230  TYR A CD1 1 
ATOM   511  C  CD2 . TYR A 1 71  ? -3.917  -26.939 1.088   1.00 20.05 ? 230  TYR A CD2 1 
ATOM   512  C  CE1 . TYR A 1 71  ? -1.677  -27.125 -0.539  1.00 20.99 ? 230  TYR A CE1 1 
ATOM   513  C  CE2 . TYR A 1 71  ? -2.831  -27.706 1.488   1.00 20.70 ? 230  TYR A CE2 1 
ATOM   514  C  CZ  . TYR A 1 71  ? -1.715  -27.794 0.677   1.00 20.53 ? 230  TYR A CZ  1 
ATOM   515  O  OH  . TYR A 1 71  ? -0.639  -28.550 1.079   1.00 20.61 ? 230  TYR A OH  1 
ATOM   516  N  N   . THR A 1 72  ? -6.570  -22.241 0.201   1.00 20.32 ? 231  THR A N   1 
ATOM   517  C  CA  . THR A 1 72  ? -7.558  -21.258 -0.217  1.00 20.29 ? 231  THR A CA  1 
ATOM   518  C  C   . THR A 1 72  ? -6.881  -20.197 -1.088  1.00 20.17 ? 231  THR A C   1 
ATOM   519  O  O   . THR A 1 72  ? -5.843  -19.642 -0.720  1.00 20.14 ? 231  THR A O   1 
ATOM   520  C  CB  . THR A 1 72  ? -8.229  -20.611 1.014   1.00 20.35 ? 231  THR A CB  1 
ATOM   521  O  OG1 . THR A 1 72  ? -8.919  -21.626 1.757   1.00 20.90 ? 231  THR A OG1 1 
ATOM   522  C  CG2 . THR A 1 72  ? -9.217  -19.531 0.606   1.00 20.02 ? 231  THR A CG2 1 
ATOM   523  N  N   . SER A 1 73  ? -7.460  -19.947 -2.261  1.00 19.93 ? 232  SER A N   1 
ATOM   524  C  CA  . SER A 1 73  ? -6.939  -18.937 -3.174  1.00 19.90 ? 232  SER A CA  1 
ATOM   525  C  C   . SER A 1 73  ? -7.362  -17.547 -2.721  1.00 19.72 ? 232  SER A C   1 
ATOM   526  O  O   . SER A 1 73  ? -8.547  -17.314 -2.476  1.00 19.79 ? 232  SER A O   1 
ATOM   527  C  CB  . SER A 1 73  ? -7.440  -19.183 -4.595  1.00 19.81 ? 232  SER A CB  1 
ATOM   528  O  OG  . SER A 1 73  ? -7.011  -18.144 -5.459  1.00 20.35 ? 232  SER A OG  1 
ATOM   529  N  N   . ILE A 1 74  ? -6.398  -16.632 -2.616  1.00 19.59 ? 233  ILE A N   1 
ATOM   530  C  CA  . ILE A 1 74  ? -6.664  -15.256 -2.179  1.00 19.47 ? 233  ILE A CA  1 
ATOM   531  C  C   . ILE A 1 74  ? -6.168  -14.235 -3.205  1.00 19.58 ? 233  ILE A C   1 
ATOM   532  O  O   . ILE A 1 74  ? -4.959  -14.089 -3.426  1.00 19.90 ? 233  ILE A O   1 
ATOM   533  C  CB  . ILE A 1 74  ? -6.010  -14.964 -0.809  1.00 19.38 ? 233  ILE A CB  1 
ATOM   534  C  CG1 . ILE A 1 74  ? -6.709  -15.764 0.299   1.00 19.42 ? 233  ILE A CG1 1 
ATOM   535  C  CG2 . ILE A 1 74  ? -6.041  -13.464 -0.494  1.00 18.95 ? 233  ILE A CG2 1 
ATOM   536  C  CD1 . ILE A 1 74  ? -8.198  -15.434 0.488   1.00 17.63 ? 233  ILE A CD1 1 
ATOM   537  N  N   . SER A 1 75  ? -7.114  -13.535 -3.826  1.00 19.54 ? 234  SER A N   1 
ATOM   538  C  CA  . SER A 1 75  ? -6.806  -12.488 -4.797  1.00 19.38 ? 234  SER A CA  1 
ATOM   539  C  C   . SER A 1 75  ? -6.407  -11.222 -4.046  1.00 19.42 ? 234  SER A C   1 
ATOM   540  O  O   . SER A 1 75  ? -7.058  -10.855 -3.055  1.00 18.94 ? 234  SER A O   1 
ATOM   541  C  CB  . SER A 1 75  ? -8.023  -12.198 -5.688  1.00 19.35 ? 234  SER A CB  1 
ATOM   542  O  OG  . SER A 1 75  ? -8.359  -13.313 -6.499  1.00 18.78 ? 234  SER A OG  1 
ATOM   543  N  N   . VAL A 1 76  ? -5.346  -10.566 -4.526  1.00 19.25 ? 235  VAL A N   1 
ATOM   544  C  CA  . VAL A 1 76  ? -4.813  -9.352  -3.897  1.00 19.41 ? 235  VAL A CA  1 
ATOM   545  C  C   . VAL A 1 76  ? -4.497  -8.259  -4.921  1.00 19.81 ? 235  VAL A C   1 
ATOM   546  O  O   . VAL A 1 76  ? -4.180  -8.532  -6.079  1.00 19.68 ? 235  VAL A O   1 
ATOM   547  C  CB  . VAL A 1 76  ? -3.528  -9.635  -3.070  1.00 19.29 ? 235  VAL A CB  1 
ATOM   548  C  CG1 . VAL A 1 76  ? -3.839  -10.547 -1.905  1.00 18.68 ? 235  VAL A CG1 1 
ATOM   549  C  CG2 . VAL A 1 76  ? -2.431  -10.227 -3.953  1.00 18.48 ? 235  VAL A CG2 1 
ATOM   550  N  N   . LYS A 1 77  ? -4.596  -7.017  -4.468  1.00 20.31 ? 236  LYS A N   1 
ATOM   551  C  CA  . LYS A 1 77  ? -4.306  -5.850  -5.295  1.00 20.96 ? 236  LYS A CA  1 
ATOM   552  C  C   . LYS A 1 77  ? -4.040  -4.657  -4.374  1.00 20.69 ? 236  LYS A C   1 
ATOM   553  O  O   . LYS A 1 77  ? -4.961  -3.906  -4.034  1.00 20.36 ? 236  LYS A O   1 
ATOM   554  C  CB  . LYS A 1 77  ? -5.466  -5.565  -6.251  1.00 20.95 ? 236  LYS A CB  1 
ATOM   555  C  CG  . LYS A 1 77  ? -5.198  -4.408  -7.213  1.00 22.29 ? 236  LYS A CG  1 
ATOM   556  C  CD  . LYS A 1 77  ? -6.130  -4.434  -8.418  1.00 22.67 ? 236  LYS A CD  1 
ATOM   557  C  CE  . LYS A 1 77  ? -5.661  -5.443  -9.453  1.00 24.93 ? 236  LYS A CE  1 
ATOM   558  N  NZ  . LYS A 1 77  ? -6.626  -5.590  -10.584 1.00 26.97 ? 236  LYS A NZ  1 
ATOM   559  N  N   . PRO A 1 78  ? -2.783  -4.508  -3.928  1.00 20.78 ? 237  PRO A N   1 
ATOM   560  C  CA  . PRO A 1 78  ? -2.435  -3.392  -3.055  1.00 20.82 ? 237  PRO A CA  1 
ATOM   561  C  C   . PRO A 1 78  ? -2.450  -2.060  -3.782  1.00 20.74 ? 237  PRO A C   1 
ATOM   562  O  O   . PRO A 1 78  ? -2.267  -2.014  -5.001  1.00 20.98 ? 237  PRO A O   1 
ATOM   563  C  CB  . PRO A 1 78  ? -1.011  -3.728  -2.603  1.00 20.83 ? 237  PRO A CB  1 
ATOM   564  C  CG  . PRO A 1 78  ? -0.462  -4.562  -3.692  1.00 21.19 ? 237  PRO A CG  1 
ATOM   565  C  CD  . PRO A 1 78  ? -1.619  -5.375  -4.196  1.00 20.88 ? 237  PRO A CD  1 
ATOM   566  N  N   . ALA A 1 79  ? -2.661  -0.985  -3.029  1.00 20.66 ? 238  ALA A N   1 
ATOM   567  C  CA  . ALA A 1 79  ? -2.634  0.357   -3.585  1.00 20.60 ? 238  ALA A CA  1 
ATOM   568  C  C   . ALA A 1 79  ? -2.063  1.370   -2.602  1.00 20.67 ? 238  ALA A C   1 
ATOM   569  O  O   . ALA A 1 79  ? -1.980  1.120   -1.397  1.00 20.63 ? 238  ALA A O   1 
ATOM   570  C  CB  . ALA A 1 79  ? -4.046  0.781   -4.024  1.00 20.17 ? 238  ALA A CB  1 
ATOM   571  N  N   . PHE A 1 80  ? -1.644  2.503   -3.151  1.00 20.86 ? 239  PHE A N   1 
ATOM   572  C  CA  . PHE A 1 80  ? -1.490  3.730   -2.390  1.00 20.99 ? 239  PHE A CA  1 
ATOM   573  C  C   . PHE A 1 80  ? -2.758  4.556   -2.623  1.00 21.16 ? 239  PHE A C   1 
ATOM   574  O  O   . PHE A 1 80  ? -3.210  4.693   -3.768  1.00 21.23 ? 239  PHE A O   1 
ATOM   575  C  CB  . PHE A 1 80  ? -0.280  4.534   -2.875  1.00 20.86 ? 239  PHE A CB  1 
ATOM   576  C  CG  . PHE A 1 80  ? 1.052   3.863   -2.640  1.00 20.93 ? 239  PHE A CG  1 
ATOM   577  C  CD1 . PHE A 1 80  ? 1.440   3.479   -1.364  1.00 20.88 ? 239  PHE A CD1 1 
ATOM   578  C  CD2 . PHE A 1 80  ? 1.934   3.651   -3.697  1.00 20.83 ? 239  PHE A CD2 1 
ATOM   579  C  CE1 . PHE A 1 80  ? 2.674   2.878   -1.142  1.00 20.50 ? 239  PHE A CE1 1 
ATOM   580  C  CE2 . PHE A 1 80  ? 3.169   3.053   -3.484  1.00 20.96 ? 239  PHE A CE2 1 
ATOM   581  C  CZ  . PHE A 1 80  ? 3.541   2.670   -2.199  1.00 20.81 ? 239  PHE A CZ  1 
ATOM   582  N  N   . TYR A 1 81  ? -3.352  5.069   -1.544  1.00 21.11 ? 240  TYR A N   1 
ATOM   583  C  CA  . TYR A 1 81  ? -4.369  6.117   -1.646  1.00 21.04 ? 240  TYR A CA  1 
ATOM   584  C  C   . TYR A 1 81  ? -3.690  7.373   -1.142  1.00 21.04 ? 240  TYR A C   1 
ATOM   585  O  O   . TYR A 1 81  ? -3.216  7.401   -0.006  1.00 20.97 ? 240  TYR A O   1 
ATOM   586  C  CB  . TYR A 1 81  ? -5.613  5.843   -0.788  1.00 21.09 ? 240  TYR A CB  1 
ATOM   587  C  CG  . TYR A 1 81  ? -6.496  4.666   -1.191  1.00 21.02 ? 240  TYR A CG  1 
ATOM   588  C  CD1 . TYR A 1 81  ? -6.394  4.055   -2.438  1.00 21.31 ? 240  TYR A CD1 1 
ATOM   589  C  CD2 . TYR A 1 81  ? -7.466  4.193   -0.313  1.00 20.49 ? 240  TYR A CD2 1 
ATOM   590  C  CE1 . TYR A 1 81  ? -7.226  2.979   -2.786  1.00 21.48 ? 240  TYR A CE1 1 
ATOM   591  C  CE2 . TYR A 1 81  ? -8.293  3.131   -0.649  1.00 21.14 ? 240  TYR A CE2 1 
ATOM   592  C  CZ  . TYR A 1 81  ? -8.173  2.527   -1.886  1.00 21.54 ? 240  TYR A CZ  1 
ATOM   593  O  OH  . TYR A 1 81  ? -8.998  1.465   -2.211  1.00 21.09 ? 240  TYR A OH  1 
ATOM   594  N  N   . ILE A 1 82  ? -3.638  8.401   -1.986  1.00 20.64 ? 241  ILE A N   1 
ATOM   595  C  CA  . ILE A 1 82  ? -2.872  9.603   -1.690  1.00 20.53 ? 241  ILE A CA  1 
ATOM   596  C  C   . ILE A 1 82  ? -3.770  10.824  -1.835  1.00 20.46 ? 241  ILE A C   1 
ATOM   597  O  O   . ILE A 1 82  ? -4.487  10.956  -2.825  1.00 20.26 ? 241  ILE A O   1 
ATOM   598  C  CB  . ILE A 1 82  ? -1.659  9.758   -2.640  1.00 20.42 ? 241  ILE A CB  1 
ATOM   599  C  CG1 . ILE A 1 82  ? -0.845  8.458   -2.685  1.00 20.59 ? 241  ILE A CG1 1 
ATOM   600  C  CG2 . ILE A 1 82  ? -0.810  10.954  -2.219  1.00 19.98 ? 241  ILE A CG2 1 
ATOM   601  C  CD1 . ILE A 1 82  ? 0.422   8.542   -3.515  1.00 20.64 ? 241  ILE A CD1 1 
ATOM   602  N  N   . THR A 1 83  ? -3.721  11.711  -0.844  1.00 20.59 ? 242  THR A N   1 
ATOM   603  C  CA  . THR A 1 83  ? -4.511  12.934  -0.873  1.00 20.54 ? 242  THR A CA  1 
ATOM   604  C  C   . THR A 1 83  ? -4.079  13.775  -2.067  1.00 20.86 ? 242  THR A C   1 
ATOM   605  O  O   . THR A 1 83  ? -2.883  14.004  -2.275  1.00 20.72 ? 242  THR A O   1 
ATOM   606  C  CB  . THR A 1 83  ? -4.365  13.748  0.432   1.00 20.52 ? 242  THR A CB  1 
ATOM   607  O  OG1 . THR A 1 83  ? -2.991  14.111  0.638   1.00 20.21 ? 242  THR A OG1 1 
ATOM   608  C  CG2 . THR A 1 83  ? -4.859  12.944  1.635   1.00 20.14 ? 242  THR A CG2 1 
ATOM   609  N  N   . GLU A 1 84  ? -5.050  14.188  -2.876  1.00 21.29 ? 243  GLU A N   1 
ATOM   610  C  CA  . GLU A 1 84  ? -4.785  15.078  -4.005  1.00 21.88 ? 243  GLU A CA  1 
ATOM   611  C  C   . GLU A 1 84  ? -4.330  16.451  -3.506  1.00 21.74 ? 243  GLU A C   1 
ATOM   612  O  O   . GLU A 1 84  ? -3.451  17.072  -4.100  1.00 21.83 ? 243  GLU A O   1 
ATOM   613  C  CB  . GLU A 1 84  ? -6.035  15.229  -4.870  1.00 21.96 ? 243  GLU A CB  1 
ATOM   614  C  CG  . GLU A 1 84  ? -5.781  16.002  -6.156  1.00 23.08 ? 243  GLU A CG  1 
ATOM   615  C  CD  . GLU A 1 84  ? -6.988  16.066  -7.060  1.00 23.00 ? 243  GLU A CD  1 
ATOM   616  O  OE1 . GLU A 1 84  ? -8.069  15.581  -6.672  1.00 24.21 ? 243  GLU A OE1 1 
ATOM   617  O  OE2 . GLU A 1 84  ? -6.849  16.621  -8.165  1.00 26.65 ? 243  GLU A OE2 1 
ATOM   618  N  N   . GLY A 1 85  ? -4.950  16.917  -2.425  1.00 21.73 ? 244  GLY A N   1 
ATOM   619  C  CA  . GLY A 1 85  ? -4.500  18.107  -1.707  1.00 21.61 ? 244  GLY A CA  1 
ATOM   620  C  C   . GLY A 1 85  ? -3.652  17.690  -0.527  1.00 21.61 ? 244  GLY A C   1 
ATOM   621  O  O   . GLY A 1 85  ? -3.086  16.597  -0.529  1.00 21.65 ? 244  GLY A O   1 
ATOM   622  N  N   . ASP A 1 86  ? -3.582  18.540  0.494   1.00 21.62 ? 245  ASP A N   1 
ATOM   623  C  CA  . ASP A 1 86  ? -2.669  18.300  1.615   1.00 21.87 ? 245  ASP A CA  1 
ATOM   624  C  C   . ASP A 1 86  ? -3.247  17.298  2.619   1.00 21.89 ? 245  ASP A C   1 
ATOM   625  O  O   . ASP A 1 86  ? -4.307  16.717  2.375   1.00 21.94 ? 245  ASP A O   1 
ATOM   626  C  CB  . ASP A 1 86  ? -2.198  19.626  2.272   1.00 21.81 ? 245  ASP A CB  1 
ATOM   627  C  CG  . ASP A 1 86  ? -3.307  20.381  3.004   1.00 22.20 ? 245  ASP A CG  1 
ATOM   628  O  OD1 . ASP A 1 86  ? -4.314  19.788  3.427   1.00 23.86 ? 245  ASP A OD1 1 
ATOM   629  O  OD2 . ASP A 1 86  ? -3.153  21.604  3.178   1.00 24.07 ? 245  ASP A OD2 1 
ATOM   630  N  N   . GLU A 1 87  ? -2.547  17.095  3.735   1.00 22.03 ? 246  GLU A N   1 
ATOM   631  C  CA  . GLU A 1 87  ? -2.924  16.076  4.721   1.00 22.07 ? 246  GLU A CA  1 
ATOM   632  C  C   . GLU A 1 87  ? -4.213  16.397  5.482   1.00 22.22 ? 246  GLU A C   1 
ATOM   633  O  O   . GLU A 1 87  ? -4.688  15.567  6.265   1.00 21.79 ? 246  GLU A O   1 
ATOM   634  C  CB  . GLU A 1 87  ? -1.766  15.804  5.705   1.00 22.17 ? 246  GLU A CB  1 
ATOM   635  C  CG  . GLU A 1 87  ? -1.616  16.771  6.896   1.00 22.28 ? 246  GLU A CG  1 
ATOM   636  C  CD  . GLU A 1 87  ? -0.995  18.118  6.539   1.00 23.00 ? 246  GLU A CD  1 
ATOM   637  O  OE1 . GLU A 1 87  ? -0.871  18.449  5.340   1.00 22.41 ? 246  GLU A OE1 1 
ATOM   638  O  OE2 . GLU A 1 87  ? -0.630  18.857  7.479   1.00 23.45 ? 246  GLU A OE2 1 
ATOM   639  N  N   . THR A 1 88  ? -4.766  17.591  5.254   1.00 22.41 ? 247  THR A N   1 
ATOM   640  C  CA  . THR A 1 88  ? -6.011  18.017  5.895   1.00 22.61 ? 247  THR A CA  1 
ATOM   641  C  C   . THR A 1 88  ? -7.205  17.901  4.947   1.00 22.91 ? 247  THR A C   1 
ATOM   642  O  O   . THR A 1 88  ? -8.340  18.160  5.350   1.00 23.55 ? 247  THR A O   1 
ATOM   643  C  CB  . THR A 1 88  ? -5.919  19.489  6.395   1.00 22.79 ? 247  THR A CB  1 
ATOM   644  O  OG1 . THR A 1 88  ? -6.015  20.397  5.284   1.00 22.53 ? 247  THR A OG1 1 
ATOM   645  C  CG2 . THR A 1 88  ? -4.601  19.729  7.150   1.00 22.00 ? 247  THR A CG2 1 
ATOM   646  N  N   . THR A 1 89  ? -6.954  17.520  3.694   1.00 22.76 ? 248  THR A N   1 
ATOM   647  C  CA  . THR A 1 89  ? -8.019  17.356  2.702   1.00 22.54 ? 248  THR A CA  1 
ATOM   648  C  C   . THR A 1 89  ? -8.468  15.896  2.673   1.00 22.60 ? 248  THR A C   1 
ATOM   649  O  O   . THR A 1 89  ? -7.809  15.038  3.258   1.00 22.51 ? 248  THR A O   1 
ATOM   650  C  CB  . THR A 1 89  ? -7.554  17.810  1.312   1.00 22.50 ? 248  THR A CB  1 
ATOM   651  O  OG1 . THR A 1 89  ? -6.519  16.943  0.838   1.00 22.31 ? 248  THR A OG1 1 
ATOM   652  C  CG2 . THR A 1 89  ? -7.020  19.244  1.378   1.00 22.24 ? 248  THR A CG2 1 
ATOM   653  N  N   . ASP A 1 90  ? -9.578  15.609  1.995   1.00 22.44 ? 249  ASP A N   1 
ATOM   654  C  CA  . ASP A 1 90  ? -10.211 14.291  2.103   1.00 22.49 ? 249  ASP A CA  1 
ATOM   655  C  C   . ASP A 1 90  ? -10.093 13.412  0.857   1.00 22.11 ? 249  ASP A C   1 
ATOM   656  O  O   . ASP A 1 90  ? -9.944  12.203  0.969   1.00 22.03 ? 249  ASP A O   1 
ATOM   657  C  CB  . ASP A 1 90  ? -11.691 14.441  2.473   1.00 22.68 ? 249  ASP A CB  1 
ATOM   658  C  CG  . ASP A 1 90  ? -12.211 13.248  3.253   1.00 23.58 ? 249  ASP A CG  1 
ATOM   659  O  OD1 . ASP A 1 90  ? -11.676 12.992  4.357   1.00 24.18 ? 249  ASP A OD1 1 
ATOM   660  O  OD2 . ASP A 1 90  ? -13.145 12.571  2.767   1.00 24.43 ? 249  ASP A OD2 1 
ATOM   661  N  N   . THR A 1 91  ? -10.174 14.019  -0.320  1.00 21.77 ? 250  THR A N   1 
ATOM   662  C  CA  . THR A 1 91  ? -10.151 13.278  -1.580  1.00 21.45 ? 250  THR A CA  1 
ATOM   663  C  C   . THR A 1 91  ? -8.831  12.543  -1.812  1.00 21.12 ? 250  THR A C   1 
ATOM   664  O  O   . THR A 1 91  ? -7.762  13.140  -1.758  1.00 20.83 ? 250  THR A O   1 
ATOM   665  C  CB  . THR A 1 91  ? -10.425 14.227  -2.750  1.00 21.33 ? 250  THR A CB  1 
ATOM   666  O  OG1 . THR A 1 91  ? -11.736 14.771  -2.591  1.00 22.25 ? 250  THR A OG1 1 
ATOM   667  C  CG2 . THR A 1 91  ? -10.340 13.512  -4.079  1.00 20.98 ? 250  THR A CG2 1 
ATOM   668  N  N   . LEU A 1 92  ? -8.928  11.245  -2.083  1.00 21.12 ? 251  LEU A N   1 
ATOM   669  C  CA  . LEU A 1 92  ? -7.763  10.385  -2.270  1.00 21.04 ? 251  LEU A CA  1 
ATOM   670  C  C   . LEU A 1 92  ? -7.692  9.873   -3.705  1.00 20.96 ? 251  LEU A C   1 
ATOM   671  O  O   . LEU A 1 92  ? -8.718  9.568   -4.320  1.00 20.72 ? 251  LEU A O   1 
ATOM   672  C  CB  . LEU A 1 92  ? -7.835  9.185   -1.327  1.00 20.94 ? 251  LEU A CB  1 
ATOM   673  C  CG  . LEU A 1 92  ? -7.945  9.455   0.169   1.00 21.10 ? 251  LEU A CG  1 
ATOM   674  C  CD1 . LEU A 1 92  ? -8.379  8.180   0.899   1.00 20.25 ? 251  LEU A CD1 1 
ATOM   675  C  CD2 . LEU A 1 92  ? -6.620  9.991   0.723   1.00 20.84 ? 251  LEU A CD2 1 
ATOM   676  N  N   . ILE A 1 93  ? -6.473  9.760   -4.224  1.00 20.97 ? 252  ILE A N   1 
ATOM   677  C  CA  . ILE A 1 93  ? -6.245  9.183   -5.546  1.00 21.24 ? 252  ILE A CA  1 
ATOM   678  C  C   . ILE A 1 93  ? -5.682  7.767   -5.386  1.00 20.98 ? 252  ILE A C   1 
ATOM   679  O  O   . ILE A 1 93  ? -4.817  7.524   -4.548  1.00 20.72 ? 252  ILE A O   1 
ATOM   680  C  CB  . ILE A 1 93  ? -5.281  10.057  -6.391  1.00 21.30 ? 252  ILE A CB  1 
ATOM   681  C  CG1 . ILE A 1 93  ? -5.851  11.475  -6.545  1.00 21.79 ? 252  ILE A CG1 1 
ATOM   682  C  CG2 . ILE A 1 93  ? -5.046  9.436   -7.760  1.00 20.93 ? 252  ILE A CG2 1 
ATOM   683  C  CD1 . ILE A 1 93  ? -4.924  12.433  -7.280  1.00 21.80 ? 252  ILE A CD1 1 
ATOM   684  N  N   . LYS A 1 94  ? -6.171  6.850   -6.215  1.00 21.03 ? 253  LYS A N   1 
ATOM   685  C  CA  . LYS A 1 94  ? -5.785  5.447   -6.153  1.00 21.34 ? 253  LYS A CA  1 
ATOM   686  C  C   . LYS A 1 94  ? -4.626  5.153   -7.101  1.00 21.10 ? 253  LYS A C   1 
ATOM   687  O  O   . LYS A 1 94  ? -4.642  5.585   -8.254  1.00 21.15 ? 253  LYS A O   1 
ATOM   688  C  CB  . LYS A 1 94  ? -6.993  4.592   -6.510  1.00 21.30 ? 253  LYS A CB  1 
ATOM   689  C  CG  . LYS A 1 94  ? -6.780  3.094   -6.465  1.00 22.07 ? 253  LYS A CG  1 
ATOM   690  C  CD  . LYS A 1 94  ? -8.101  2.397   -6.791  1.00 22.22 ? 253  LYS A CD  1 
ATOM   691  C  CE  . LYS A 1 94  ? -8.054  0.915   -6.474  1.00 23.44 ? 253  LYS A CE  1 
ATOM   692  N  NZ  . LYS A 1 94  ? -9.377  0.274   -6.735  1.00 23.67 ? 253  LYS A NZ  1 
ATOM   693  N  N   . TYR A 1 95  ? -3.625  4.421   -6.602  1.00 20.97 ? 254  TYR A N   1 
ATOM   694  C  CA  . TYR A 1 95  ? -2.503  3.945   -7.414  1.00 20.77 ? 254  TYR A CA  1 
ATOM   695  C  C   . TYR A 1 95  ? -2.293  2.438   -7.232  1.00 20.60 ? 254  TYR A C   1 
ATOM   696  O  O   . TYR A 1 95  ? -2.059  1.981   -6.119  1.00 20.68 ? 254  TYR A O   1 
ATOM   697  C  CB  . TYR A 1 95  ? -1.227  4.688   -7.035  1.00 21.02 ? 254  TYR A CB  1 
ATOM   698  C  CG  . TYR A 1 95  ? -1.351  6.191   -7.136  1.00 21.48 ? 254  TYR A CG  1 
ATOM   699  C  CD1 . TYR A 1 95  ? -0.912  6.877   -8.261  1.00 21.52 ? 254  TYR A CD1 1 
ATOM   700  C  CD2 . TYR A 1 95  ? -1.926  6.927   -6.103  1.00 21.85 ? 254  TYR A CD2 1 
ATOM   701  C  CE1 . TYR A 1 95  ? -1.034  8.260   -8.345  1.00 21.91 ? 254  TYR A CE1 1 
ATOM   702  C  CE2 . TYR A 1 95  ? -2.050  8.298   -6.178  1.00 21.39 ? 254  TYR A CE2 1 
ATOM   703  C  CZ  . TYR A 1 95  ? -1.606  8.960   -7.293  1.00 21.84 ? 254  TYR A CZ  1 
ATOM   704  O  OH  . TYR A 1 95  ? -1.738  10.329  -7.340  1.00 21.96 ? 254  TYR A OH  1 
ATOM   705  N  N   . THR A 1 96  ? -2.385  1.681   -8.326  1.00 20.36 ? 255  THR A N   1 
ATOM   706  C  CA  . THR A 1 96  ? -2.114  0.238   -8.335  1.00 20.21 ? 255  THR A CA  1 
ATOM   707  C  C   . THR A 1 96  ? -1.181  -0.094  -9.499  1.00 20.33 ? 255  THR A C   1 
ATOM   708  O  O   . THR A 1 96  ? -1.022  0.719   -10.414 1.00 20.25 ? 255  THR A O   1 
ATOM   709  C  CB  . THR A 1 96  ? -3.411  -0.605  -8.473  1.00 20.30 ? 255  THR A CB  1 
ATOM   710  O  OG1 . THR A 1 96  ? -4.010  -0.381  -9.754  1.00 19.86 ? 255  THR A OG1 1 
ATOM   711  C  CG2 . THR A 1 96  ? -4.420  -0.260  -7.375  1.00 19.53 ? 255  THR A CG2 1 
ATOM   712  N  N   . SER A 1 97  ? -0.573  -1.283  -9.458  1.00 20.25 ? 256  SER A N   1 
ATOM   713  C  CA  . SER A 1 97  ? 0.342   -1.740  -10.519 1.00 20.23 ? 256  SER A CA  1 
ATOM   714  C  C   . SER A 1 97  ? 0.307   -3.248  -10.828 1.00 20.20 ? 256  SER A C   1 
ATOM   715  O  O   . SER A 1 97  ? 0.600   -3.648  -11.958 1.00 20.59 ? 256  SER A O   1 
ATOM   716  C  CB  . SER A 1 97  ? 1.778   -1.334  -10.188 1.00 20.21 ? 256  SER A CB  1 
ATOM   717  O  OG  . SER A 1 97  ? 2.311   -2.127  -9.140  1.00 20.49 ? 256  SER A OG  1 
ATOM   718  N  N   . TYR A 1 98  ? -0.011  -4.085  -9.841  1.00 20.09 ? 257  TYR A N   1 
ATOM   719  C  CA  . TYR A 1 98  ? -0.108  -5.532  -10.063 1.00 19.98 ? 257  TYR A CA  1 
ATOM   720  C  C   . TYR A 1 98  ? -1.245  -6.165  -9.264  1.00 20.30 ? 257  TYR A C   1 
ATOM   721  O  O   . TYR A 1 98  ? -1.697  -5.628  -8.253  1.00 20.65 ? 257  TYR A O   1 
ATOM   722  C  CB  . TYR A 1 98  ? 1.210   -6.232  -9.691  1.00 19.65 ? 257  TYR A CB  1 
ATOM   723  C  CG  . TYR A 1 98  ? 1.411   -6.405  -8.194  1.00 19.12 ? 257  TYR A CG  1 
ATOM   724  C  CD1 . TYR A 1 98  ? 0.926   -7.527  -7.530  1.00 19.35 ? 257  TYR A CD1 1 
ATOM   725  C  CD2 . TYR A 1 98  ? 2.068   -5.442  -7.449  1.00 19.23 ? 257  TYR A CD2 1 
ATOM   726  C  CE1 . TYR A 1 98  ? 1.091   -7.682  -6.163  1.00 19.30 ? 257  TYR A CE1 1 
ATOM   727  C  CE2 . TYR A 1 98  ? 2.242   -5.584  -6.080  1.00 19.66 ? 257  TYR A CE2 1 
ATOM   728  C  CZ  . TYR A 1 98  ? 1.753   -6.703  -5.439  1.00 19.34 ? 257  TYR A CZ  1 
ATOM   729  O  OH  . TYR A 1 98  ? 1.938   -6.842  -4.084  1.00 18.44 ? 257  TYR A OH  1 
ATOM   730  N  N   . GLY A 1 99  ? -1.680  -7.327  -9.732  1.00 20.63 ? 258  GLY A N   1 
ATOM   731  C  CA  . GLY A 1 99  ? -2.581  -8.193  -8.989  1.00 20.71 ? 258  GLY A CA  1 
ATOM   732  C  C   . GLY A 1 99  ? -1.954  -9.570  -8.863  1.00 20.69 ? 258  GLY A C   1 
ATOM   733  O  O   . GLY A 1 99  ? -1.104  -9.949  -9.666  1.00 20.73 ? 258  GLY A O   1 
ATOM   734  N  N   . SER A 1 100 ? -2.362  -10.312 -7.845  1.00 20.65 ? 259  SER A N   1 
ATOM   735  C  CA  . SER A 1 100 ? -1.880  -11.673 -7.651  1.00 20.90 ? 259  SER A CA  1 
ATOM   736  C  C   . SER A 1 100 ? -3.004  -12.522 -7.069  1.00 20.57 ? 259  SER A C   1 
ATOM   737  O  O   . SER A 1 100 ? -3.955  -11.989 -6.506  1.00 20.31 ? 259  SER A O   1 
ATOM   738  C  CB  . SER A 1 100 ? -0.652  -11.668 -6.742  1.00 20.88 ? 259  SER A CB  1 
ATOM   739  O  OG  . SER A 1 100 ? -0.300  -12.978 -6.350  1.00 22.53 ? 259  SER A OG  1 
ATOM   740  N  N   . THR A 1 101 ? -2.904  -13.837 -7.241  1.00 20.64 ? 260  THR A N   1 
ATOM   741  C  CA  . THR A 1 101 ? -3.947  -14.759 -6.789  1.00 20.77 ? 260  THR A CA  1 
ATOM   742  C  C   . THR A 1 101 ? -3.356  -16.083 -6.284  1.00 20.71 ? 260  THR A C   1 
ATOM   743  O  O   . THR A 1 101 ? -2.133  -16.247 -6.238  1.00 20.72 ? 260  THR A O   1 
ATOM   744  C  CB  . THR A 1 101 ? -4.990  -15.004 -7.906  1.00 20.74 ? 260  THR A CB  1 
ATOM   745  O  OG1 . THR A 1 101 ? -6.123  -15.705 -7.369  1.00 21.46 ? 260  THR A OG1 1 
ATOM   746  C  CG2 . THR A 1 101 ? -4.384  -15.795 -9.060  1.00 20.51 ? 260  THR A CG2 1 
ATOM   747  N  N   . GLY A 1 102 ? -4.229  -17.004 -5.879  1.00 20.81 ? 261  GLY A N   1 
ATOM   748  C  CA  . GLY A 1 102 ? -3.814  -18.296 -5.324  1.00 20.77 ? 261  GLY A CA  1 
ATOM   749  C  C   . GLY A 1 102 ? -3.425  -18.230 -3.853  1.00 20.94 ? 261  GLY A C   1 
ATOM   750  O  O   . GLY A 1 102 ? -3.661  -17.223 -3.179  1.00 20.99 ? 261  GLY A O   1 
ATOM   751  N  N   . SER A 1 103 ? -2.842  -19.320 -3.354  1.00 20.90 ? 262  SER A N   1 
ATOM   752  C  CA  A SER A 1 103 ? -2.359  -19.397 -1.978  0.80 21.03 ? 262  SER A CA  1 
ATOM   753  C  CA  B SER A 1 103 ? -2.371  -19.369 -1.969  0.20 20.86 ? 262  SER A CA  1 
ATOM   754  C  C   . SER A 1 103 ? -1.031  -18.645 -1.846  1.00 20.90 ? 262  SER A C   1 
ATOM   755  O  O   . SER A 1 103 ? -0.246  -18.604 -2.798  1.00 20.94 ? 262  SER A O   1 
ATOM   756  C  CB  A SER A 1 103 ? -2.180  -20.867 -1.581  0.80 20.89 ? 262  SER A CB  1 
ATOM   757  C  CB  B SER A 1 103 ? -2.249  -20.816 -1.479  0.20 20.81 ? 262  SER A CB  1 
ATOM   758  O  OG  A SER A 1 103 ? -2.311  -21.030 -0.187  0.80 22.06 ? 262  SER A OG  1 
ATOM   759  O  OG  B SER A 1 103 ? -1.445  -21.590 -2.347  0.20 20.58 ? 262  SER A OG  1 
ATOM   760  N  N   . HIS A 1 104 ? -0.776  -18.065 -0.670  1.00 20.99 ? 263  HIS A N   1 
ATOM   761  C  CA  . HIS A 1 104 ? 0.444   -17.279 -0.427  1.00 20.85 ? 263  HIS A CA  1 
ATOM   762  C  C   . HIS A 1 104 ? 1.180   -17.706 0.846   1.00 20.76 ? 263  HIS A C   1 
ATOM   763  O  O   . HIS A 1 104 ? 0.618   -17.636 1.928   1.00 20.67 ? 263  HIS A O   1 
ATOM   764  C  CB  . HIS A 1 104 ? 0.102   -15.791 -0.317  1.00 21.12 ? 263  HIS A CB  1 
ATOM   765  C  CG  . HIS A 1 104 ? -0.768  -15.274 -1.422  1.00 21.30 ? 263  HIS A CG  1 
ATOM   766  N  ND1 . HIS A 1 104 ? -0.289  -15.003 -2.685  1.00 21.52 ? 263  HIS A ND1 1 
ATOM   767  C  CD2 . HIS A 1 104 ? -2.085  -14.960 -1.445  1.00 21.78 ? 263  HIS A CD2 1 
ATOM   768  C  CE1 . HIS A 1 104 ? -1.272  -14.547 -3.440  1.00 21.80 ? 263  HIS A CE1 1 
ATOM   769  N  NE2 . HIS A 1 104 ? -2.375  -14.515 -2.714  1.00 21.61 ? 263  HIS A NE2 1 
ATOM   770  N  N   . SER A 1 105 ? 2.445   -18.114 0.709   1.00 20.89 ? 264  SER A N   1 
ATOM   771  C  CA  . SER A 1 105 ? 3.283   -18.549 1.845   1.00 20.98 ? 264  SER A CA  1 
ATOM   772  C  C   . SER A 1 105 ? 4.064   -17.397 2.473   1.00 20.97 ? 264  SER A C   1 
ATOM   773  O  O   . SER A 1 105 ? 4.547   -17.512 3.595   1.00 21.00 ? 264  SER A O   1 
ATOM   774  C  CB  . SER A 1 105 ? 4.287   -19.622 1.407   1.00 21.00 ? 264  SER A CB  1 
ATOM   775  O  OG  . SER A 1 105 ? 3.640   -20.765 0.876   1.00 21.24 ? 264  SER A OG  1 
ATOM   776  N  N   . GLY A 1 106 ? 4.207   -16.296 1.741   1.00 20.97 ? 265  GLY A N   1 
ATOM   777  C  CA  . GLY A 1 106 ? 4.886   -15.119 2.268   1.00 20.69 ? 265  GLY A CA  1 
ATOM   778  C  C   . GLY A 1 106 ? 6.378   -15.312 2.427   1.00 20.36 ? 265  GLY A C   1 
ATOM   779  O  O   . GLY A 1 106 ? 6.970   -14.831 3.393   1.00 20.32 ? 265  GLY A O   1 
ATOM   780  N  N   . TYR A 1 107 ? 6.988   -16.022 1.479   1.00 20.34 ? 266  TYR A N   1 
ATOM   781  C  CA  . TYR A 1 107 ? 8.443   -16.195 1.464   1.00 19.99 ? 266  TYR A CA  1 
ATOM   782  C  C   . TYR A 1 107 ? 9.062   -14.879 1.042   1.00 19.76 ? 266  TYR A C   1 
ATOM   783  O  O   . TYR A 1 107 ? 8.609   -14.267 0.075   1.00 19.80 ? 266  TYR A O   1 
ATOM   784  C  CB  . TYR A 1 107 ? 8.862   -17.280 0.477   1.00 19.81 ? 266  TYR A CB  1 
ATOM   785  C  CG  . TYR A 1 107 ? 8.336   -18.656 0.798   1.00 19.71 ? 266  TYR A CG  1 
ATOM   786  C  CD1 . TYR A 1 107 ? 8.465   -19.196 2.073   1.00 19.75 ? 266  TYR A CD1 1 
ATOM   787  C  CD2 . TYR A 1 107 ? 7.722   -19.425 -0.180  1.00 19.77 ? 266  TYR A CD2 1 
ATOM   788  C  CE1 . TYR A 1 107 ? 7.985   -20.461 2.365   1.00 20.01 ? 266  TYR A CE1 1 
ATOM   789  C  CE2 . TYR A 1 107 ? 7.247   -20.693 0.099   1.00 20.13 ? 266  TYR A CE2 1 
ATOM   790  C  CZ  . TYR A 1 107 ? 7.378   -21.203 1.371   1.00 19.86 ? 266  TYR A CZ  1 
ATOM   791  O  OH  . TYR A 1 107 ? 6.905   -22.455 1.640   1.00 19.49 ? 266  TYR A OH  1 
ATOM   792  N  N   . ASP A 1 108 ? 10.092  -14.441 1.755   1.00 19.60 ? 267  ASP A N   1 
ATOM   793  C  CA  . ASP A 1 108 ? 10.682  -13.124 1.488   1.00 19.53 ? 267  ASP A CA  1 
ATOM   794  C  C   . ASP A 1 108 ? 11.180  -12.994 0.042   1.00 19.39 ? 267  ASP A C   1 
ATOM   795  O  O   . ASP A 1 108 ? 11.084  -11.918 -0.553  1.00 19.31 ? 267  ASP A O   1 
ATOM   796  C  CB  . ASP A 1 108 ? 11.776  -12.777 2.507   1.00 19.37 ? 267  ASP A CB  1 
ATOM   797  C  CG  . ASP A 1 108 ? 12.944  -13.761 2.506   1.00 19.71 ? 267  ASP A CG  1 
ATOM   798  O  OD1 . ASP A 1 108 ? 12.869  -14.834 1.870   1.00 19.40 ? 267  ASP A OD1 1 
ATOM   799  O  OD2 . ASP A 1 108 ? 13.958  -13.444 3.156   1.00 21.11 ? 267  ASP A OD2 1 
ATOM   800  N  N   . PHE A 1 109 ? 11.661  -14.096 -0.533  1.00 19.25 ? 268  PHE A N   1 
ATOM   801  C  CA  . PHE A 1 109 ? 12.139  -14.098 -1.926  1.00 19.18 ? 268  PHE A CA  1 
ATOM   802  C  C   . PHE A 1 109 ? 11.007  -14.025 -2.964  1.00 19.15 ? 268  PHE A C   1 
ATOM   803  O  O   . PHE A 1 109 ? 11.271  -13.910 -4.162  1.00 18.90 ? 268  PHE A O   1 
ATOM   804  C  CB  . PHE A 1 109 ? 13.055  -15.306 -2.205  1.00 19.41 ? 268  PHE A CB  1 
ATOM   805  C  CG  . PHE A 1 109 ? 12.463  -16.632 -1.826  1.00 19.38 ? 268  PHE A CG  1 
ATOM   806  C  CD1 . PHE A 1 109 ? 11.535  -17.257 -2.648  1.00 19.51 ? 268  PHE A CD1 1 
ATOM   807  C  CD2 . PHE A 1 109 ? 12.837  -17.259 -0.645  1.00 19.53 ? 268  PHE A CD2 1 
ATOM   808  C  CE1 . PHE A 1 109 ? 10.994  -18.487 -2.303  1.00 19.26 ? 268  PHE A CE1 1 
ATOM   809  C  CE2 . PHE A 1 109 ? 12.293  -18.485 -0.291  1.00 19.73 ? 268  PHE A CE2 1 
ATOM   810  C  CZ  . PHE A 1 109 ? 11.375  -19.100 -1.123  1.00 19.56 ? 268  PHE A CZ  1 
ATOM   811  N  N   . ASP A 1 110 ? 9.758   -14.099 -2.497  1.00 19.32 ? 269  ASP A N   1 
ATOM   812  C  CA  . ASP A 1 110 ? 8.573   -13.887 -3.332  1.00 19.13 ? 269  ASP A CA  1 
ATOM   813  C  C   . ASP A 1 110 ? 7.920   -12.526 -3.113  1.00 19.07 ? 269  ASP A C   1 
ATOM   814  O  O   . ASP A 1 110 ? 6.862   -12.261 -3.671  1.00 19.35 ? 269  ASP A O   1 
ATOM   815  C  CB  . ASP A 1 110 ? 7.528   -14.976 -3.044  1.00 19.07 ? 269  ASP A CB  1 
ATOM   816  C  CG  . ASP A 1 110 ? 7.926   -16.323 -3.590  1.00 18.96 ? 269  ASP A CG  1 
ATOM   817  O  OD1 . ASP A 1 110 ? 8.725   -16.352 -4.548  1.00 17.75 ? 269  ASP A OD1 1 
ATOM   818  O  OD2 . ASP A 1 110 ? 7.437   -17.354 -3.069  1.00 18.13 ? 269  ASP A OD2 1 
ATOM   819  N  N   . ASP A 1 111 ? 8.529   -11.662 -2.303  1.00 19.01 ? 270  ASP A N   1 
ATOM   820  C  CA  . ASP A 1 111 ? 7.923   -10.358 -2.023  1.00 18.77 ? 270  ASP A CA  1 
ATOM   821  C  C   . ASP A 1 111 ? 7.695   -9.568  -3.307  1.00 18.86 ? 270  ASP A C   1 
ATOM   822  O  O   . ASP A 1 111 ? 8.555   -9.528  -4.193  1.00 18.76 ? 270  ASP A O   1 
ATOM   823  C  CB  . ASP A 1 111 ? 8.771   -9.552  -1.035  1.00 18.68 ? 270  ASP A CB  1 
ATOM   824  C  CG  . ASP A 1 111 ? 8.573   -10.000 0.401   1.00 18.48 ? 270  ASP A CG  1 
ATOM   825  O  OD1 . ASP A 1 111 ? 7.680   -10.837 0.654   1.00 18.95 ? 270  ASP A OD1 1 
ATOM   826  O  OD2 . ASP A 1 111 ? 9.297   -9.501  1.282   1.00 17.79 ? 270  ASP A OD2 1 
ATOM   827  N  N   . ASN A 1 112 ? 6.520   -8.956  -3.397  1.00 18.81 ? 271  ASN A N   1 
ATOM   828  C  CA  . ASN A 1 112 ? 6.108   -8.230  -4.588  1.00 18.79 ? 271  ASN A CA  1 
ATOM   829  C  C   . ASN A 1 112 ? 6.487   -6.753  -4.514  1.00 18.88 ? 271  ASN A C   1 
ATOM   830  O  O   . ASN A 1 112 ? 6.905   -6.247  -3.462  1.00 18.65 ? 271  ASN A O   1 
ATOM   831  C  CB  . ASN A 1 112 ? 4.598   -8.380  -4.785  1.00 18.82 ? 271  ASN A CB  1 
ATOM   832  C  CG  . ASN A 1 112 ? 4.207   -9.778  -5.208  1.00 19.64 ? 271  ASN A CG  1 
ATOM   833  O  OD1 . ASN A 1 112 ? 3.805   -10.606 -4.383  1.00 20.28 ? 271  ASN A OD1 1 
ATOM   834  N  ND2 . ASN A 1 112 ? 4.358   -10.063 -6.497  1.00 19.89 ? 271  ASN A ND2 1 
ATOM   835  N  N   . THR A 1 113 ? 6.335   -6.070  -5.643  1.00 18.82 ? 272  THR A N   1 
ATOM   836  C  CA  . THR A 1 113 ? 6.667   -4.663  -5.723  1.00 18.90 ? 272  THR A CA  1 
ATOM   837  C  C   . THR A 1 113 ? 5.536   -3.866  -6.357  1.00 19.23 ? 272  THR A C   1 
ATOM   838  O  O   . THR A 1 113 ? 5.277   -3.973  -7.553  1.00 18.88 ? 272  THR A O   1 
ATOM   839  C  CB  . THR A 1 113 ? 7.978   -4.452  -6.492  1.00 18.83 ? 272  THR A CB  1 
ATOM   840  O  OG1 . THR A 1 113 ? 9.014   -5.200  -5.845  1.00 18.37 ? 272  THR A OG1 1 
ATOM   841  C  CG2 . THR A 1 113 ? 8.364   -2.968  -6.526  1.00 18.47 ? 272  THR A CG2 1 
ATOM   842  N  N   . LEU A 1 114 ? 4.847   -3.092  -5.519  1.00 19.77 ? 273  LEU A N   1 
ATOM   843  C  CA  . LEU A 1 114 ? 3.941   -2.056  -5.992  1.00 20.14 ? 273  LEU A CA  1 
ATOM   844  C  C   . LEU A 1 114 ? 4.825   -0.976  -6.572  1.00 20.27 ? 273  LEU A C   1 
ATOM   845  O  O   . LEU A 1 114 ? 5.729   -0.499  -5.903  1.00 20.44 ? 273  LEU A O   1 
ATOM   846  C  CB  . LEU A 1 114 ? 3.103   -1.501  -4.846  1.00 20.20 ? 273  LEU A CB  1 
ATOM   847  C  CG  . LEU A 1 114 ? 2.113   -0.373  -5.151  1.00 20.29 ? 273  LEU A CG  1 
ATOM   848  C  CD1 . LEU A 1 114 ? 1.069   -0.793  -6.172  1.00 20.23 ? 273  LEU A CD1 1 
ATOM   849  C  CD2 . LEU A 1 114 ? 1.445   0.060   -3.856  1.00 20.00 ? 273  LEU A CD2 1 
ATOM   850  N  N   . ASP A 1 115 ? 4.576   -0.621  -7.825  1.00 20.66 ? 274  ASP A N   1 
ATOM   851  C  CA  . ASP A 1 115 ? 5.415   0.304   -8.562  1.00 21.05 ? 274  ASP A CA  1 
ATOM   852  C  C   . ASP A 1 115 ? 4.524   1.216   -9.397  1.00 20.98 ? 274  ASP A C   1 
ATOM   853  O  O   . ASP A 1 115 ? 4.037   0.810   -10.440 1.00 20.99 ? 274  ASP A O   1 
ATOM   854  C  CB  . ASP A 1 115 ? 6.363   -0.500  -9.449  1.00 21.53 ? 274  ASP A CB  1 
ATOM   855  C  CG  . ASP A 1 115 ? 7.308   0.368   -10.254 1.00 22.35 ? 274  ASP A CG  1 
ATOM   856  O  OD1 . ASP A 1 115 ? 7.381   1.593   -10.019 1.00 23.93 ? 274  ASP A OD1 1 
ATOM   857  O  OD2 . ASP A 1 115 ? 7.989   -0.198  -11.134 1.00 25.12 ? 274  ASP A OD2 1 
ATOM   858  N  N   . VAL A 1 116 ? 4.320   2.442   -8.925  1.00 21.15 ? 275  VAL A N   1 
ATOM   859  C  CA  . VAL A 1 116 ? 3.413   3.393   -9.563  1.00 21.40 ? 275  VAL A CA  1 
ATOM   860  C  C   . VAL A 1 116 ? 4.077   4.735   -9.892  1.00 21.99 ? 275  VAL A C   1 
ATOM   861  O  O   . VAL A 1 116 ? 5.071   5.127   -9.282  1.00 21.72 ? 275  VAL A O   1 
ATOM   862  C  CB  . VAL A 1 116 ? 2.186   3.680   -8.661  1.00 21.37 ? 275  VAL A CB  1 
ATOM   863  C  CG1 . VAL A 1 116 ? 1.438   2.389   -8.349  1.00 20.66 ? 275  VAL A CG1 1 
ATOM   864  C  CG2 . VAL A 1 116 ? 2.618   4.396   -7.390  1.00 20.53 ? 275  VAL A CG2 1 
HETATM 865  N  N   . MSE A 1 117 ? 3.501   5.428   -10.867 1.00 23.00 ? 276  MSE A N   1 
HETATM 866  C  CA  . MSE A 1 117 ? 3.902   6.784   -11.218 1.00 24.04 ? 276  MSE A CA  1 
HETATM 867  C  C   . MSE A 1 117 ? 2.928   7.753   -10.559 1.00 23.38 ? 276  MSE A C   1 
HETATM 868  O  O   . MSE A 1 117 ? 1.719   7.655   -10.763 1.00 23.14 ? 276  MSE A O   1 
HETATM 869  C  CB  . MSE A 1 117 ? 3.880   6.977   -12.734 1.00 24.97 ? 276  MSE A CB  1 
HETATM 870  C  CG  . MSE A 1 117 ? 4.904   6.128   -13.479 1.00 29.17 ? 276  MSE A CG  1 
HETATM 871  SE SE  . MSE A 1 117 ? 6.742   6.604   -12.990 1.00 39.86 ? 276  MSE A SE  1 
HETATM 872  C  CE  . MSE A 1 117 ? 6.833   8.370   -13.830 1.00 34.05 ? 276  MSE A CE  1 
ATOM   873  N  N   . VAL A 1 118 ? 3.472   8.682   -9.776  1.00 22.93 ? 277  VAL A N   1 
ATOM   874  C  CA  . VAL A 1 118 ? 2.690   9.596   -8.959  1.00 22.58 ? 277  VAL A CA  1 
ATOM   875  C  C   . VAL A 1 118 ? 2.957   11.039  -9.394  1.00 22.28 ? 277  VAL A C   1 
ATOM   876  O  O   . VAL A 1 118 ? 4.109   11.460  -9.487  1.00 22.21 ? 277  VAL A O   1 
ATOM   877  C  CB  . VAL A 1 118 ? 3.048   9.423   -7.461  1.00 22.47 ? 277  VAL A CB  1 
ATOM   878  C  CG1 . VAL A 1 118 ? 2.295   10.406  -6.606  1.00 22.89 ? 277  VAL A CG1 1 
ATOM   879  C  CG2 . VAL A 1 118 ? 2.739   8.003   -6.997  1.00 22.54 ? 277  VAL A CG2 1 
ATOM   880  N  N   . THR A 1 119 ? 1.891   11.792  -9.659  1.00 22.13 ? 278  THR A N   1 
ATOM   881  C  CA  . THR A 1 119 ? 2.013   13.195  -10.054 1.00 22.06 ? 278  THR A CA  1 
ATOM   882  C  C   . THR A 1 119 ? 1.267   14.089  -9.067  1.00 22.06 ? 278  THR A C   1 
ATOM   883  O  O   . THR A 1 119 ? 0.039   14.069  -9.010  1.00 22.24 ? 278  THR A O   1 
ATOM   884  C  CB  . THR A 1 119 ? 1.478   13.421  -11.468 1.00 22.05 ? 278  THR A CB  1 
ATOM   885  O  OG1 . THR A 1 119 ? 2.123   12.511  -12.362 1.00 21.44 ? 278  THR A OG1 1 
ATOM   886  C  CG2 . THR A 1 119 ? 1.745   14.872  -11.926 1.00 22.39 ? 278  THR A CG2 1 
ATOM   887  N  N   . LEU A 1 120 ? 2.021   14.877  -8.302  1.00 22.06 ? 279  LEU A N   1 
ATOM   888  C  CA  . LEU A 1 120 ? 1.476   15.613  -7.170  1.00 22.20 ? 279  LEU A CA  1 
ATOM   889  C  C   . LEU A 1 120 ? 1.865   17.090  -7.166  1.00 22.46 ? 279  LEU A C   1 
ATOM   890  O  O   . LEU A 1 120 ? 2.933   17.470  -7.654  1.00 22.25 ? 279  LEU A O   1 
ATOM   891  C  CB  . LEU A 1 120 ? 1.969   14.981  -5.870  1.00 22.33 ? 279  LEU A CB  1 
ATOM   892  C  CG  . LEU A 1 120 ? 1.540   13.537  -5.602  1.00 22.30 ? 279  LEU A CG  1 
ATOM   893  C  CD1 . LEU A 1 120 ? 2.373   12.942  -4.465  1.00 22.36 ? 279  LEU A CD1 1 
ATOM   894  C  CD2 . LEU A 1 120 ? 0.050   13.467  -5.297  1.00 21.43 ? 279  LEU A CD2 1 
ATOM   895  N  N   . SER A 1 121 ? 0.987   17.912  -6.594  1.00 22.60 ? 280  SER A N   1 
ATOM   896  C  CA  . SER A 1 121 ? 1.286   19.316  -6.343  1.00 22.81 ? 280  SER A CA  1 
ATOM   897  C  C   . SER A 1 121 ? 2.339   19.432  -5.244  1.00 22.88 ? 280  SER A C   1 
ATOM   898  O  O   . SER A 1 121 ? 2.524   18.508  -4.448  1.00 23.04 ? 280  SER A O   1 
ATOM   899  C  CB  . SER A 1 121 ? 0.018   20.072  -5.936  1.00 22.87 ? 280  SER A CB  1 
ATOM   900  O  OG  . SER A 1 121 ? -0.542  19.534  -4.747  1.00 22.98 ? 280  SER A OG  1 
ATOM   901  N  N   . ALA A 1 122 ? 3.036   20.564  -5.220  1.00 22.82 ? 281  ALA A N   1 
ATOM   902  C  CA  . ALA A 1 122 ? 4.032   20.849  -4.192  1.00 22.83 ? 281  ALA A CA  1 
ATOM   903  C  C   . ALA A 1 122 ? 3.381   20.904  -2.815  1.00 22.68 ? 281  ALA A C   1 
ATOM   904  O  O   . ALA A 1 122 ? 2.233   21.327  -2.683  1.00 23.10 ? 281  ALA A O   1 
ATOM   905  C  CB  . ALA A 1 122 ? 4.740   22.171  -4.490  1.00 22.85 ? 281  ALA A CB  1 
ATOM   906  N  N   . GLY A 1 123 ? 4.118   20.473  -1.796  1.00 22.56 ? 282  GLY A N   1 
ATOM   907  C  CA  . GLY A 1 123 ? 3.607   20.432  -0.431  1.00 22.33 ? 282  GLY A CA  1 
ATOM   908  C  C   . GLY A 1 123 ? 3.315   19.018  0.034   1.00 22.18 ? 282  GLY A C   1 
ATOM   909  O  O   . GLY A 1 123 ? 3.600   18.047  -0.675  1.00 21.98 ? 282  GLY A O   1 
ATOM   910  N  N   . VAL A 1 124 ? 2.730   18.917  1.229   1.00 21.82 ? 283  VAL A N   1 
ATOM   911  C  CA  . VAL A 1 124 ? 2.507   17.640  1.889   1.00 21.62 ? 283  VAL A CA  1 
ATOM   912  C  C   . VAL A 1 124 ? 1.313   16.894  1.302   1.00 21.47 ? 283  VAL A C   1 
ATOM   913  O  O   . VAL A 1 124 ? 0.268   17.483  1.019   1.00 21.77 ? 283  VAL A O   1 
ATOM   914  C  CB  . VAL A 1 124 ? 2.263   17.827  3.399   1.00 21.88 ? 283  VAL A CB  1 
ATOM   915  C  CG1 . VAL A 1 124 ? 1.952   16.481  4.067   1.00 21.50 ? 283  VAL A CG1 1 
ATOM   916  C  CG2 . VAL A 1 124 ? 3.473   18.505  4.063   1.00 21.51 ? 283  VAL A CG2 1 
ATOM   917  N  N   . HIS A 1 125 ? 1.487   15.593  1.108   1.00 21.12 ? 284  HIS A N   1 
ATOM   918  C  CA  . HIS A 1 125 ? 0.392   14.699  0.740   1.00 20.59 ? 284  HIS A CA  1 
ATOM   919  C  C   . HIS A 1 125 ? 0.441   13.494  1.653   1.00 20.33 ? 284  HIS A C   1 
ATOM   920  O  O   . HIS A 1 125 ? 1.524   13.023  1.988   1.00 20.68 ? 284  HIS A O   1 
ATOM   921  C  CB  . HIS A 1 125 ? 0.535   14.266  -0.711  1.00 20.43 ? 284  HIS A CB  1 
ATOM   922  C  CG  . HIS A 1 125 ? 0.453   15.400  -1.682  1.00 20.12 ? 284  HIS A CG  1 
ATOM   923  N  ND1 . HIS A 1 125 ? -0.737  15.817  -2.238  1.00 19.46 ? 284  HIS A ND1 1 
ATOM   924  C  CD2 . HIS A 1 125 ? 1.409   16.217  -2.179  1.00 19.56 ? 284  HIS A CD2 1 
ATOM   925  C  CE1 . HIS A 1 125 ? -0.505  16.835  -3.045  1.00 19.66 ? 284  HIS A CE1 1 
ATOM   926  N  NE2 . HIS A 1 125 ? 0.789   17.096  -3.030  1.00 19.05 ? 284  HIS A NE2 1 
ATOM   927  N  N   . ARG A 1 126 ? -0.722  13.009  2.068   1.00 20.36 ? 285  ARG A N   1 
ATOM   928  C  CA  . ARG A 1 126 ? -0.799  11.832  2.927   1.00 20.31 ? 285  ARG A CA  1 
ATOM   929  C  C   . ARG A 1 126 ? -1.063  10.585  2.095   1.00 20.16 ? 285  ARG A C   1 
ATOM   930  O  O   . ARG A 1 126 ? -1.925  10.595  1.226   1.00 20.05 ? 285  ARG A O   1 
ATOM   931  C  CB  . ARG A 1 126 ? -1.893  11.999  3.972   1.00 20.35 ? 285  ARG A CB  1 
ATOM   932  C  CG  . ARG A 1 126 ? -1.925  10.881  5.005   1.00 19.88 ? 285  ARG A CG  1 
ATOM   933  C  CD  . ARG A 1 126 ? -2.464  11.372  6.334   1.00 19.91 ? 285  ARG A CD  1 
ATOM   934  N  NE  . ARG A 1 126 ? -1.536  12.299  6.983   1.00 20.12 ? 285  ARG A NE  1 
ATOM   935  C  CZ  . ARG A 1 126 ? -1.751  12.890  8.154   1.00 19.38 ? 285  ARG A CZ  1 
ATOM   936  N  NH1 . ARG A 1 126 ? -2.873  12.683  8.822   1.00 19.18 ? 285  ARG A NH1 1 
ATOM   937  N  NH2 . ARG A 1 126 ? -0.834  13.708  8.653   1.00 19.85 ? 285  ARG A NH2 1 
ATOM   938  N  N   . VAL A 1 127 ? -0.317  9.518   2.383   1.00 20.05 ? 286  VAL A N   1 
ATOM   939  C  CA  . VAL A 1 127 ? -0.346  8.286   1.600   1.00 19.73 ? 286  VAL A CA  1 
ATOM   940  C  C   . VAL A 1 127 ? -0.811  7.125   2.476   1.00 19.41 ? 286  VAL A C   1 
ATOM   941  O  O   . VAL A 1 127 ? -0.213  6.862   3.517   1.00 19.51 ? 286  VAL A O   1 
ATOM   942  C  CB  . VAL A 1 127 ? 1.063   7.951   1.040   1.00 19.96 ? 286  VAL A CB  1 
ATOM   943  C  CG1 . VAL A 1 127 ? 1.012   6.707   0.141   1.00 19.89 ? 286  VAL A CG1 1 
ATOM   944  C  CG2 . VAL A 1 127 ? 1.650   9.149   0.276   1.00 19.74 ? 286  VAL A CG2 1 
ATOM   945  N  N   . PHE A 1 128 ? -1.873  6.441   2.052   1.00 18.93 ? 287  PHE A N   1 
ATOM   946  C  CA  . PHE A 1 128 ? -2.376  5.258   2.751   1.00 18.62 ? 287  PHE A CA  1 
ATOM   947  C  C   . PHE A 1 128 ? -2.053  3.991   1.968   1.00 18.41 ? 287  PHE A C   1 
ATOM   948  O  O   . PHE A 1 128 ? -2.640  3.757   0.908   1.00 18.38 ? 287  PHE A O   1 
ATOM   949  C  CB  . PHE A 1 128 ? -3.887  5.352   2.963   1.00 18.53 ? 287  PHE A CB  1 
ATOM   950  C  CG  . PHE A 1 128 ? -4.300  6.485   3.857   1.00 18.65 ? 287  PHE A CG  1 
ATOM   951  C  CD1 . PHE A 1 128 ? -4.303  6.329   5.238   1.00 18.08 ? 287  PHE A CD1 1 
ATOM   952  C  CD2 . PHE A 1 128 ? -4.679  7.710   3.317   1.00 17.98 ? 287  PHE A CD2 1 
ATOM   953  C  CE1 . PHE A 1 128 ? -4.680  7.376   6.062   1.00 18.37 ? 287  PHE A CE1 1 
ATOM   954  C  CE2 . PHE A 1 128 ? -5.054  8.754   4.134   1.00 18.03 ? 287  PHE A CE2 1 
ATOM   955  C  CZ  . PHE A 1 128 ? -5.054  8.592   5.509   1.00 18.20 ? 287  PHE A CZ  1 
ATOM   956  N  N   . PRO A 1 129 ? -1.101  3.177   2.469   1.00 18.21 ? 288  PRO A N   1 
ATOM   957  C  CA  . PRO A 1 129 ? -0.903  1.851   1.910   1.00 18.28 ? 288  PRO A CA  1 
ATOM   958  C  C   . PRO A 1 129 ? -2.042  0.931   2.322   1.00 18.08 ? 288  PRO A C   1 
ATOM   959  O  O   . PRO A 1 129 ? -2.265  0.738   3.513   1.00 18.57 ? 288  PRO A O   1 
ATOM   960  C  CB  . PRO A 1 129 ? 0.427   1.385   2.535   1.00 18.41 ? 288  PRO A CB  1 
ATOM   961  C  CG  . PRO A 1 129 ? 1.001   2.562   3.217   1.00 18.10 ? 288  PRO A CG  1 
ATOM   962  C  CD  . PRO A 1 129 ? -0.141  3.453   3.551   1.00 18.31 ? 288  PRO A CD  1 
ATOM   963  N  N   . VAL A 1 130 ? -2.761  0.378   1.351   1.00 17.76 ? 289  VAL A N   1 
ATOM   964  C  CA  . VAL A 1 130 ? -3.921  -0.459  1.647   1.00 17.75 ? 289  VAL A CA  1 
ATOM   965  C  C   . VAL A 1 130 ? -4.003  -1.675  0.737   1.00 17.79 ? 289  VAL A C   1 
ATOM   966  O  O   . VAL A 1 130 ? -3.306  -1.755  -0.270  1.00 17.90 ? 289  VAL A O   1 
ATOM   967  C  CB  . VAL A 1 130 ? -5.246  0.339   1.517   1.00 17.87 ? 289  VAL A CB  1 
ATOM   968  C  CG1 . VAL A 1 130 ? -5.275  1.498   2.518   1.00 17.49 ? 289  VAL A CG1 1 
ATOM   969  C  CG2 . VAL A 1 130 ? -5.454  0.834   0.078   1.00 16.87 ? 289  VAL A CG2 1 
ATOM   970  N  N   . GLU A 1 131 ? -4.849  -2.626  1.124   1.00 17.87 ? 290  GLU A N   1 
ATOM   971  C  CA  . GLU A 1 131 ? -5.261  -3.716  0.246   1.00 18.08 ? 290  GLU A CA  1 
ATOM   972  C  C   . GLU A 1 131 ? -6.637  -3.356  -0.316  1.00 18.04 ? 290  GLU A C   1 
ATOM   973  O  O   . GLU A 1 131 ? -7.554  -3.067  0.439   1.00 18.43 ? 290  GLU A O   1 
ATOM   974  C  CB  . GLU A 1 131 ? -5.307  -5.040  1.026   1.00 18.09 ? 290  GLU A CB  1 
ATOM   975  C  CG  . GLU A 1 131 ? -5.836  -6.245  0.236   1.00 18.32 ? 290  GLU A CG  1 
ATOM   976  C  CD  . GLU A 1 131 ? -5.132  -6.451  -1.090  1.00 18.30 ? 290  GLU A CD  1 
ATOM   977  O  OE1 . GLU A 1 131 ? -3.913  -6.717  -1.094  1.00 18.26 ? 290  GLU A OE1 1 
ATOM   978  O  OE2 . GLU A 1 131 ? -5.801  -6.349  -2.141  1.00 19.23 ? 290  GLU A OE2 1 
ATOM   979  N  N   . THR A 1 132 ? -6.778  -3.350  -1.635  1.00 18.20 ? 291  THR A N   1 
ATOM   980  C  CA  . THR A 1 132 ? -8.043  -2.970  -2.261  1.00 18.39 ? 291  THR A CA  1 
ATOM   981  C  C   . THR A 1 132 ? -8.976  -4.155  -2.557  1.00 18.55 ? 291  THR A C   1 
ATOM   982  O  O   . THR A 1 132 ? -10.159 -3.952  -2.788  1.00 18.35 ? 291  THR A O   1 
ATOM   983  C  CB  . THR A 1 132 ? -7.827  -2.177  -3.568  1.00 18.58 ? 291  THR A CB  1 
ATOM   984  O  OG1 . THR A 1 132 ? -7.337  -3.047  -4.594  1.00 19.17 ? 291  THR A OG1 1 
ATOM   985  C  CG2 . THR A 1 132 ? -6.858  -1.015  -3.347  1.00 17.73 ? 291  THR A CG2 1 
ATOM   986  N  N   . GLU A 1 133 ? -8.451  -5.379  -2.554  1.00 18.85 ? 292  GLU A N   1 
ATOM   987  C  CA  . GLU A 1 133 ? -9.245  -6.552  -2.918  1.00 18.91 ? 292  GLU A CA  1 
ATOM   988  C  C   . GLU A 1 133 ? -9.656  -7.328  -1.670  1.00 18.90 ? 292  GLU A C   1 
ATOM   989  O  O   . GLU A 1 133 ? -8.800  -7.811  -0.925  1.00 19.02 ? 292  GLU A O   1 
ATOM   990  C  CB  . GLU A 1 133 ? -8.458  -7.454  -3.876  1.00 19.10 ? 292  GLU A CB  1 
ATOM   991  C  CG  . GLU A 1 133 ? -9.253  -8.634  -4.465  1.00 19.77 ? 292  GLU A CG  1 
ATOM   992  C  CD  . GLU A 1 133 ? -10.205 -8.245  -5.590  1.00 20.89 ? 292  GLU A CD  1 
ATOM   993  O  OE1 . GLU A 1 133 ? -10.388 -7.036  -5.839  1.00 23.12 ? 292  GLU A OE1 1 
ATOM   994  O  OE2 . GLU A 1 133 ? -10.776 -9.155  -6.236  1.00 20.51 ? 292  GLU A OE2 1 
ATOM   995  N  N   . LEU A 1 134 ? -10.968 -7.424  -1.444  1.00 18.64 ? 293  LEU A N   1 
ATOM   996  C  CA  . LEU A 1 134 ? -11.526 -8.245  -0.375  1.00 18.71 ? 293  LEU A CA  1 
ATOM   997  C  C   . LEU A 1 134 ? -11.942 -9.578  -0.983  1.00 18.74 ? 293  LEU A C   1 
ATOM   998  O  O   . LEU A 1 134 ? -12.917 -9.653  -1.725  1.00 18.70 ? 293  LEU A O   1 
ATOM   999  C  CB  . LEU A 1 134 ? -12.729 -7.548  0.281   1.00 18.72 ? 293  LEU A CB  1 
ATOM   1000 C  CG  . LEU A 1 134 ? -13.484 -8.315  1.377   1.00 18.64 ? 293  LEU A CG  1 
ATOM   1001 C  CD1 . LEU A 1 134 ? -12.613 -8.558  2.600   1.00 18.08 ? 293  LEU A CD1 1 
ATOM   1002 C  CD2 . LEU A 1 134 ? -14.759 -7.579  1.770   1.00 18.32 ? 293  LEU A CD2 1 
ATOM   1003 N  N   . ASP A 1 135 ? -11.196 -10.631 -0.671  1.00 18.94 ? 294  ASP A N   1 
ATOM   1004 C  CA  . ASP A 1 135 ? -11.423 -11.924 -1.300  1.00 18.88 ? 294  ASP A CA  1 
ATOM   1005 C  C   . ASP A 1 135 ? -12.634 -12.616 -0.698  1.00 19.15 ? 294  ASP A C   1 
ATOM   1006 O  O   . ASP A 1 135 ? -12.774 -12.688 0.515   1.00 19.14 ? 294  ASP A O   1 
ATOM   1007 C  CB  . ASP A 1 135 ? -10.184 -12.806 -1.176  1.00 18.72 ? 294  ASP A CB  1 
ATOM   1008 C  CG  . ASP A 1 135 ? -10.251 -14.022 -2.065  1.00 18.35 ? 294  ASP A CG  1 
ATOM   1009 O  OD1 . ASP A 1 135 ? -9.703  -13.970 -3.183  1.00 18.60 ? 294  ASP A OD1 1 
ATOM   1010 O  OD2 . ASP A 1 135 ? -10.860 -15.032 -1.662  1.00 16.86 ? 294  ASP A OD2 1 
ATOM   1011 N  N   . TYR A 1 136 ? -13.498 -13.143 -1.561  1.00 19.64 ? 295  TYR A N   1 
ATOM   1012 C  CA  . TYR A 1 136 ? -14.754 -13.746 -1.124  1.00 19.73 ? 295  TYR A CA  1 
ATOM   1013 C  C   . TYR A 1 136 ? -14.547 -14.987 -0.245  1.00 19.55 ? 295  TYR A C   1 
ATOM   1014 O  O   . TYR A 1 136 ? -15.318 -15.217 0.682   1.00 19.33 ? 295  TYR A O   1 
ATOM   1015 C  CB  . TYR A 1 136 ? -15.621 -14.087 -2.336  1.00 20.07 ? 295  TYR A CB  1 
ATOM   1016 C  CG  . TYR A 1 136 ? -17.003 -14.566 -1.976  1.00 20.41 ? 295  TYR A CG  1 
ATOM   1017 C  CD1 . TYR A 1 136 ? -17.954 -13.685 -1.462  1.00 21.09 ? 295  TYR A CD1 1 
ATOM   1018 C  CD2 . TYR A 1 136 ? -17.364 -15.897 -2.153  1.00 20.52 ? 295  TYR A CD2 1 
ATOM   1019 C  CE1 . TYR A 1 136 ? -19.230 -14.119 -1.135  1.00 21.16 ? 295  TYR A CE1 1 
ATOM   1020 C  CE2 . TYR A 1 136 ? -18.634 -16.342 -1.828  1.00 20.42 ? 295  TYR A CE2 1 
ATOM   1021 C  CZ  . TYR A 1 136 ? -19.563 -15.455 -1.322  1.00 21.01 ? 295  TYR A CZ  1 
ATOM   1022 O  OH  . TYR A 1 136 ? -20.827 -15.907 -1.006  1.00 20.90 ? 295  TYR A OH  1 
ATOM   1023 N  N   . ASP A 1 137 ? -13.503 -15.769 -0.518  1.00 19.32 ? 296  ASP A N   1 
ATOM   1024 C  CA  . ASP A 1 137 ? -13.164 -16.912 0.350   1.00 19.41 ? 296  ASP A CA  1 
ATOM   1025 C  C   . ASP A 1 137 ? -12.819 -16.455 1.768   1.00 19.36 ? 296  ASP A C   1 
ATOM   1026 O  O   . ASP A 1 137 ? -13.183 -17.106 2.739   1.00 19.54 ? 296  ASP A O   1 
ATOM   1027 C  CB  . ASP A 1 137 ? -12.001 -17.727 -0.221  1.00 19.24 ? 296  ASP A CB  1 
ATOM   1028 C  CG  . ASP A 1 137 ? -12.305 -18.309 -1.593  1.00 19.41 ? 296  ASP A CG  1 
ATOM   1029 O  OD1 . ASP A 1 137 ? -13.417 -18.851 -1.796  1.00 19.77 ? 296  ASP A OD1 1 
ATOM   1030 O  OD2 . ASP A 1 137 ? -11.422 -18.223 -2.473  1.00 18.66 ? 296  ASP A OD2 1 
ATOM   1031 N  N   . ALA A 1 138 ? -12.102 -15.337 1.872   1.00 19.51 ? 297  ALA A N   1 
ATOM   1032 C  CA  . ALA A 1 138 ? -11.793 -14.719 3.157   1.00 19.17 ? 297  ALA A CA  1 
ATOM   1033 C  C   . ALA A 1 138 ? -13.070 -14.249 3.854   1.00 19.12 ? 297  ALA A C   1 
ATOM   1034 O  O   . ALA A 1 138 ? -13.221 -14.418 5.069   1.00 18.91 ? 297  ALA A O   1 
ATOM   1035 C  CB  . ALA A 1 138 ? -10.837 -13.549 2.964   1.00 18.82 ? 297  ALA A CB  1 
ATOM   1036 N  N   . VAL A 1 139 ? -13.985 -13.652 3.091   1.00 19.06 ? 298  VAL A N   1 
ATOM   1037 C  CA  . VAL A 1 139 ? -15.261 -13.221 3.660   1.00 19.11 ? 298  VAL A CA  1 
ATOM   1038 C  C   . VAL A 1 139 ? -16.015 -14.417 4.229   1.00 19.42 ? 298  VAL A C   1 
ATOM   1039 O  O   . VAL A 1 139 ? -16.568 -14.333 5.325   1.00 19.91 ? 298  VAL A O   1 
ATOM   1040 C  CB  . VAL A 1 139 ? -16.165 -12.485 2.638   1.00 19.11 ? 298  VAL A CB  1 
ATOM   1041 C  CG1 . VAL A 1 139 ? -17.459 -12.049 3.305   1.00 18.54 ? 298  VAL A CG1 1 
ATOM   1042 C  CG2 . VAL A 1 139 ? -15.450 -11.283 2.051   1.00 17.82 ? 298  VAL A CG2 1 
ATOM   1043 N  N   . GLN A 1 140 ? -16.017 -15.531 3.501   1.00 19.68 ? 299  GLN A N   1 
ATOM   1044 C  CA  . GLN A 1 140 ? -16.759 -16.724 3.918   1.00 20.11 ? 299  GLN A CA  1 
ATOM   1045 C  C   . GLN A 1 140 ? -16.083 -17.517 5.031   1.00 20.20 ? 299  GLN A C   1 
ATOM   1046 O  O   . GLN A 1 140 ? -16.761 -17.998 5.938   1.00 20.12 ? 299  GLN A O   1 
ATOM   1047 C  CB  . GLN A 1 140 ? -17.024 -17.642 2.718   1.00 20.32 ? 299  GLN A CB  1 
ATOM   1048 C  CG  . GLN A 1 140 ? -17.910 -17.008 1.656   1.00 21.11 ? 299  GLN A CG  1 
ATOM   1049 C  CD  . GLN A 1 140 ? -19.139 -16.360 2.252   1.00 21.37 ? 299  GLN A CD  1 
ATOM   1050 O  OE1 . GLN A 1 140 ? -19.927 -17.015 2.933   1.00 21.66 ? 299  GLN A OE1 1 
ATOM   1051 N  NE2 . GLN A 1 140 ? -19.297 -15.066 2.020   1.00 22.07 ? 299  GLN A NE2 1 
ATOM   1052 N  N   . GLU A 1 141 ? -14.759 -17.652 4.963   1.00 20.22 ? 300  GLU A N   1 
ATOM   1053 C  CA  . GLU A 1 141 ? -14.026 -18.492 5.919   1.00 20.44 ? 300  GLU A CA  1 
ATOM   1054 C  C   . GLU A 1 141 ? -13.770 -17.792 7.248   1.00 20.43 ? 300  GLU A C   1 
ATOM   1055 O  O   . GLU A 1 141 ? -14.023 -18.365 8.305   1.00 20.49 ? 300  GLU A O   1 
ATOM   1056 C  CB  . GLU A 1 141 ? -12.683 -18.951 5.339   1.00 20.31 ? 300  GLU A CB  1 
ATOM   1057 C  CG  . GLU A 1 141 ? -12.781 -20.060 4.314   1.00 20.56 ? 300  GLU A CG  1 
ATOM   1058 C  CD  . GLU A 1 141 ? -11.417 -20.603 3.911   1.00 20.71 ? 300  GLU A CD  1 
ATOM   1059 O  OE1 . GLU A 1 141 ? -10.513 -20.661 4.771   1.00 21.51 ? 300  GLU A OE1 1 
ATOM   1060 O  OE2 . GLU A 1 141 ? -11.248 -20.979 2.733   1.00 21.04 ? 300  GLU A OE2 1 
ATOM   1061 N  N   . VAL A 1 142 ? -13.255 -16.565 7.185   1.00 20.62 ? 301  VAL A N   1 
ATOM   1062 C  CA  . VAL A 1 142 ? -12.771 -15.852 8.374   1.00 20.56 ? 301  VAL A CA  1 
ATOM   1063 C  C   . VAL A 1 142 ? -13.413 -14.476 8.564   1.00 20.83 ? 301  VAL A C   1 
ATOM   1064 O  O   . VAL A 1 142 ? -12.918 -13.650 9.339   1.00 20.66 ? 301  VAL A O   1 
ATOM   1065 C  CB  . VAL A 1 142 ? -11.234 -15.719 8.350   1.00 20.66 ? 301  VAL A CB  1 
ATOM   1066 C  CG1 . VAL A 1 142 ? -10.594 -17.095 8.502   1.00 20.21 ? 301  VAL A CG1 1 
ATOM   1067 C  CG2 . VAL A 1 142 ? -10.759 -15.021 7.062   1.00 20.30 ? 301  VAL A CG2 1 
ATOM   1068 N  N   . GLN A 1 143 ? -14.525 -14.248 7.866   1.00 21.08 ? 302  GLN A N   1 
ATOM   1069 C  CA  . GLN A 1 143 ? -15.327 -13.035 8.014   1.00 21.34 ? 302  GLN A CA  1 
ATOM   1070 C  C   . GLN A 1 143 ? -14.511 -11.761 7.906   1.00 21.32 ? 302  GLN A C   1 
ATOM   1071 O  O   . GLN A 1 143 ? -14.675 -10.839 8.703   1.00 21.53 ? 302  GLN A O   1 
ATOM   1072 C  CB  . GLN A 1 143 ? -16.115 -13.050 9.327   1.00 21.58 ? 302  GLN A CB  1 
ATOM   1073 C  CG  . GLN A 1 143 ? -17.132 -14.185 9.403   1.00 22.36 ? 302  GLN A CG  1 
ATOM   1074 C  CD  . GLN A 1 143 ? -16.479 -15.486 9.788   1.00 23.09 ? 302  GLN A CD  1 
ATOM   1075 O  OE1 . GLN A 1 143 ? -15.867 -15.582 10.850  1.00 25.35 ? 302  GLN A OE1 1 
ATOM   1076 N  NE2 . GLN A 1 143 ? -16.573 -16.488 8.917   1.00 23.23 ? 302  GLN A NE2 1 
ATOM   1077 N  N   . HIS A 1 144 ? -13.636 -11.713 6.907   1.00 21.05 ? 303  HIS A N   1 
ATOM   1078 C  CA  . HIS A 1 144 ? -12.932 -10.486 6.593   1.00 20.72 ? 303  HIS A CA  1 
ATOM   1079 C  C   . HIS A 1 144 ? -13.903 -9.488  5.971   1.00 20.47 ? 303  HIS A C   1 
ATOM   1080 O  O   . HIS A 1 144 ? -14.777 -9.854  5.184   1.00 20.43 ? 303  HIS A O   1 
ATOM   1081 C  CB  . HIS A 1 144 ? -11.743 -10.763 5.670   1.00 20.67 ? 303  HIS A CB  1 
ATOM   1082 C  CG  . HIS A 1 144 ? -10.518 -11.223 6.398   1.00 20.68 ? 303  HIS A CG  1 
ATOM   1083 N  ND1 . HIS A 1 144 ? -9.279  -11.302 5.801   1.00 19.74 ? 303  HIS A ND1 1 
ATOM   1084 C  CD2 . HIS A 1 144 ? -10.342 -11.605 7.687   1.00 20.61 ? 303  HIS A CD2 1 
ATOM   1085 C  CE1 . HIS A 1 144 ? -8.395  -11.725 6.687   1.00 20.29 ? 303  HIS A CE1 1 
ATOM   1086 N  NE2 . HIS A 1 144 ? -9.013  -11.920 7.838   1.00 19.56 ? 303  HIS A NE2 1 
ATOM   1087 N  N   . ASP A 1 145 ? -13.751 -8.226  6.355   1.00 20.10 ? 304  ASP A N   1 
ATOM   1088 C  CA  . ASP A 1 145 ? -14.546 -7.141  5.802   1.00 19.80 ? 304  ASP A CA  1 
ATOM   1089 C  C   . ASP A 1 145 ? -13.655 -5.913  5.665   1.00 19.51 ? 304  ASP A C   1 
ATOM   1090 O  O   . ASP A 1 145 ? -12.499 -5.922  6.094   1.00 19.19 ? 304  ASP A O   1 
ATOM   1091 C  CB  . ASP A 1 145 ? -15.744 -6.850  6.715   1.00 19.98 ? 304  ASP A CB  1 
ATOM   1092 C  CG  . ASP A 1 145 ? -16.839 -6.051  6.024   1.00 20.04 ? 304  ASP A CG  1 
ATOM   1093 O  OD1 . ASP A 1 145 ? -16.818 -5.916  4.782   1.00 20.24 ? 304  ASP A OD1 1 
ATOM   1094 O  OD2 . ASP A 1 145 ? -17.732 -5.556  6.737   1.00 21.92 ? 304  ASP A OD2 1 
ATOM   1095 N  N   . TRP A 1 146 ? -14.189 -4.862  5.061   1.00 19.26 ? 305  TRP A N   1 
ATOM   1096 C  CA  . TRP A 1 146 ? -13.442 -3.623  4.890   1.00 19.17 ? 305  TRP A CA  1 
ATOM   1097 C  C   . TRP A 1 146 ? -12.994 -3.102  6.249   1.00 19.37 ? 305  TRP A C   1 
ATOM   1098 O  O   . TRP A 1 146 ? -13.735 -3.197  7.232   1.00 19.33 ? 305  TRP A O   1 
ATOM   1099 C  CB  . TRP A 1 146 ? -14.277 -2.586  4.131   1.00 18.92 ? 305  TRP A CB  1 
ATOM   1100 C  CG  . TRP A 1 146 ? -14.681 -3.108  2.781   1.00 18.88 ? 305  TRP A CG  1 
ATOM   1101 C  CD1 . TRP A 1 146 ? -15.924 -3.510  2.398   1.00 18.50 ? 305  TRP A CD1 1 
ATOM   1102 C  CD2 . TRP A 1 146 ? -13.818 -3.349  1.661   1.00 18.71 ? 305  TRP A CD2 1 
ATOM   1103 N  NE1 . TRP A 1 146 ? -15.898 -3.958  1.104   1.00 18.55 ? 305  TRP A NE1 1 
ATOM   1104 C  CE2 . TRP A 1 146 ? -14.618 -3.869  0.625   1.00 18.28 ? 305  TRP A CE2 1 
ATOM   1105 C  CE3 . TRP A 1 146 ? -12.450 -3.152  1.427   1.00 18.53 ? 305  TRP A CE3 1 
ATOM   1106 C  CZ2 . TRP A 1 146 ? -14.097 -4.206  -0.628  1.00 18.50 ? 305  TRP A CZ2 1 
ATOM   1107 C  CZ3 . TRP A 1 146 ? -11.927 -3.489  0.176   1.00 18.53 ? 305  TRP A CZ3 1 
ATOM   1108 C  CH2 . TRP A 1 146 ? -12.752 -4.013  -0.834  1.00 18.38 ? 305  TRP A CH2 1 
ATOM   1109 N  N   . TYR A 1 147 ? -11.759 -2.602  6.284   1.00 19.46 ? 306  TYR A N   1 
ATOM   1110 C  CA  . TYR A 1 147 ? -11.083 -2.127  7.499   1.00 19.79 ? 306  TYR A CA  1 
ATOM   1111 C  C   . TYR A 1 147 ? -10.581 -3.228  8.455   1.00 20.13 ? 306  TYR A C   1 
ATOM   1112 O  O   . TYR A 1 147 ? -9.989  -2.913  9.484   1.00 20.56 ? 306  TYR A O   1 
ATOM   1113 C  CB  . TYR A 1 147 ? -11.922 -1.075  8.242   1.00 19.70 ? 306  TYR A CB  1 
ATOM   1114 C  CG  . TYR A 1 147 ? -12.261 0.131   7.385   1.00 19.66 ? 306  TYR A CG  1 
ATOM   1115 C  CD1 . TYR A 1 147 ? -11.256 0.930   6.847   1.00 19.87 ? 306  TYR A CD1 1 
ATOM   1116 C  CD2 . TYR A 1 147 ? -13.581 0.476   7.119   1.00 20.12 ? 306  TYR A CD2 1 
ATOM   1117 C  CE1 . TYR A 1 147 ? -11.559 2.044   6.055   1.00 19.72 ? 306  TYR A CE1 1 
ATOM   1118 C  CE2 . TYR A 1 147 ? -13.894 1.590   6.335   1.00 19.63 ? 306  TYR A CE2 1 
ATOM   1119 C  CZ  . TYR A 1 147 ? -12.876 2.365   5.806   1.00 19.58 ? 306  TYR A CZ  1 
ATOM   1120 O  OH  . TYR A 1 147 ? -13.177 3.464   5.029   1.00 19.86 ? 306  TYR A OH  1 
ATOM   1121 N  N   . ASP A 1 148 ? -10.802 -4.501  8.127   1.00 20.18 ? 307  ASP A N   1 
ATOM   1122 C  CA  . ASP A 1 148 ? -10.081 -5.590  8.799   1.00 20.29 ? 307  ASP A CA  1 
ATOM   1123 C  C   . ASP A 1 148 ? -8.671  -5.657  8.243   1.00 20.23 ? 307  ASP A C   1 
ATOM   1124 O  O   . ASP A 1 148 ? -8.412  -5.181  7.142   1.00 20.31 ? 307  ASP A O   1 
ATOM   1125 C  CB  . ASP A 1 148 ? -10.756 -6.948  8.575   1.00 20.22 ? 307  ASP A CB  1 
ATOM   1126 C  CG  . ASP A 1 148 ? -12.090 -7.064  9.288   1.00 20.14 ? 307  ASP A CG  1 
ATOM   1127 O  OD1 . ASP A 1 148 ? -12.362 -6.236  10.176  1.00 20.87 ? 307  ASP A OD1 1 
ATOM   1128 O  OD2 . ASP A 1 148 ? -12.867 -7.985  8.955   1.00 18.30 ? 307  ASP A OD2 1 
ATOM   1129 N  N   . GLU A 1 149 ? -7.763  -6.255  9.008   1.00 20.20 ? 308  GLU A N   1 
ATOM   1130 C  CA  . GLU A 1 149 ? -6.420  -6.522  8.510   1.00 20.14 ? 308  GLU A CA  1 
ATOM   1131 C  C   . GLU A 1 149 ? -6.499  -7.620  7.457   1.00 19.70 ? 308  GLU A C   1 
ATOM   1132 O  O   . GLU A 1 149 ? -7.149  -8.649  7.663   1.00 19.71 ? 308  GLU A O   1 
ATOM   1133 C  CB  . GLU A 1 149 ? -5.476  -6.915  9.649   1.00 20.29 ? 308  GLU A CB  1 
ATOM   1134 C  CG  . GLU A 1 149 ? -5.008  -5.713  10.481  1.00 20.77 ? 308  GLU A CG  1 
ATOM   1135 C  CD  . GLU A 1 149 ? -4.015  -6.079  11.564  1.00 20.71 ? 308  GLU A CD  1 
ATOM   1136 O  OE1 . GLU A 1 149 ? -3.776  -7.280  11.790  1.00 21.95 ? 308  GLU A OE1 1 
ATOM   1137 O  OE2 . GLU A 1 149 ? -3.471  -5.154  12.200  1.00 22.71 ? 308  GLU A OE2 1 
ATOM   1138 N  N   . SER A 1 150 ? -5.852  -7.372  6.323   1.00 19.19 ? 309  SER A N   1 
ATOM   1139 C  CA  . SER A 1 150 ? -5.877  -8.270  5.172   1.00 18.78 ? 309  SER A CA  1 
ATOM   1140 C  C   . SER A 1 150 ? -4.712  -9.239  5.259   1.00 18.36 ? 309  SER A C   1 
ATOM   1141 O  O   . SER A 1 150 ? -4.082  -9.333  6.296   1.00 18.30 ? 309  SER A O   1 
ATOM   1142 C  CB  . SER A 1 150 ? -5.768  -7.448  3.883   1.00 18.82 ? 309  SER A CB  1 
ATOM   1143 O  OG  . SER A 1 150 ? -4.455  -6.935  3.753   1.00 18.46 ? 309  SER A OG  1 
ATOM   1144 N  N   . PHE A 1 151 ? -4.419  -9.940  4.162   1.00 18.28 ? 310  PHE A N   1 
ATOM   1145 C  CA  . PHE A 1 151 ? -3.262  -10.843 4.074   1.00 18.06 ? 310  PHE A CA  1 
ATOM   1146 C  C   . PHE A 1 151 ? -2.040  -10.148 3.455   1.00 18.16 ? 310  PHE A C   1 
ATOM   1147 O  O   . PHE A 1 151 ? -1.063  -10.804 3.071   1.00 18.24 ? 310  PHE A O   1 
ATOM   1148 C  CB  . PHE A 1 151 ? -3.634  -12.082 3.256   1.00 17.74 ? 310  PHE A CB  1 
ATOM   1149 C  CG  . PHE A 1 151 ? -4.856  -12.789 3.763   1.00 17.70 ? 310  PHE A CG  1 
ATOM   1150 C  CD1 . PHE A 1 151 ? -4.775  -13.651 4.844   1.00 17.44 ? 310  PHE A CD1 1 
ATOM   1151 C  CD2 . PHE A 1 151 ? -6.095  -12.574 3.172   1.00 17.63 ? 310  PHE A CD2 1 
ATOM   1152 C  CE1 . PHE A 1 151 ? -5.906  -14.294 5.326   1.00 17.60 ? 310  PHE A CE1 1 
ATOM   1153 C  CE2 . PHE A 1 151 ? -7.230  -13.212 3.648   1.00 17.22 ? 310  PHE A CE2 1 
ATOM   1154 C  CZ  . PHE A 1 151 ? -7.135  -14.076 4.724   1.00 17.38 ? 310  PHE A CZ  1 
ATOM   1155 N  N   . THR A 1 152 ? -2.101  -8.819  3.378   1.00 18.21 ? 311  THR A N   1 
ATOM   1156 C  CA  . THR A 1 152 ? -1.092  -8.007  2.721   1.00 18.36 ? 311  THR A CA  1 
ATOM   1157 C  C   . THR A 1 152 ? -0.369  -7.122  3.728   1.00 18.54 ? 311  THR A C   1 
ATOM   1158 O  O   . THR A 1 152 ? -1.002  -6.502  4.586   1.00 18.43 ? 311  THR A O   1 
ATOM   1159 C  CB  . THR A 1 152 ? -1.743  -7.109  1.652   1.00 18.46 ? 311  THR A CB  1 
ATOM   1160 O  OG1 . THR A 1 152 ? -2.443  -7.933  0.711   1.00 18.53 ? 311  THR A OG1 1 
ATOM   1161 C  CG2 . THR A 1 152 ? -0.686  -6.261  0.930   1.00 17.78 ? 311  THR A CG2 1 
ATOM   1162 N  N   . THR A 1 153 ? 0.956   -7.068  3.606   1.00 18.63 ? 312  THR A N   1 
ATOM   1163 C  CA  . THR A 1 153 ? 1.793   -6.247  4.465   1.00 18.55 ? 312  THR A CA  1 
ATOM   1164 C  C   . THR A 1 153 ? 2.753   -5.423  3.612   1.00 18.85 ? 312  THR A C   1 
ATOM   1165 O  O   . THR A 1 153 ? 3.435   -5.964  2.732   1.00 19.09 ? 312  THR A O   1 
ATOM   1166 C  CB  . THR A 1 153 ? 2.610   -7.107  5.455   1.00 18.71 ? 312  THR A CB  1 
ATOM   1167 O  OG1 . THR A 1 153 ? 1.723   -7.872  6.287   1.00 17.92 ? 312  THR A OG1 1 
ATOM   1168 C  CG2 . THR A 1 153 ? 3.512   -6.220  6.337   1.00 18.51 ? 312  THR A CG2 1 
ATOM   1169 N  N   . PHE A 1 154 ? 2.785   -4.115  3.869   1.00 18.63 ? 313  PHE A N   1 
ATOM   1170 C  CA  . PHE A 1 154 ? 3.755   -3.218  3.259   1.00 18.47 ? 313  PHE A CA  1 
ATOM   1171 C  C   . PHE A 1 154 ? 5.018   -3.213  4.107   1.00 18.53 ? 313  PHE A C   1 
ATOM   1172 O  O   . PHE A 1 154 ? 5.175   -2.385  5.013   1.00 18.22 ? 313  PHE A O   1 
ATOM   1173 C  CB  . PHE A 1 154 ? 3.179   -1.804  3.120   1.00 18.56 ? 313  PHE A CB  1 
ATOM   1174 C  CG  . PHE A 1 154 ? 2.069   -1.710  2.117   1.00 18.68 ? 313  PHE A CG  1 
ATOM   1175 C  CD1 . PHE A 1 154 ? 2.324   -1.282  0.821   1.00 18.44 ? 313  PHE A CD1 1 
ATOM   1176 C  CD2 . PHE A 1 154 ? 0.772   -2.078  2.460   1.00 18.78 ? 313  PHE A CD2 1 
ATOM   1177 C  CE1 . PHE A 1 154 ? 1.305   -1.213  -0.110  1.00 18.76 ? 313  PHE A CE1 1 
ATOM   1178 C  CE2 . PHE A 1 154 ? -0.253  -2.011  1.534   1.00 18.21 ? 313  PHE A CE2 1 
ATOM   1179 C  CZ  . PHE A 1 154 ? 0.013   -1.578  0.246   1.00 18.43 ? 313  PHE A CZ  1 
ATOM   1180 N  N   . ILE A 1 155 ? 5.911   -4.151  3.795   1.00 18.65 ? 314  ILE A N   1 
ATOM   1181 C  CA  . ILE A 1 155 ? 7.185   -4.323  4.511   1.00 18.74 ? 314  ILE A CA  1 
ATOM   1182 C  C   . ILE A 1 155 ? 7.975   -3.012  4.551   1.00 18.97 ? 314  ILE A C   1 
ATOM   1183 O  O   . ILE A 1 155 ? 8.492   -2.614  5.594   1.00 19.20 ? 314  ILE A O   1 
ATOM   1184 C  CB  . ILE A 1 155 ? 8.069   -5.430  3.861   1.00 18.58 ? 314  ILE A CB  1 
ATOM   1185 C  CG1 . ILE A 1 155 ? 7.318   -6.768  3.767   1.00 18.33 ? 314  ILE A CG1 1 
ATOM   1186 C  CG2 . ILE A 1 155 ? 9.360   -5.634  4.657   1.00 18.55 ? 314  ILE A CG2 1 
ATOM   1187 C  CD1 . ILE A 1 155 ? 6.811   -7.301  5.092   1.00 17.29 ? 314  ILE A CD1 1 
ATOM   1188 N  N   . GLU A 1 156 ? 8.036   -2.337  3.408   1.00 19.24 ? 315  GLU A N   1 
ATOM   1189 C  CA  . GLU A 1 156 ? 8.723   -1.066  3.297   1.00 19.45 ? 315  GLU A CA  1 
ATOM   1190 C  C   . GLU A 1 156 ? 8.152   -0.272  2.128   1.00 19.21 ? 315  GLU A C   1 
ATOM   1191 O  O   . GLU A 1 156 ? 7.941   -0.825  1.052   1.00 19.38 ? 315  GLU A O   1 
ATOM   1192 C  CB  . GLU A 1 156 ? 10.210  -1.327  3.093   1.00 19.56 ? 315  GLU A CB  1 
ATOM   1193 C  CG  . GLU A 1 156 ? 11.060  -0.097  2.865   1.00 20.49 ? 315  GLU A CG  1 
ATOM   1194 C  CD  . GLU A 1 156 ? 12.534  -0.412  2.912   1.00 20.01 ? 315  GLU A CD  1 
ATOM   1195 O  OE1 . GLU A 1 156 ? 13.047  -0.684  4.016   1.00 22.45 ? 315  GLU A OE1 1 
ATOM   1196 O  OE2 . GLU A 1 156 ? 13.179  -0.390  1.848   1.00 21.18 ? 315  GLU A OE2 1 
ATOM   1197 N  N   . VAL A 1 157 ? 7.870   1.011   2.350   1.00 19.22 ? 316  VAL A N   1 
ATOM   1198 C  CA  . VAL A 1 157 ? 7.530   1.923   1.258   1.00 18.85 ? 316  VAL A CA  1 
ATOM   1199 C  C   . VAL A 1 157 ? 8.763   2.760   0.955   1.00 19.12 ? 316  VAL A C   1 
ATOM   1200 O  O   . VAL A 1 157 ? 9.410   3.278   1.865   1.00 18.91 ? 316  VAL A O   1 
ATOM   1201 C  CB  . VAL A 1 157 ? 6.344   2.841   1.596   1.00 18.88 ? 316  VAL A CB  1 
ATOM   1202 C  CG1 . VAL A 1 157 ? 6.096   3.841   0.450   1.00 18.12 ? 316  VAL A CG1 1 
ATOM   1203 C  CG2 . VAL A 1 157 ? 5.092   2.019   1.885   1.00 17.67 ? 316  VAL A CG2 1 
ATOM   1204 N  N   . TYR A 1 158 ? 9.089   2.882   -0.328  1.00 19.61 ? 317  TYR A N   1 
ATOM   1205 C  CA  . TYR A 1 158 ? 10.340  3.515   -0.737  1.00 20.00 ? 317  TYR A CA  1 
ATOM   1206 C  C   . TYR A 1 158 ? 10.276  4.043   -2.159  1.00 20.44 ? 317  TYR A C   1 
ATOM   1207 O  O   . TYR A 1 158 ? 9.311   3.800   -2.891  1.00 20.75 ? 317  TYR A O   1 
ATOM   1208 C  CB  . TYR A 1 158 ? 11.501  2.517   -0.621  1.00 19.80 ? 317  TYR A CB  1 
ATOM   1209 C  CG  . TYR A 1 158 ? 11.441  1.374   -1.624  1.00 19.52 ? 317  TYR A CG  1 
ATOM   1210 C  CD1 . TYR A 1 158 ? 12.140  1.438   -2.826  1.00 19.83 ? 317  TYR A CD1 1 
ATOM   1211 C  CD2 . TYR A 1 158 ? 10.680  0.238   -1.373  1.00 19.61 ? 317  TYR A CD2 1 
ATOM   1212 C  CE1 . TYR A 1 158 ? 12.089  0.395   -3.748  1.00 19.93 ? 317  TYR A CE1 1 
ATOM   1213 C  CE2 . TYR A 1 158 ? 10.620  -0.808  -2.288  1.00 19.22 ? 317  TYR A CE2 1 
ATOM   1214 C  CZ  . TYR A 1 158 ? 11.328  -0.726  -3.471  1.00 19.98 ? 317  TYR A CZ  1 
ATOM   1215 O  OH  . TYR A 1 158 ? 11.270  -1.766  -4.380  1.00 19.26 ? 317  TYR A OH  1 
ATOM   1216 N  N   . SER A 1 159 ? 11.324  4.775   -2.525  1.00 20.98 ? 318  SER A N   1 
ATOM   1217 C  CA  . SER A 1 159 ? 11.552  5.228   -3.889  1.00 21.14 ? 318  SER A CA  1 
ATOM   1218 C  C   . SER A 1 159 ? 13.036  5.075   -4.219  1.00 21.15 ? 318  SER A C   1 
ATOM   1219 O  O   . SER A 1 159 ? 13.898  5.451   -3.427  1.00 21.35 ? 318  SER A O   1 
ATOM   1220 C  CB  . SER A 1 159 ? 11.132  6.690   -4.045  1.00 21.32 ? 318  SER A CB  1 
ATOM   1221 O  OG  . SER A 1 159 ? 11.435  7.180   -5.348  1.00 21.57 ? 318  SER A OG  1 
ATOM   1222 N  N   . ASP A 1 160 ? 13.324  4.494   -5.377  1.00 21.17 ? 319  ASP A N   1 
ATOM   1223 C  CA  . ASP A 1 160 ? 14.687  4.447   -5.905  1.00 21.13 ? 319  ASP A CA  1 
ATOM   1224 C  C   . ASP A 1 160 ? 14.823  5.438   -7.062  1.00 21.00 ? 319  ASP A C   1 
ATOM   1225 O  O   . ASP A 1 160 ? 15.811  5.423   -7.783  1.00 20.93 ? 319  ASP A O   1 
ATOM   1226 C  CB  . ASP A 1 160 ? 15.055  3.026   -6.347  1.00 21.08 ? 319  ASP A CB  1 
ATOM   1227 C  CG  . ASP A 1 160 ? 14.076  2.449   -7.343  1.00 21.49 ? 319  ASP A CG  1 
ATOM   1228 O  OD1 . ASP A 1 160 ? 13.079  3.127   -7.660  1.00 22.56 ? 319  ASP A OD1 1 
ATOM   1229 O  OD2 . ASP A 1 160 ? 14.290  1.308   -7.797  1.00 22.71 ? 319  ASP A OD2 1 
ATOM   1230 N  N   . ASP A 1 161 ? 13.815  6.293   -7.223  1.00 21.11 ? 320  ASP A N   1 
ATOM   1231 C  CA  . ASP A 1 161 ? 13.814  7.344   -8.228  1.00 21.38 ? 320  ASP A CA  1 
ATOM   1232 C  C   . ASP A 1 161 ? 14.866  8.396   -7.862  1.00 21.66 ? 320  ASP A C   1 
ATOM   1233 O  O   . ASP A 1 161 ? 14.765  9.021   -6.798  1.00 21.92 ? 320  ASP A O   1 
ATOM   1234 C  CB  . ASP A 1 161 ? 12.419  7.991   -8.304  1.00 21.27 ? 320  ASP A CB  1 
ATOM   1235 C  CG  . ASP A 1 161 ? 12.183  8.759   -9.602  1.00 21.27 ? 320  ASP A CG  1 
ATOM   1236 O  OD1 . ASP A 1 161 ? 13.149  9.295   -10.185 1.00 19.61 ? 320  ASP A OD1 1 
ATOM   1237 O  OD2 . ASP A 1 161 ? 11.012  8.825   -10.038 1.00 21.66 ? 320  ASP A OD2 1 
ATOM   1238 N  N   . PRO A 1 162 ? 15.877  8.593   -8.734  1.00 21.94 ? 321  PRO A N   1 
ATOM   1239 C  CA  . PRO A 1 162 ? 16.879  9.658   -8.576  1.00 22.23 ? 321  PRO A CA  1 
ATOM   1240 C  C   . PRO A 1 162 ? 16.299  11.058  -8.365  1.00 22.57 ? 321  PRO A C   1 
ATOM   1241 O  O   . PRO A 1 162 ? 16.999  11.952  -7.871  1.00 22.79 ? 321  PRO A O   1 
ATOM   1242 C  CB  . PRO A 1 162 ? 17.652  9.614   -9.902  1.00 22.28 ? 321  PRO A CB  1 
ATOM   1243 C  CG  . PRO A 1 162 ? 17.493  8.238   -10.388 1.00 21.89 ? 321  PRO A CG  1 
ATOM   1244 C  CD  . PRO A 1 162 ? 16.136  7.787   -9.942  1.00 22.02 ? 321  PRO A CD  1 
ATOM   1245 N  N   . LEU A 1 163 ? 15.042  11.251  -8.758  1.00 22.83 ? 322  LEU A N   1 
ATOM   1246 C  CA  . LEU A 1 163 ? 14.319  12.487  -8.465  1.00 23.04 ? 322  LEU A CA  1 
ATOM   1247 C  C   . LEU A 1 163 ? 14.059  12.687  -6.963  1.00 23.23 ? 322  LEU A C   1 
ATOM   1248 O  O   . LEU A 1 163 ? 13.831  13.815  -6.524  1.00 23.41 ? 322  LEU A O   1 
ATOM   1249 C  CB  . LEU A 1 163 ? 12.982  12.502  -9.220  1.00 22.94 ? 322  LEU A CB  1 
ATOM   1250 C  CG  . LEU A 1 163 ? 13.036  12.656  -10.742 1.00 23.14 ? 322  LEU A CG  1 
ATOM   1251 C  CD1 . LEU A 1 163 ? 11.643  12.473  -11.328 1.00 22.86 ? 322  LEU A CD1 1 
ATOM   1252 C  CD2 . LEU A 1 163 ? 13.628  14.017  -11.160 1.00 22.37 ? 322  LEU A CD2 1 
ATOM   1253 N  N   . LEU A 1 164 ? 14.072  11.601  -6.187  1.00 23.41 ? 323  LEU A N   1 
ATOM   1254 C  CA  . LEU A 1 164 ? 13.729  11.653  -4.757  1.00 23.54 ? 323  LEU A CA  1 
ATOM   1255 C  C   . LEU A 1 164 ? 14.884  11.320  -3.804  1.00 23.57 ? 323  LEU A C   1 
ATOM   1256 O  O   . LEU A 1 164 ? 14.871  11.748  -2.656  1.00 23.46 ? 323  LEU A O   1 
ATOM   1257 C  CB  . LEU A 1 164 ? 12.553  10.707  -4.462  1.00 23.74 ? 323  LEU A CB  1 
ATOM   1258 C  CG  . LEU A 1 164 ? 11.140  11.259  -4.697  1.00 23.60 ? 323  LEU A CG  1 
ATOM   1259 C  CD1 . LEU A 1 164 ? 10.952  11.639  -6.151  1.00 24.67 ? 323  LEU A CD1 1 
ATOM   1260 C  CD2 . LEU A 1 164 ? 10.093  10.238  -4.272  1.00 23.58 ? 323  LEU A CD2 1 
ATOM   1261 N  N   . THR A 1 165 ? 15.876  10.571  -4.274  1.00 23.77 ? 324  THR A N   1 
ATOM   1262 C  CA  . THR A 1 165 ? 16.918  10.044  -3.393  1.00 23.80 ? 324  THR A CA  1 
ATOM   1263 C  C   . THR A 1 165 ? 18.032  11.037  -3.069  1.00 24.21 ? 324  THR A C   1 
ATOM   1264 O  O   . THR A 1 165 ? 18.330  11.932  -3.855  1.00 24.03 ? 324  THR A O   1 
ATOM   1265 C  CB  . THR A 1 165 ? 17.567  8.790   -4.004  1.00 23.81 ? 324  THR A CB  1 
ATOM   1266 O  OG1 . THR A 1 165 ? 18.151  9.120   -5.272  1.00 23.41 ? 324  THR A OG1 1 
ATOM   1267 C  CG2 . THR A 1 165 ? 16.531  7.678   -4.186  1.00 23.24 ? 324  THR A CG2 1 
ATOM   1268 N  N   . VAL A 1 166 ? 18.639  10.857  -1.897  1.00 24.89 ? 325  VAL A N   1 
ATOM   1269 C  CA  . VAL A 1 166 ? 19.877  11.534  -1.523  1.00 25.22 ? 325  VAL A CA  1 
ATOM   1270 C  C   . VAL A 1 166 ? 21.034  10.662  -1.999  1.00 25.71 ? 325  VAL A C   1 
ATOM   1271 O  O   . VAL A 1 166 ? 21.130  9.492   -1.614  1.00 25.92 ? 325  VAL A O   1 
ATOM   1272 C  CB  . VAL A 1 166 ? 19.981  11.701  0.006   1.00 25.45 ? 325  VAL A CB  1 
ATOM   1273 C  CG1 . VAL A 1 166 ? 21.314  12.362  0.398   1.00 25.04 ? 325  VAL A CG1 1 
ATOM   1274 C  CG2 . VAL A 1 166 ? 18.795  12.510  0.537   1.00 25.17 ? 325  VAL A CG2 1 
ATOM   1275 N  N   . LYS A 1 167 ? 21.911  11.216  -2.827  1.00 25.88 ? 326  LYS A N   1 
ATOM   1276 C  CA  . LYS A 1 167 ? 22.959  10.414  -3.450  1.00 26.30 ? 326  LYS A CA  1 
ATOM   1277 C  C   . LYS A 1 167 ? 24.132  10.149  -2.496  1.00 26.92 ? 326  LYS A C   1 
ATOM   1278 O  O   . LYS A 1 167 ? 24.466  10.983  -1.647  1.00 26.85 ? 326  LYS A O   1 
ATOM   1279 C  CB  . LYS A 1 167 ? 23.456  11.073  -4.740  1.00 26.13 ? 326  LYS A CB  1 
ATOM   1280 C  CG  . LYS A 1 167 ? 22.364  11.421  -5.739  1.00 25.85 ? 326  LYS A CG  1 
ATOM   1281 C  CD  . LYS A 1 167 ? 21.458  10.236  -6.069  1.00 25.44 ? 326  LYS A CD  1 
ATOM   1282 C  CE  . LYS A 1 167 ? 20.377  10.629  -7.076  1.00 25.33 ? 326  LYS A CE  1 
ATOM   1283 N  NZ  . LYS A 1 167 ? 19.387  11.590  -6.510  1.00 23.46 ? 326  LYS A NZ  1 
ATOM   1284 N  N   . GLY A 1 168 ? 24.740  8.973   -2.649  1.00 27.61 ? 327  GLY A N   1 
ATOM   1285 C  CA  . GLY A 1 168 ? 25.844  8.539   -1.803  1.00 28.34 ? 327  GLY A CA  1 
ATOM   1286 C  C   . GLY A 1 168 ? 25.851  7.028   -1.636  1.00 29.07 ? 327  GLY A C   1 
ATOM   1287 O  O   . GLY A 1 168 ? 24.878  6.442   -1.139  1.00 30.14 ? 327  GLY A O   1 
HETATM 1288 CA CA  . CA  B 2 .   ? -10.400 -16.415 -3.669  1.00 19.29 ? 1328 CA  A CA  1 
HETATM 1289 CA CA  . CA  C 2 .   ? 22.944  5.905   -8.094  1.00 22.18 ? 1329 CA  A CA  1 
HETATM 1290 O  O   . HOH D 3 .   ? 21.470  7.488   -8.865  1.00 20.19 ? 2001 HOH A O   1 
HETATM 1291 O  O   . HOH D 3 .   ? 24.577  7.726   -7.062  1.00 24.91 ? 2002 HOH A O   1 
HETATM 1292 O  O   . HOH D 3 .   ? 11.923  15.256  -2.375  1.00 19.30 ? 2003 HOH A O   1 
HETATM 1293 O  O   . HOH D 3 .   ? 14.570  8.179   4.083   1.00 23.82 ? 2004 HOH A O   1 
HETATM 1294 O  O   . HOH D 3 .   ? 16.355  6.461   3.260   1.00 25.78 ? 2005 HOH A O   1 
HETATM 1295 O  O   . HOH D 3 .   ? 8.037   9.133   6.823   1.00 24.77 ? 2006 HOH A O   1 
HETATM 1296 O  O   . HOH D 3 .   ? 8.688   8.900   9.495   1.00 19.17 ? 2007 HOH A O   1 
HETATM 1297 O  O   . HOH D 3 .   ? 11.273  -3.662  6.609   1.00 38.50 ? 2008 HOH A O   1 
HETATM 1298 O  O   . HOH D 3 .   ? 5.739   2.317   10.922  1.00 24.30 ? 2009 HOH A O   1 
HETATM 1299 O  O   . HOH D 3 .   ? 9.404   3.310   9.373   1.00 25.46 ? 2010 HOH A O   1 
HETATM 1300 O  O   . HOH D 3 .   ? 2.315   -4.545  14.173  1.00 23.58 ? 2011 HOH A O   1 
HETATM 1301 O  O   . HOH D 3 .   ? 1.181   -3.028  6.128   1.00 17.89 ? 2012 HOH A O   1 
HETATM 1302 O  O   . HOH D 3 .   ? 0.493   -1.174  9.161   1.00 16.33 ? 2013 HOH A O   1 
HETATM 1303 O  O   . HOH D 3 .   ? 2.405   -1.198  11.096  1.00 22.77 ? 2014 HOH A O   1 
HETATM 1304 O  O   . HOH D 3 .   ? -0.702  -7.392  11.929  1.00 19.51 ? 2015 HOH A O   1 
HETATM 1305 O  O   . HOH D 3 .   ? -2.395  -1.832  9.096   1.00 18.34 ? 2016 HOH A O   1 
HETATM 1306 O  O   . HOH D 3 .   ? -3.676  -0.530  7.091   1.00 11.51 ? 2017 HOH A O   1 
HETATM 1307 O  O   . HOH D 3 .   ? -8.877  -11.128 0.986   1.00 18.85 ? 2018 HOH A O   1 
HETATM 1308 O  O   . HOH D 3 .   ? -16.897 -3.164  -3.042  1.00 17.73 ? 2019 HOH A O   1 
HETATM 1309 O  O   . HOH D 3 .   ? -13.266 0.680   3.174   1.00 17.10 ? 2020 HOH A O   1 
HETATM 1310 O  O   . HOH D 3 .   ? -18.312 0.241   -2.584  1.00 37.90 ? 2021 HOH A O   1 
HETATM 1311 O  O   . HOH D 3 .   ? -19.068 -1.431  0.288   1.00 26.05 ? 2022 HOH A O   1 
HETATM 1312 O  O   . HOH D 3 .   ? -12.674 2.176   -3.987  1.00 27.09 ? 2023 HOH A O   1 
HETATM 1313 O  O   . HOH D 3 .   ? -15.103 8.658   -1.442  1.00 34.01 ? 2024 HOH A O   1 
HETATM 1314 O  O   . HOH D 3 .   ? -10.531 5.461   -6.257  1.00 19.81 ? 2025 HOH A O   1 
HETATM 1315 O  O   . HOH D 3 .   ? -13.631 10.308  4.214   1.00 22.51 ? 2026 HOH A O   1 
HETATM 1316 O  O   . HOH D 3 .   ? -16.592 8.094   2.870   1.00 29.57 ? 2027 HOH A O   1 
HETATM 1317 O  O   . HOH D 3 .   ? -15.804 0.182   2.981   1.00 20.74 ? 2028 HOH A O   1 
HETATM 1318 O  O   . HOH D 3 .   ? -13.936 10.861  -0.274  1.00 29.08 ? 2029 HOH A O   1 
HETATM 1319 O  O   . HOH D 3 .   ? -10.834 10.377  11.053  1.00 27.84 ? 2030 HOH A O   1 
HETATM 1320 O  O   . HOH D 3 .   ? -5.262  13.802  10.930  1.00 19.85 ? 2031 HOH A O   1 
HETATM 1321 O  O   . HOH D 3 .   ? -7.056  8.333   13.468  1.00 18.90 ? 2032 HOH A O   1 
HETATM 1322 O  O   . HOH D 3 .   ? -12.356 -0.035  12.056  1.00 38.12 ? 2033 HOH A O   1 
HETATM 1323 O  O   . HOH D 3 .   ? -4.818  6.031   13.365  1.00 23.24 ? 2034 HOH A O   1 
HETATM 1324 O  O   . HOH D 3 .   ? -4.716  6.410   10.629  1.00 21.73 ? 2035 HOH A O   1 
HETATM 1325 O  O   . HOH D 3 .   ? 3.121   15.905  7.539   1.00 28.29 ? 2036 HOH A O   1 
HETATM 1326 O  O   . HOH D 3 .   ? 3.441   13.240  9.308   1.00 19.14 ? 2037 HOH A O   1 
HETATM 1327 O  O   . HOH D 3 .   ? 5.520   10.007  7.417   1.00 17.22 ? 2038 HOH A O   1 
HETATM 1328 O  O   . HOH D 3 .   ? 7.001   18.510  5.688   1.00 31.25 ? 2039 HOH A O   1 
HETATM 1329 O  O   . HOH D 3 .   ? 8.968   13.950  2.648   1.00 19.33 ? 2040 HOH A O   1 
HETATM 1330 O  O   . HOH D 3 .   ? 6.789   22.442  -1.199  1.00 40.15 ? 2041 HOH A O   1 
HETATM 1331 O  O   . HOH D 3 .   ? 7.252   25.103  -8.224  1.00 43.86 ? 2042 HOH A O   1 
HETATM 1332 O  O   . HOH D 3 .   ? 14.623  17.801  -5.692  1.00 22.15 ? 2043 HOH A O   1 
HETATM 1333 O  O   . HOH D 3 .   ? 1.352   23.434  -11.109 1.00 34.12 ? 2044 HOH A O   1 
HETATM 1334 O  O   . HOH D 3 .   ? 3.686   24.298  -11.864 1.00 50.74 ? 2045 HOH A O   1 
HETATM 1335 O  O   . HOH D 3 .   ? 1.410   18.332  -13.595 1.00 35.10 ? 2046 HOH A O   1 
HETATM 1336 O  O   . HOH D 3 .   ? 5.298   18.542  -14.921 1.00 23.74 ? 2047 HOH A O   1 
HETATM 1337 O  O   . HOH D 3 .   ? 0.096   19.253  -9.945  1.00 45.65 ? 2048 HOH A O   1 
HETATM 1338 O  O   . HOH D 3 .   ? 4.908   15.186  -8.420  1.00 18.58 ? 2049 HOH A O   1 
HETATM 1339 O  O   . HOH D 3 .   ? 13.586  -4.158  1.916   1.00 26.83 ? 2050 HOH A O   1 
HETATM 1340 O  O   . HOH D 3 .   ? 15.110  -10.416 0.876   1.00 14.73 ? 2051 HOH A O   1 
HETATM 1341 O  O   . HOH D 3 .   ? 5.844   -12.628 7.391   1.00 28.48 ? 2052 HOH A O   1 
HETATM 1342 O  O   . HOH D 3 .   ? 3.645   -15.139 -0.894  1.00 14.72 ? 2053 HOH A O   1 
HETATM 1343 O  O   . HOH D 3 .   ? 4.010   -11.910 -1.619  1.00 17.01 ? 2054 HOH A O   1 
HETATM 1344 O  O   . HOH D 3 .   ? -0.592  -11.811 6.092   1.00 18.99 ? 2055 HOH A O   1 
HETATM 1345 O  O   . HOH D 3 .   ? 1.057   -14.891 10.094  1.00 33.71 ? 2056 HOH A O   1 
HETATM 1346 O  O   . HOH D 3 .   ? -4.085  -19.641 1.514   1.00 19.61 ? 2057 HOH A O   1 
HETATM 1347 O  O   . HOH D 3 .   ? 0.884   -24.039 -2.077  1.00 30.86 ? 2058 HOH A O   1 
HETATM 1348 O  O   . HOH D 3 .   ? -3.044  -15.403 12.091  1.00 20.50 ? 2059 HOH A O   1 
HETATM 1349 O  O   . HOH D 3 .   ? -10.463 -15.956 12.086  1.00 28.23 ? 2060 HOH A O   1 
HETATM 1350 O  O   . HOH D 3 .   ? -10.712 -21.501 7.630   1.00 21.39 ? 2061 HOH A O   1 
HETATM 1351 O  O   . HOH D 3 .   ? 0.778   -0.360  6.335   1.00 20.55 ? 2062 HOH A O   1 
HETATM 1352 O  O   . HOH D 3 .   ? 0.380   -9.872  12.025  1.00 24.71 ? 2063 HOH A O   1 
HETATM 1353 O  O   . HOH D 3 .   ? -4.704  -23.173 7.726   1.00 41.67 ? 2064 HOH A O   1 
HETATM 1354 O  O   . HOH D 3 .   ? -19.794 -2.027  3.722   1.00 35.28 ? 2065 HOH A O   1 
HETATM 1355 O  O   . HOH D 3 .   ? -17.529 -1.076  4.917   1.00 30.17 ? 2066 HOH A O   1 
HETATM 1356 O  O   . HOH D 3 .   ? -9.683  -23.923 0.433   1.00 18.61 ? 2067 HOH A O   1 
HETATM 1357 O  O   . HOH D 3 .   ? -8.912  -16.068 -5.499  1.00 19.87 ? 2068 HOH A O   1 
HETATM 1358 O  O   . HOH D 3 .   ? -6.584  -19.396 -7.707  1.00 29.26 ? 2069 HOH A O   1 
HETATM 1359 O  O   . HOH D 3 .   ? -7.366  -12.374 -8.737  1.00 31.64 ? 2070 HOH A O   1 
HETATM 1360 O  O   . HOH D 3 .   ? 5.491   16.183  5.761   1.00 27.48 ? 2071 HOH A O   1 
HETATM 1361 O  O   . HOH D 3 .   ? -6.165  -9.418  -7.720  1.00 26.32 ? 2072 HOH A O   1 
HETATM 1362 O  O   . HOH D 3 .   ? 10.881  16.018  3.125   1.00 30.48 ? 2073 HOH A O   1 
HETATM 1363 O  O   . HOH D 3 .   ? -6.015  -8.753  -10.641 1.00 33.34 ? 2074 HOH A O   1 
HETATM 1364 O  O   . HOH D 3 .   ? 5.967   25.115  -5.812  1.00 35.91 ? 2075 HOH A O   1 
HETATM 1365 O  O   . HOH D 3 .   ? -0.861  16.628  -13.191 1.00 30.98 ? 2076 HOH A O   1 
HETATM 1366 O  O   . HOH D 3 .   ? 3.265   -11.640 6.147   1.00 27.22 ? 2077 HOH A O   1 
HETATM 1367 O  O   . HOH D 3 .   ? 1.073   -12.630 8.337   1.00 17.64 ? 2078 HOH A O   1 
HETATM 1368 O  O   . HOH D 3 .   ? -5.215  22.889  2.015   1.00 23.25 ? 2079 HOH A O   1 
HETATM 1369 O  O   . HOH D 3 .   ? -4.645  21.109  -0.096  1.00 21.82 ? 2080 HOH A O   1 
HETATM 1370 O  O   . HOH D 3 .   ? -1.853  18.342  9.718   1.00 23.45 ? 2081 HOH A O   1 
HETATM 1371 O  O   . HOH D 3 .   ? 0.576   20.638  4.856   1.00 21.13 ? 2082 HOH A O   1 
HETATM 1372 O  O   . HOH D 3 .   ? -1.069  21.367  7.953   1.00 29.55 ? 2083 HOH A O   1 
HETATM 1373 O  O   . HOH D 3 .   ? -5.120  15.745  8.825   1.00 23.97 ? 2084 HOH A O   1 
HETATM 1374 O  O   . HOH D 3 .   ? -9.436  18.334  7.944   1.00 25.58 ? 2085 HOH A O   1 
HETATM 1375 O  O   . HOH D 3 .   ? -8.356  21.454  4.744   1.00 38.84 ? 2086 HOH A O   1 
HETATM 1376 O  O   . HOH D 3 .   ? -10.415 16.038  5.143   1.00 30.25 ? 2087 HOH A O   1 
HETATM 1377 O  O   . HOH D 3 .   ? -11.201 18.223  1.795   1.00 31.93 ? 2088 HOH A O   1 
HETATM 1378 O  O   . HOH D 3 .   ? -12.286 16.481  -4.476  1.00 35.96 ? 2089 HOH A O   1 
HETATM 1379 O  O   . HOH D 3 .   ? -11.017 17.050  -0.535  1.00 25.91 ? 2090 HOH A O   1 
HETATM 1380 O  O   . HOH D 3 .   ? -7.282  15.709  -1.396  1.00 17.74 ? 2091 HOH A O   1 
HETATM 1381 O  O   . HOH D 3 .   ? -3.427  21.063  10.379  1.00 34.73 ? 2092 HOH A O   1 
HETATM 1382 O  O   . HOH D 3 .   ? -11.421 9.962   -2.080  1.00 18.54 ? 2093 HOH A O   1 
HETATM 1383 O  O   . HOH D 3 .   ? -8.468  17.950  -2.684  1.00 40.71 ? 2094 HOH A O   1 
HETATM 1384 O  O   . HOH D 3 .   ? -3.386  5.783   -10.752 1.00 26.96 ? 2095 HOH A O   1 
HETATM 1385 O  O   . HOH D 3 .   ? -8.466  -2.024  -7.464  1.00 37.10 ? 2096 HOH A O   1 
HETATM 1386 O  O   . HOH D 3 .   ? -8.493  7.338   -8.054  1.00 29.38 ? 2097 HOH A O   1 
HETATM 1387 O  O   . HOH D 3 .   ? -10.419 0.754   -4.380  1.00 24.69 ? 2098 HOH A O   1 
HETATM 1388 O  O   . HOH D 3 .   ? -0.916  11.621  -9.254  1.00 21.11 ? 2099 HOH A O   1 
HETATM 1389 O  O   . HOH D 3 .   ? -2.955  -2.161  -11.736 1.00 22.19 ? 2100 HOH A O   1 
HETATM 1390 O  O   . HOH D 3 .   ? 4.009   -4.031  -10.360 1.00 24.11 ? 2101 HOH A O   1 
HETATM 1391 O  O   . HOH D 3 .   ? 1.330   -6.142  -13.500 1.00 37.04 ? 2102 HOH A O   1 
HETATM 1392 O  O   . HOH D 3 .   ? -1.300  -3.198  -7.241  1.00 11.73 ? 2103 HOH A O   1 
HETATM 1393 O  O   . HOH D 3 .   ? -0.729  -7.909  -12.245 1.00 24.86 ? 2104 HOH A O   1 
HETATM 1394 O  O   . HOH D 3 .   ? -0.922  -14.910 -9.233  1.00 29.72 ? 2105 HOH A O   1 
HETATM 1395 O  O   . HOH D 3 .   ? 4.141   -11.777 10.922  1.00 32.98 ? 2106 HOH A O   1 
HETATM 1396 O  O   . HOH D 3 .   ? 7.802   3.269   -14.211 1.00 33.99 ? 2107 HOH A O   1 
HETATM 1397 O  O   . HOH D 3 .   ? 0.177   -17.846 -5.322  1.00 30.32 ? 2108 HOH A O   1 
HETATM 1398 O  O   . HOH D 3 .   ? -3.186  -23.259 -3.602  1.00 25.97 ? 2109 HOH A O   1 
HETATM 1399 O  O   . HOH D 3 .   ? 1.099   -21.419 -2.712  1.00 21.40 ? 2110 HOH A O   1 
HETATM 1400 O  O   . HOH D 3 .   ? -2.268  -21.535 -5.374  1.00 19.90 ? 2111 HOH A O   1 
HETATM 1401 O  O   . HOH D 3 .   ? 2.561   -15.251 -3.300  1.00 24.14 ? 2112 HOH A O   1 
HETATM 1402 O  O   . HOH D 3 .   ? 4.172   -22.548 2.788   1.00 28.65 ? 2113 HOH A O   1 
HETATM 1403 O  O   . HOH D 3 .   ? 3.318   -19.944 5.203   1.00 39.00 ? 2114 HOH A O   1 
HETATM 1404 O  O   . HOH D 3 .   ? 6.383   -13.028 -0.015  1.00 11.49 ? 2115 HOH A O   1 
HETATM 1405 O  O   . HOH D 3 .   ? 15.468  -14.820 0.703   1.00 26.34 ? 2116 HOH A O   1 
HETATM 1406 O  O   . HOH D 3 .   ? 12.506  -10.900 -2.795  1.00 20.04 ? 2117 HOH A O   1 
HETATM 1407 O  O   . HOH D 3 .   ? 9.978   -15.061 4.283   1.00 34.38 ? 2118 HOH A O   1 
HETATM 1408 O  O   . HOH D 3 .   ? 16.329  -14.231 3.122   1.00 9.90  ? 2119 HOH A O   1 
HETATM 1409 O  O   . HOH D 3 .   ? 15.225  -15.142 5.380   1.00 28.71 ? 2120 HOH A O   1 
HETATM 1410 O  O   . HOH D 3 .   ? -19.664 -20.144 0.575   1.00 23.02 ? 2121 HOH A O   1 
HETATM 1411 O  O   . HOH D 3 .   ? 11.124  -15.568 -6.377  1.00 21.48 ? 2122 HOH A O   1 
HETATM 1412 O  O   . HOH D 3 .   ? -17.085 -20.312 0.804   1.00 26.82 ? 2123 HOH A O   1 
HETATM 1413 O  O   . HOH D 3 .   ? 8.519   -19.076 -4.819  1.00 14.10 ? 2124 HOH A O   1 
HETATM 1414 O  O   . HOH D 3 .   ? 5.770   -16.842 -0.924  1.00 18.45 ? 2125 HOH A O   1 
HETATM 1415 O  O   . HOH D 3 .   ? -15.925 -21.787 2.896   1.00 24.62 ? 2126 HOH A O   1 
HETATM 1416 O  O   . HOH D 3 .   ? 10.690  -11.106 -4.995  1.00 20.41 ? 2127 HOH A O   1 
HETATM 1417 O  O   . HOH D 3 .   ? -15.803 -9.276  12.837  1.00 40.41 ? 2128 HOH A O   1 
HETATM 1418 O  O   . HOH D 3 .   ? 5.669   -7.884  -7.941  1.00 25.88 ? 2129 HOH A O   1 
HETATM 1419 O  O   . HOH D 3 .   ? 9.038   -7.687  -6.182  1.00 22.14 ? 2130 HOH A O   1 
HETATM 1420 O  O   . HOH D 3 .   ? 1.821   -10.662 10.074  1.00 22.77 ? 2131 HOH A O   1 
HETATM 1421 O  O   . HOH D 3 .   ? 4.972   2.545   -12.371 1.00 37.72 ? 2132 HOH A O   1 
HETATM 1422 O  O   . HOH D 3 .   ? 10.733  10.390  -14.424 1.00 22.55 ? 2133 HOH A O   1 
HETATM 1423 O  O   . HOH D 3 .   ? 1.247   4.141   -12.160 1.00 20.57 ? 2134 HOH A O   1 
HETATM 1424 O  O   . HOH D 3 .   ? 1.378   9.966   -12.316 1.00 23.74 ? 2135 HOH A O   1 
HETATM 1425 O  O   . HOH D 3 .   ? -1.531  16.791  -6.173  1.00 24.42 ? 2136 HOH A O   1 
HETATM 1426 O  O   . HOH D 3 .   ? -0.084  19.836  -0.637  1.00 20.05 ? 2137 HOH A O   1 
HETATM 1427 O  O   . HOH D 3 .   ? 1.754   21.397  2.428   1.00 20.28 ? 2138 HOH A O   1 
HETATM 1428 O  O   . HOH D 3 .   ? -1.669  1.252   6.033   1.00 15.36 ? 2139 HOH A O   1 
HETATM 1429 O  O   . HOH D 3 .   ? -6.895  -9.684  -0.552  1.00 18.85 ? 2140 HOH A O   1 
HETATM 1430 O  O   . HOH D 3 .   ? -12.116 -6.298  -7.723  1.00 26.00 ? 2141 HOH A O   1 
HETATM 1431 O  O   . HOH D 3 .   ? -12.842 -6.410  -3.544  1.00 18.81 ? 2142 HOH A O   1 
HETATM 1432 O  O   . HOH D 3 .   ? -21.651 -18.272 -0.454  1.00 23.78 ? 2143 HOH A O   1 
HETATM 1433 O  O   . HOH D 3 .   ? -10.074 -20.462 -2.861  1.00 12.56 ? 2144 HOH A O   1 
HETATM 1434 O  O   . HOH D 3 .   ? -14.894 -20.611 -0.436  1.00 22.51 ? 2145 HOH A O   1 
HETATM 1435 O  O   . HOH D 3 .   ? -13.379 -19.041 -4.558  1.00 19.61 ? 2146 HOH A O   1 
HETATM 1436 O  O   . HOH D 3 .   ? -20.309 -19.679 3.110   1.00 19.67 ? 2147 HOH A O   1 
HETATM 1437 O  O   . HOH D 3 .   ? -13.336 -21.592 1.473   1.00 23.11 ? 2148 HOH A O   1 
HETATM 1438 O  O   . HOH D 3 .   ? -10.674 -13.098 11.192  1.00 40.14 ? 2149 HOH A O   1 
HETATM 1439 O  O   . HOH D 3 .   ? -14.572 -9.121  10.470  1.00 25.29 ? 2150 HOH A O   1 
HETATM 1440 O  O   . HOH D 3 .   ? -13.204 -16.475 11.668  1.00 37.48 ? 2151 HOH A O   1 
HETATM 1441 O  O   . HOH D 3 .   ? -17.099 -8.818  4.072   1.00 27.51 ? 2152 HOH A O   1 
HETATM 1442 O  O   . HOH D 3 .   ? -16.459 -2.238  7.413   1.00 31.17 ? 2153 HOH A O   1 
HETATM 1443 O  O   . HOH D 3 .   ? -13.735 -4.151  9.729   1.00 21.39 ? 2154 HOH A O   1 
HETATM 1444 O  O   . HOH D 3 .   ? -3.378  -1.969  11.603  1.00 29.70 ? 2155 HOH A O   1 
HETATM 1445 O  O   . HOH D 3 .   ? -8.277  -9.348  10.072  1.00 15.03 ? 2156 HOH A O   1 
HETATM 1446 O  O   . HOH D 3 .   ? -8.374  -6.911  11.754  1.00 28.69 ? 2157 HOH A O   1 
HETATM 1447 O  O   . HOH D 3 .   ? -4.899  -9.637  1.304   1.00 15.85 ? 2158 HOH A O   1 
HETATM 1448 O  O   . HOH D 3 .   ? 2.437   -8.351  8.853   1.00 16.96 ? 2159 HOH A O   1 
HETATM 1449 O  O   . HOH D 3 .   ? 1.256   -10.162 4.990   1.00 12.82 ? 2160 HOH A O   1 
HETATM 1450 O  O   . HOH D 3 .   ? 12.471  -2.433  0.260   1.00 27.16 ? 2161 HOH A O   1 
HETATM 1451 O  O   . HOH D 3 .   ? 15.363  -0.235  -6.022  1.00 25.93 ? 2162 HOH A O   1 
HETATM 1452 O  O   . HOH D 3 .   ? 18.229  4.804   -6.872  1.00 18.01 ? 2163 HOH A O   1 
HETATM 1453 O  O   . HOH D 3 .   ? 10.789  4.347   -7.017  1.00 32.44 ? 2164 HOH A O   1 
HETATM 1454 O  O   . HOH D 3 .   ? 13.367  9.506   -12.816 1.00 25.24 ? 2165 HOH A O   1 
HETATM 1455 O  O   . HOH D 3 .   ? 10.407  8.602   -12.490 1.00 30.56 ? 2166 HOH A O   1 
HETATM 1456 O  O   . HOH D 3 .   ? 19.366  7.332   -6.796  1.00 19.78 ? 2167 HOH A O   1 
HETATM 1457 O  O   . HOH D 3 .   ? 17.389  9.233   0.009   1.00 22.59 ? 2168 HOH A O   1 
HETATM 1458 O  O   . HOH D 3 .   ? 27.117  8.333   -4.834  1.00 56.67 ? 2169 HOH A O   1 
# 
